data_2PZI
#
_entry.id   2PZI
#
_cell.length_a   122.553
_cell.length_b   122.553
_cell.length_c   243.749
_cell.angle_alpha   90.00
_cell.angle_beta   90.00
_cell.angle_gamma   120.00
#
_symmetry.space_group_name_H-M   'P 65'
#
loop_
_entity.id
_entity.type
_entity.pdbx_description
1 polymer 'Probable serine/threonine-protein kinase pknG'
2 non-polymer 'CHLORIDE ION'
3 non-polymer 'CADMIUM ION'
4 non-polymer 2-[(CYCLOPROPYLCARBONYL)AMINO]-4,5,6,7-TETRAHYDRO-1-BENZOTHIOPHENE-3-CARBOXAMIDE
5 non-polymer GLYCEROL
6 water water
#
_entity_poly.entity_id   1
_entity_poly.type   'polypeptide(L)'
_entity_poly.pdbx_seq_one_letter_code
;GSHMLGGGLVEIPRAPDIDPLEALMTNPVVPESKRFCWNCGRPVGRSDSETKGASEGWCPYCGSPYSFLPQLNPGDIVAG
QYEVKGCIAHGGLGWIYLALDRNVNGRPVVLKGLVHSGDAEAQAMAMAERQFLAEVVHPSIVQIFNFVEHTDRHGDPVGY
IVMEYVGGQSLKRSKGQKLPVAEAIAYLLEILPALSYLHSIGLVYNDLKPENIMLTEEQLKLIDLGAVSRINSFGYLYGT
PGFQAPEIVRTGPTVATDIYTVGRTLAALTLDLPTRNGRYVDGLPEDDPVLKTYDSYGRLLRRAIDPDPRQRFTTAEEMS
AQLTGVLREVVAQDTGVPRPGLSTIFSPSRSTFGVDLLVAHTDVYLDGQVHAEKLTANEIVTALSVPLVDPTDVAASVLQ
ATVLSQPVQTLDSLRAARHGALDADGVDFSESVELPLMEVRALLDLGDVAKATRKLDDLAERVGWRWRLVWYRAVAELLT
GDYDSATKHFTEVLDTFPGELAPKLALAATAELAGNTDEHKFYQTVWSTNDGVISAAFGLARARSAEGDRVGAVRTLDEV
PPTSRHFTTARLTSAVTLLSGRSTSEVTEEQIRDAARRVEALPPTEPRVLQIRALVLGGALDWLKDNKASTNHILGFPFT
SHGLRLGVEASLRSLARVAPTQRHRYTLVDMANKVRPTSTF
;
_entity_poly.pdbx_strand_id   A,B
#
loop_
_chem_comp.id
_chem_comp.type
_chem_comp.name
_chem_comp.formula
AXX non-polymer 2-[(CYCLOPROPYLCARBONYL)AMINO]-4,5,6,7-TETRAHYDRO-1-BENZOTHIOPHENE-3-CARBOXAMIDE 'C13 H16 N2 O2 S'
CD non-polymer 'CADMIUM ION' 'Cd 2'
CL non-polymer 'CHLORIDE ION' 'Cl -1'
GOL non-polymer GLYCEROL 'C3 H8 O3'
#
# COMPACT_ATOMS: atom_id res chain seq x y z
N GLY A 1 -9.69 -39.49 -2.88
CA GLY A 1 -9.93 -38.03 -2.71
C GLY A 1 -10.56 -37.39 -3.94
N SER A 2 -10.91 -36.10 -3.83
CA SER A 2 -11.51 -35.36 -4.93
C SER A 2 -10.52 -34.34 -5.44
N HIS A 3 -10.59 -34.05 -6.74
CA HIS A 3 -9.87 -32.91 -7.31
C HIS A 3 -10.48 -31.67 -6.67
N MET A 4 -9.60 -30.77 -6.22
CA MET A 4 -10.00 -29.52 -5.61
C MET A 4 -9.72 -28.40 -6.59
N LEU A 5 -10.64 -28.22 -7.52
CA LEU A 5 -10.42 -27.29 -8.61
C LEU A 5 -11.02 -25.91 -8.31
N GLY A 6 -10.54 -24.91 -9.04
CA GLY A 6 -10.97 -23.53 -8.86
C GLY A 6 -10.64 -22.98 -7.49
N GLY A 7 -9.48 -23.36 -6.96
CA GLY A 7 -9.10 -22.98 -5.61
C GLY A 7 -10.10 -23.54 -4.63
N GLY A 8 -10.60 -24.74 -4.92
CA GLY A 8 -11.57 -25.43 -4.07
C GLY A 8 -13.02 -25.00 -4.22
N LEU A 9 -13.36 -24.35 -5.33
CA LEU A 9 -14.76 -23.98 -5.56
C LEU A 9 -15.50 -25.11 -6.27
N VAL A 10 -14.72 -26.01 -6.89
CA VAL A 10 -15.25 -27.11 -7.69
C VAL A 10 -14.57 -28.43 -7.33
N GLU A 11 -15.35 -29.33 -6.77
CA GLU A 11 -14.85 -30.64 -6.39
C GLU A 11 -15.27 -31.70 -7.40
N ILE A 12 -14.29 -32.43 -7.92
CA ILE A 12 -14.52 -33.42 -8.97
C ILE A 12 -13.94 -34.75 -8.49
N PRO A 13 -14.74 -35.83 -8.51
CA PRO A 13 -14.26 -37.09 -7.91
C PRO A 13 -13.12 -37.67 -8.74
N ARG A 14 -12.06 -38.11 -8.08
CA ARG A 14 -10.93 -38.73 -8.76
C ARG A 14 -11.30 -40.13 -9.25
N ALA A 15 -10.92 -40.42 -10.49
CA ALA A 15 -11.05 -41.72 -11.08
C ALA A 15 -9.65 -42.24 -11.36
N PRO A 16 -9.43 -43.56 -11.16
CA PRO A 16 -8.09 -44.16 -11.06
C PRO A 16 -7.13 -43.97 -12.25
N ASP A 17 -7.62 -44.05 -13.48
CA ASP A 17 -6.75 -43.94 -14.68
C ASP A 17 -6.68 -45.27 -15.40
N ILE A 18 -6.77 -45.19 -16.72
CA ILE A 18 -6.83 -46.36 -17.58
C ILE A 18 -5.44 -46.95 -17.81
N ASP A 19 -5.33 -48.25 -17.56
CA ASP A 19 -4.12 -49.01 -17.71
C ASP A 19 -3.91 -49.20 -19.19
N PRO A 20 -2.64 -49.11 -19.65
CA PRO A 20 -2.32 -49.41 -21.05
C PRO A 20 -3.15 -50.56 -21.66
N LEU A 21 -3.09 -51.76 -21.08
CA LEU A 21 -3.83 -52.92 -21.56
C LEU A 21 -5.33 -52.65 -21.77
N GLU A 22 -5.98 -52.00 -20.81
CA GLU A 22 -7.40 -51.67 -20.97
C GLU A 22 -7.65 -50.60 -22.05
N ALA A 23 -6.69 -49.70 -22.25
CA ALA A 23 -6.81 -48.68 -23.28
C ALA A 23 -6.81 -49.23 -24.71
N LEU A 24 -6.19 -50.40 -24.93
CA LEU A 24 -6.06 -50.92 -26.30
C LEU A 24 -7.42 -51.24 -26.91
N MET A 25 -7.60 -50.82 -28.15
CA MET A 25 -8.82 -51.09 -28.87
C MET A 25 -8.66 -52.41 -29.59
N THR A 26 -9.65 -53.29 -29.40
CA THR A 26 -9.71 -54.63 -30.02
C THR A 26 -9.68 -54.56 -31.56
N ASN A 27 -10.59 -53.75 -32.09
CA ASN A 27 -10.79 -53.65 -33.52
C ASN A 27 -10.92 -52.16 -33.84
N PRO A 28 -9.77 -51.47 -33.97
CA PRO A 28 -9.74 -50.05 -34.30
C PRO A 28 -10.28 -49.82 -35.70
N VAL A 29 -11.40 -49.11 -35.77
CA VAL A 29 -12.07 -48.83 -37.02
C VAL A 29 -12.77 -47.47 -36.86
N VAL A 30 -12.71 -46.64 -37.90
CA VAL A 30 -13.53 -45.43 -37.92
C VAL A 30 -14.79 -45.81 -38.68
N PRO A 31 -15.95 -45.79 -38.00
CA PRO A 31 -17.19 -46.10 -38.70
C PRO A 31 -17.51 -45.01 -39.74
N GLU A 32 -18.18 -45.39 -40.83
CA GLU A 32 -18.54 -44.47 -41.89
C GLU A 32 -19.06 -43.14 -41.35
N SER A 33 -20.02 -43.24 -40.41
CA SER A 33 -20.67 -42.11 -39.73
C SER A 33 -19.70 -41.04 -39.27
N LYS A 34 -18.46 -41.44 -38.96
CA LYS A 34 -17.45 -40.58 -38.31
C LYS A 34 -16.28 -40.20 -39.21
N ARG A 35 -16.38 -40.56 -40.49
CA ARG A 35 -15.32 -40.24 -41.44
C ARG A 35 -15.42 -38.82 -42.00
N PHE A 36 -14.43 -37.98 -41.68
CA PHE A 36 -14.41 -36.59 -42.13
C PHE A 36 -13.03 -36.17 -42.61
N CYS A 37 -12.97 -35.25 -43.58
CA CYS A 37 -11.67 -34.77 -44.07
C CYS A 37 -11.06 -33.90 -42.99
N TRP A 38 -9.83 -34.22 -42.61
CA TRP A 38 -9.11 -33.52 -41.55
C TRP A 38 -8.87 -32.08 -41.95
N ASN A 39 -8.84 -31.84 -43.25
CA ASN A 39 -8.46 -30.52 -43.76
C ASN A 39 -9.62 -29.55 -43.95
N CYS A 40 -10.69 -30.00 -44.60
CA CYS A 40 -11.85 -29.16 -44.92
C CYS A 40 -13.07 -29.53 -44.10
N GLY A 41 -13.00 -30.65 -43.39
CA GLY A 41 -14.01 -30.99 -42.40
C GLY A 41 -15.19 -31.75 -42.94
N ARG A 42 -15.26 -31.87 -44.26
CA ARG A 42 -16.42 -32.48 -44.92
C ARG A 42 -16.43 -34.02 -44.85
N PRO A 43 -17.65 -34.62 -44.95
CA PRO A 43 -17.79 -36.09 -45.05
C PRO A 43 -16.95 -36.64 -46.20
N VAL A 44 -16.26 -37.74 -45.90
CA VAL A 44 -15.31 -38.32 -46.83
C VAL A 44 -15.40 -39.85 -46.71
N GLY A 45 -15.06 -40.56 -47.77
CA GLY A 45 -15.09 -42.04 -47.80
C GLY A 45 -16.42 -42.66 -47.40
N ARG A 46 -17.49 -42.21 -48.04
CA ARG A 46 -18.85 -42.63 -47.69
C ARG A 46 -19.50 -43.40 -48.84
N SER A 47 -20.41 -44.30 -48.48
CA SER A 47 -21.12 -45.12 -49.45
C SER A 47 -22.40 -44.43 -49.91
N GLY A 53 -17.78 -46.84 -50.56
CA GLY A 53 -17.25 -46.14 -49.37
C GLY A 53 -15.88 -46.60 -48.90
N ALA A 54 -14.85 -45.79 -49.16
CA ALA A 54 -13.46 -46.23 -48.98
C ALA A 54 -12.76 -45.75 -47.70
N SER A 55 -11.79 -46.53 -47.23
CA SER A 55 -11.09 -46.26 -45.96
C SER A 55 -9.89 -45.36 -46.16
N GLU A 56 -9.47 -45.26 -47.42
CA GLU A 56 -8.30 -44.49 -47.82
C GLU A 56 -8.59 -43.96 -49.22
N GLY A 57 -8.11 -42.77 -49.49
CA GLY A 57 -8.30 -42.15 -50.79
C GLY A 57 -7.90 -40.70 -50.69
N TRP A 58 -8.54 -39.88 -51.52
CA TRP A 58 -8.35 -38.45 -51.48
C TRP A 58 -9.71 -37.78 -51.30
N CYS A 59 -9.72 -36.62 -50.65
CA CYS A 59 -10.96 -35.85 -50.57
C CYS A 59 -11.30 -35.23 -51.92
N PRO A 60 -12.51 -35.50 -52.42
CA PRO A 60 -13.01 -34.95 -53.67
C PRO A 60 -13.19 -33.43 -53.63
N TYR A 61 -13.32 -32.89 -52.42
CA TYR A 61 -13.53 -31.47 -52.24
C TYR A 61 -12.23 -30.63 -52.25
N CYS A 62 -11.22 -31.06 -51.49
CA CYS A 62 -10.00 -30.25 -51.36
C CYS A 62 -8.75 -30.94 -51.88
N GLY A 63 -8.81 -32.25 -52.11
CA GLY A 63 -7.69 -32.98 -52.67
C GLY A 63 -6.74 -33.58 -51.65
N SER A 64 -7.06 -33.40 -50.36
CA SER A 64 -6.22 -33.90 -49.27
C SER A 64 -6.31 -35.41 -49.14
N PRO A 65 -5.15 -36.09 -49.01
CA PRO A 65 -5.12 -37.54 -48.75
C PRO A 65 -5.69 -37.84 -47.38
N TYR A 66 -6.43 -38.92 -47.28
CA TYR A 66 -6.94 -39.39 -45.98
C TYR A 66 -6.74 -40.89 -45.82
N SER A 67 -6.55 -41.32 -44.58
CA SER A 67 -6.55 -42.75 -44.26
C SER A 67 -7.16 -42.97 -42.89
N PHE A 68 -8.06 -43.95 -42.83
CA PHE A 68 -8.71 -44.33 -41.59
C PHE A 68 -8.16 -45.67 -41.06
N LEU A 69 -7.07 -46.11 -41.68
CA LEU A 69 -6.45 -47.38 -41.33
C LEU A 69 -5.20 -47.17 -40.48
N PRO A 70 -5.03 -47.98 -39.43
CA PRO A 70 -3.81 -47.86 -38.62
C PRO A 70 -2.58 -48.02 -39.50
N GLN A 71 -1.55 -47.22 -39.23
CA GLN A 71 -0.32 -47.27 -40.01
C GLN A 71 0.71 -48.16 -39.35
N LEU A 72 0.55 -48.37 -38.05
CA LEU A 72 1.39 -49.27 -37.29
C LEU A 72 0.44 -50.32 -36.77
N ASN A 73 0.91 -51.57 -36.70
CA ASN A 73 0.11 -52.72 -36.30
C ASN A 73 0.67 -53.43 -35.10
N PRO A 74 -0.19 -54.12 -34.32
CA PRO A 74 0.33 -54.87 -33.18
C PRO A 74 1.39 -55.84 -33.65
N GLY A 75 2.52 -55.83 -32.96
CA GLY A 75 3.63 -56.65 -33.41
C GLY A 75 4.77 -55.85 -33.98
N ASP A 76 4.45 -54.68 -34.54
CA ASP A 76 5.47 -53.84 -35.18
C ASP A 76 6.52 -53.41 -34.18
N ILE A 77 7.71 -53.09 -34.68
CA ILE A 77 8.73 -52.45 -33.87
C ILE A 77 9.26 -51.22 -34.63
N VAL A 78 9.01 -50.05 -34.07
CA VAL A 78 9.46 -48.82 -34.69
C VAL A 78 10.89 -48.45 -34.23
N ALA A 79 11.73 -48.05 -35.18
CA ALA A 79 13.04 -47.51 -34.90
C ALA A 79 13.82 -48.45 -33.98
N GLY A 80 13.54 -49.75 -34.13
CA GLY A 80 14.13 -50.82 -33.34
C GLY A 80 14.04 -50.63 -31.85
N GLN A 81 13.02 -49.91 -31.39
CA GLN A 81 12.95 -49.53 -29.98
C GLN A 81 11.54 -49.59 -29.41
N TYR A 82 10.54 -49.33 -30.25
CA TYR A 82 9.15 -49.20 -29.77
C TYR A 82 8.29 -50.36 -30.23
N GLU A 83 7.85 -51.15 -29.28
CA GLU A 83 7.14 -52.39 -29.62
C GLU A 83 5.65 -52.11 -29.57
N VAL A 84 5.01 -52.18 -30.74
CA VAL A 84 3.64 -51.68 -30.92
C VAL A 84 2.62 -52.72 -30.49
N LYS A 85 1.61 -52.27 -29.74
CA LYS A 85 0.60 -53.14 -29.19
C LYS A 85 -0.76 -52.87 -29.82
N GLY A 86 -0.95 -51.64 -30.26
CA GLY A 86 -2.18 -51.26 -30.95
C GLY A 86 -2.56 -49.83 -30.77
N CYS A 87 -3.86 -49.56 -30.96
CA CYS A 87 -4.44 -48.22 -30.95
C CYS A 87 -5.23 -47.98 -29.69
N ILE A 88 -5.10 -46.78 -29.15
CA ILE A 88 -5.83 -46.37 -27.95
C ILE A 88 -6.82 -45.22 -28.21
N ALA A 89 -6.77 -44.65 -29.43
CA ALA A 89 -7.52 -43.45 -29.85
C ALA A 89 -7.26 -43.03 -31.31
N HIS A 90 -8.05 -42.08 -31.78
CA HIS A 90 -7.98 -41.55 -33.15
C HIS A 90 -8.26 -40.05 -33.15
N GLY A 91 -7.68 -39.33 -34.11
CA GLY A 91 -8.02 -37.91 -34.34
C GLY A 91 -7.62 -37.48 -35.74
N GLY A 92 -7.48 -36.17 -35.91
CA GLY A 92 -7.18 -35.57 -37.18
C GLY A 92 -5.92 -36.06 -37.88
N LEU A 93 -4.88 -36.33 -37.10
CA LEU A 93 -3.63 -36.86 -37.64
C LEU A 93 -3.55 -38.39 -37.63
N GLY A 94 -4.69 -39.03 -37.36
CA GLY A 94 -4.82 -40.48 -37.43
C GLY A 94 -4.87 -41.20 -36.08
N TRP A 95 -4.53 -42.49 -36.11
CA TRP A 95 -4.58 -43.34 -34.94
C TRP A 95 -3.49 -43.00 -33.93
N ILE A 96 -3.80 -43.22 -32.66
CA ILE A 96 -2.82 -43.05 -31.61
C ILE A 96 -2.39 -44.43 -31.15
N TYR A 97 -1.09 -44.67 -31.13
CA TYR A 97 -0.55 -45.99 -30.88
C TYR A 97 0.10 -46.13 -29.51
N LEU A 98 -0.14 -47.28 -28.88
CA LEU A 98 0.57 -47.68 -27.67
C LEU A 98 1.77 -48.53 -28.05
N ALA A 99 2.93 -48.18 -27.52
CA ALA A 99 4.09 -49.04 -27.68
C ALA A 99 4.79 -49.24 -26.34
N LEU A 100 5.58 -50.29 -26.25
CA LEU A 100 6.41 -50.49 -25.07
C LEU A 100 7.82 -50.07 -25.43
N ASP A 101 8.39 -49.19 -24.60
CA ASP A 101 9.73 -48.65 -24.80
C ASP A 101 10.86 -49.58 -24.34
N ARG A 102 11.63 -50.11 -25.28
CA ARG A 102 12.71 -51.04 -24.97
C ARG A 102 13.86 -50.43 -24.19
N ASN A 103 14.07 -49.13 -24.36
CA ASN A 103 15.24 -48.48 -23.76
C ASN A 103 15.00 -48.01 -22.34
N VAL A 104 13.79 -48.23 -21.83
CA VAL A 104 13.40 -47.86 -20.46
C VAL A 104 12.46 -48.93 -19.88
N ASN A 105 12.93 -50.16 -19.82
CA ASN A 105 12.21 -51.28 -19.19
C ASN A 105 10.82 -51.57 -19.75
N GLY A 106 10.62 -51.29 -21.04
CA GLY A 106 9.31 -51.43 -21.68
C GLY A 106 8.24 -50.54 -21.10
N ARG A 107 8.60 -49.33 -20.63
CA ARG A 107 7.57 -48.37 -20.20
C ARG A 107 6.60 -48.13 -21.35
N PRO A 108 5.28 -48.00 -21.05
CA PRO A 108 4.34 -47.62 -22.12
C PRO A 108 4.58 -46.21 -22.63
N VAL A 109 4.65 -46.09 -23.96
CA VAL A 109 4.68 -44.78 -24.60
C VAL A 109 3.64 -44.68 -25.70
N VAL A 110 3.41 -43.46 -26.16
CA VAL A 110 2.44 -43.21 -27.20
C VAL A 110 3.12 -42.62 -28.45
N LEU A 111 2.72 -43.13 -29.60
CA LEU A 111 3.20 -42.64 -30.89
C LEU A 111 2.07 -42.01 -31.69
N LYS A 112 2.35 -40.88 -32.31
CA LYS A 112 1.39 -40.26 -33.23
C LYS A 112 2.15 -39.68 -34.42
N GLY A 113 1.54 -39.73 -35.60
CA GLY A 113 2.10 -39.13 -36.81
C GLY A 113 2.31 -37.62 -36.69
N LEU A 114 3.32 -37.11 -37.39
CA LEU A 114 3.61 -35.68 -37.39
C LEU A 114 2.87 -34.94 -38.48
N VAL A 115 2.87 -35.50 -39.69
CA VAL A 115 2.18 -34.85 -40.82
C VAL A 115 1.19 -35.79 -41.53
N HIS A 116 0.36 -35.21 -42.39
CA HIS A 116 -0.66 -35.98 -43.07
C HIS A 116 -0.16 -36.68 -44.30
N SER A 117 0.80 -36.04 -44.95
CA SER A 117 1.47 -36.61 -46.10
C SER A 117 2.82 -35.89 -46.15
N GLY A 118 3.76 -36.47 -46.88
CA GLY A 118 4.97 -35.75 -47.21
C GLY A 118 6.08 -36.65 -47.68
N ASP A 119 6.88 -36.14 -48.61
CA ASP A 119 8.09 -36.81 -49.06
C ASP A 119 9.07 -36.95 -47.90
N ALA A 120 10.14 -37.68 -48.13
CA ALA A 120 11.13 -37.96 -47.08
C ALA A 120 11.67 -36.68 -46.43
N GLU A 121 11.72 -35.60 -47.19
CA GLU A 121 12.26 -34.32 -46.73
C GLU A 121 11.26 -33.62 -45.83
N ALA A 122 10.01 -33.50 -46.30
CA ALA A 122 8.91 -32.98 -45.48
C ALA A 122 8.81 -33.73 -44.15
N GLN A 123 9.12 -35.02 -44.20
CA GLN A 123 9.02 -35.87 -43.05
C GLN A 123 10.15 -35.56 -42.05
N ALA A 124 11.39 -35.50 -42.55
CA ALA A 124 12.57 -35.15 -41.76
C ALA A 124 12.51 -33.72 -41.23
N MET A 125 11.96 -32.82 -42.06
CA MET A 125 11.82 -31.41 -41.71
C MET A 125 10.84 -31.24 -40.57
N ALA A 126 9.69 -31.90 -40.65
CA ALA A 126 8.72 -31.94 -39.55
C ALA A 126 9.35 -32.36 -38.21
N MET A 127 10.26 -33.32 -38.26
CA MET A 127 10.95 -33.80 -37.07
C MET A 127 11.99 -32.82 -36.55
N ALA A 128 12.83 -32.35 -37.47
CA ALA A 128 13.87 -31.35 -37.18
C ALA A 128 13.28 -30.10 -36.57
N GLU A 129 12.19 -29.60 -37.16
CA GLU A 129 11.56 -28.37 -36.71
C GLU A 129 10.86 -28.48 -35.36
N ARG A 130 10.57 -29.71 -34.94
CA ARG A 130 9.83 -29.93 -33.71
C ARG A 130 10.69 -30.45 -32.57
N GLN A 131 11.95 -30.76 -32.86
CA GLN A 131 12.88 -31.35 -31.89
C GLN A 131 12.96 -30.53 -30.60
N PHE A 132 12.83 -29.21 -30.72
CA PHE A 132 12.85 -28.27 -29.60
C PHE A 132 11.81 -28.56 -28.51
N LEU A 133 10.79 -29.36 -28.84
CA LEU A 133 9.68 -29.66 -27.94
C LEU A 133 10.09 -30.54 -26.77
N ALA A 134 11.19 -31.27 -26.94
CA ALA A 134 11.68 -32.14 -25.88
C ALA A 134 12.36 -31.32 -24.77
N GLU A 135 12.36 -30.00 -24.92
CA GLU A 135 12.79 -29.11 -23.84
C GLU A 135 11.64 -28.30 -23.25
N VAL A 136 10.42 -28.56 -23.74
CA VAL A 136 9.25 -27.93 -23.17
C VAL A 136 8.75 -28.81 -22.02
N VAL A 137 8.91 -28.29 -20.80
CA VAL A 137 8.64 -29.05 -19.57
C VAL A 137 7.72 -28.27 -18.62
N HIS A 138 6.61 -28.90 -18.27
CA HIS A 138 5.64 -28.33 -17.35
C HIS A 138 4.82 -29.47 -16.79
N PRO A 139 4.45 -29.39 -15.50
CA PRO A 139 3.65 -30.44 -14.87
C PRO A 139 2.29 -30.70 -15.52
N SER A 140 1.75 -29.72 -16.23
CA SER A 140 0.42 -29.86 -16.79
C SER A 140 0.47 -30.14 -18.31
N ILE A 141 1.64 -30.60 -18.75
CA ILE A 141 1.90 -30.82 -20.18
C ILE A 141 2.56 -32.19 -20.36
N VAL A 142 2.03 -32.97 -21.30
CA VAL A 142 2.55 -34.29 -21.66
C VAL A 142 4.04 -34.20 -22.01
N GLN A 143 4.81 -35.21 -21.61
CA GLN A 143 6.23 -35.25 -21.91
C GLN A 143 6.47 -35.86 -23.28
N ILE A 144 7.40 -35.26 -24.02
CA ILE A 144 7.87 -35.78 -25.30
C ILE A 144 9.18 -36.52 -25.07
N PHE A 145 9.24 -37.76 -25.54
CA PHE A 145 10.39 -38.63 -25.29
C PHE A 145 11.37 -38.75 -26.47
N ASN A 146 10.88 -38.55 -27.71
CA ASN A 146 11.68 -38.86 -28.90
C ASN A 146 10.94 -38.48 -30.15
N PHE A 147 11.68 -38.44 -31.26
CA PHE A 147 11.16 -38.33 -32.62
C PHE A 147 11.81 -39.43 -33.45
N VAL A 148 10.98 -40.08 -34.23
CA VAL A 148 11.32 -41.38 -34.73
C VAL A 148 10.80 -41.52 -36.15
N GLU A 149 11.59 -42.17 -36.99
CA GLU A 149 11.24 -42.36 -38.37
C GLU A 149 10.96 -43.83 -38.60
N HIS A 150 9.87 -44.11 -39.31
CA HIS A 150 9.49 -45.48 -39.64
C HIS A 150 9.31 -45.61 -41.14
N THR A 151 10.00 -46.57 -41.74
CA THR A 151 9.82 -46.86 -43.16
C THR A 151 8.55 -47.70 -43.31
N ASP A 152 7.55 -47.16 -44.01
CA ASP A 152 6.26 -47.83 -44.20
C ASP A 152 6.29 -48.94 -45.27
N ARG A 153 5.10 -49.31 -45.77
CA ARG A 153 4.92 -50.35 -46.80
C ARG A 153 5.44 -49.91 -48.16
N HIS A 154 5.17 -48.65 -48.50
CA HIS A 154 5.58 -48.05 -49.78
C HIS A 154 7.09 -47.76 -49.88
N GLY A 155 7.86 -48.19 -48.88
CA GLY A 155 9.28 -47.87 -48.77
C GLY A 155 9.55 -46.46 -48.24
N ASP A 156 8.51 -45.79 -47.74
CA ASP A 156 8.60 -44.38 -47.38
C ASP A 156 8.86 -44.13 -45.90
N PRO A 157 9.81 -43.26 -45.60
CA PRO A 157 10.04 -42.80 -44.22
C PRO A 157 8.84 -42.00 -43.71
N VAL A 158 8.30 -42.38 -42.54
CA VAL A 158 7.20 -41.63 -41.91
C VAL A 158 7.63 -41.25 -40.51
N GLY A 159 7.34 -40.02 -40.12
CA GLY A 159 7.78 -39.50 -38.84
C GLY A 159 6.74 -39.60 -37.76
N TYR A 160 7.18 -40.01 -36.58
CA TYR A 160 6.33 -40.16 -35.40
C TYR A 160 6.90 -39.37 -34.26
N ILE A 161 6.00 -38.87 -33.42
CA ILE A 161 6.39 -38.33 -32.12
C ILE A 161 6.09 -39.36 -31.03
N VAL A 162 7.01 -39.46 -30.06
CA VAL A 162 6.92 -40.44 -28.96
C VAL A 162 6.66 -39.70 -27.66
N MET A 163 5.55 -39.99 -27.01
CA MET A 163 5.11 -39.26 -25.82
C MET A 163 4.86 -40.18 -24.63
N GLU A 164 4.76 -39.55 -23.47
CA GLU A 164 4.21 -40.15 -22.28
C GLU A 164 2.79 -40.69 -22.51
N TYR A 165 2.50 -41.88 -21.99
CA TYR A 165 1.13 -42.36 -21.92
C TYR A 165 0.35 -41.64 -20.82
N VAL A 166 -0.81 -41.09 -21.17
CA VAL A 166 -1.65 -40.43 -20.21
C VAL A 166 -3.00 -41.10 -20.29
N GLY A 167 -3.32 -41.88 -19.27
CA GLY A 167 -4.53 -42.70 -19.26
C GLY A 167 -5.67 -42.01 -18.57
N GLY A 168 -5.88 -40.75 -18.91
CA GLY A 168 -6.98 -39.98 -18.34
C GLY A 168 -8.23 -39.93 -19.22
N GLN A 169 -9.11 -38.99 -18.91
CA GLN A 169 -10.35 -38.84 -19.63
C GLN A 169 -10.37 -37.47 -20.30
N SER A 170 -10.51 -37.45 -21.62
CA SER A 170 -10.53 -36.18 -22.34
C SER A 170 -11.79 -35.40 -22.01
N LEU A 171 -11.73 -34.10 -22.19
CA LEU A 171 -12.87 -33.26 -21.88
C LEU A 171 -13.95 -33.26 -22.97
N LYS A 172 -13.70 -33.95 -24.08
CA LYS A 172 -14.66 -33.99 -25.19
C LYS A 172 -16.10 -34.29 -24.72
N GLN A 177 -23.90 -34.35 -22.70
CA GLN A 177 -22.85 -34.00 -23.64
C GLN A 177 -22.28 -32.58 -23.49
N LYS A 178 -22.73 -31.84 -22.47
CA LYS A 178 -22.22 -30.50 -22.17
C LYS A 178 -21.99 -30.34 -20.67
N LEU A 179 -20.81 -29.86 -20.29
CA LEU A 179 -20.46 -29.64 -18.90
C LEU A 179 -21.20 -28.47 -18.26
N PRO A 180 -21.50 -28.55 -16.95
CA PRO A 180 -21.92 -27.38 -16.18
C PRO A 180 -20.83 -26.30 -16.26
N VAL A 181 -21.21 -25.02 -16.21
CA VAL A 181 -20.20 -23.98 -16.49
C VAL A 181 -19.12 -23.87 -15.41
N ALA A 182 -19.48 -24.10 -14.14
CA ALA A 182 -18.50 -24.11 -13.06
C ALA A 182 -17.42 -25.14 -13.33
N GLU A 183 -17.83 -26.38 -13.62
CA GLU A 183 -16.90 -27.46 -14.01
C GLU A 183 -15.94 -27.07 -15.13
N ALA A 184 -16.47 -26.54 -16.22
CA ALA A 184 -15.65 -26.19 -17.39
C ALA A 184 -14.64 -25.08 -17.09
N ILE A 185 -15.09 -24.05 -16.38
CA ILE A 185 -14.23 -22.96 -15.95
C ILE A 185 -13.09 -23.51 -15.11
N ALA A 186 -13.43 -24.32 -14.09
CA ALA A 186 -12.44 -25.02 -13.27
C ALA A 186 -11.35 -25.72 -14.11
N TYR A 187 -11.75 -26.58 -15.04
CA TYR A 187 -10.79 -27.24 -15.95
C TYR A 187 -9.88 -26.27 -16.68
N LEU A 188 -10.47 -25.23 -17.26
CA LEU A 188 -9.63 -24.29 -18.00
C LEU A 188 -8.69 -23.48 -17.12
N LEU A 189 -9.15 -23.10 -15.92
CA LEU A 189 -8.29 -22.48 -14.90
C LEU A 189 -7.05 -23.30 -14.56
N GLU A 190 -7.15 -24.62 -14.71
CA GLU A 190 -6.03 -25.51 -14.40
C GLU A 190 -4.94 -25.51 -15.45
N ILE A 191 -5.30 -25.23 -16.71
CA ILE A 191 -4.30 -25.29 -17.79
C ILE A 191 -3.80 -23.93 -18.29
N LEU A 192 -4.53 -22.88 -17.98
CA LEU A 192 -4.06 -21.53 -18.23
C LEU A 192 -2.61 -21.24 -17.76
N PRO A 193 -2.19 -21.73 -16.56
CA PRO A 193 -0.77 -21.61 -16.19
C PRO A 193 0.21 -22.32 -17.14
N ALA A 194 -0.24 -23.44 -17.72
CA ALA A 194 0.49 -24.11 -18.80
C ALA A 194 0.66 -23.17 -20.01
N LEU A 195 -0.43 -22.54 -20.45
CA LEU A 195 -0.37 -21.55 -21.53
C LEU A 195 0.52 -20.34 -21.19
N SER A 196 0.33 -19.75 -20.01
CA SER A 196 1.25 -18.71 -19.51
C SER A 196 2.71 -19.16 -19.60
N TYR A 197 2.98 -20.39 -19.17
CA TYR A 197 4.34 -20.91 -19.26
C TYR A 197 4.84 -20.91 -20.71
N LEU A 198 4.06 -21.52 -21.61
CA LEU A 198 4.41 -21.55 -23.03
C LEU A 198 4.71 -20.14 -23.53
N HIS A 199 3.79 -19.20 -23.26
CA HIS A 199 3.99 -17.80 -23.67
C HIS A 199 5.29 -17.16 -23.19
N SER A 200 5.66 -17.45 -21.94
CA SER A 200 6.81 -16.81 -21.32
C SER A 200 8.09 -17.22 -22.06
N ILE A 201 8.06 -18.42 -22.65
CA ILE A 201 9.17 -18.86 -23.48
C ILE A 201 9.00 -18.61 -25.00
N GLY A 202 7.99 -17.85 -25.40
CA GLY A 202 7.82 -17.45 -26.80
C GLY A 202 7.10 -18.47 -27.68
N LEU A 203 6.33 -19.35 -27.03
CA LEU A 203 5.53 -20.36 -27.70
C LEU A 203 4.03 -20.16 -27.57
N VAL A 204 3.32 -20.67 -28.57
CA VAL A 204 1.87 -20.63 -28.63
C VAL A 204 1.42 -22.10 -28.69
N TYR A 205 0.34 -22.45 -28.00
CA TYR A 205 -0.16 -23.82 -28.03
C TYR A 205 -0.88 -24.15 -29.34
N ASN A 206 -1.68 -23.21 -29.86
CA ASN A 206 -2.29 -23.28 -31.19
C ASN A 206 -3.48 -24.19 -31.36
N ASP A 207 -3.51 -25.32 -30.66
CA ASP A 207 -4.59 -26.27 -30.90
C ASP A 207 -5.38 -26.71 -29.67
N LEU A 208 -5.58 -25.78 -28.75
CA LEU A 208 -6.43 -26.03 -27.60
C LEU A 208 -7.86 -26.35 -27.99
N LYS A 209 -8.39 -27.44 -27.44
CA LYS A 209 -9.79 -27.86 -27.61
C LYS A 209 -10.07 -29.05 -26.68
N PRO A 210 -11.36 -29.35 -26.39
CA PRO A 210 -11.73 -30.42 -25.45
C PRO A 210 -10.88 -31.69 -25.62
N GLU A 211 -10.76 -32.18 -26.86
CA GLU A 211 -9.97 -33.34 -27.24
C GLU A 211 -8.56 -33.36 -26.66
N ASN A 212 -7.94 -32.18 -26.58
CA ASN A 212 -6.52 -32.04 -26.17
C ASN A 212 -6.31 -31.83 -24.68
N ILE A 213 -7.39 -31.82 -23.91
CA ILE A 213 -7.31 -31.60 -22.48
C ILE A 213 -7.85 -32.85 -21.79
N MET A 214 -7.06 -33.38 -20.86
CA MET A 214 -7.37 -34.65 -20.24
C MET A 214 -7.33 -34.54 -18.72
N LEU A 215 -8.40 -34.98 -18.07
CA LEU A 215 -8.40 -35.11 -16.62
C LEU A 215 -7.81 -36.47 -16.25
N THR A 216 -6.69 -36.44 -15.56
CA THR A 216 -6.12 -37.66 -15.00
C THR A 216 -6.47 -37.71 -13.53
N GLU A 217 -6.05 -38.80 -12.89
CA GLU A 217 -6.21 -39.01 -11.46
C GLU A 217 -5.56 -37.90 -10.62
N GLU A 218 -4.39 -37.43 -11.07
CA GLU A 218 -3.68 -36.39 -10.35
C GLU A 218 -4.11 -34.96 -10.72
N GLN A 219 -4.16 -34.68 -12.02
CA GLN A 219 -4.19 -33.34 -12.56
C GLN A 219 -4.98 -33.25 -13.86
N LEU A 220 -5.07 -32.01 -14.36
CA LEU A 220 -5.35 -31.70 -15.76
C LEU A 220 -4.06 -31.60 -16.58
N LYS A 221 -4.03 -32.27 -17.73
CA LYS A 221 -2.91 -32.20 -18.66
C LYS A 221 -3.38 -31.71 -20.04
N LEU A 222 -2.49 -31.01 -20.72
CA LEU A 222 -2.55 -30.78 -22.13
C LEU A 222 -1.77 -31.93 -22.75
N ILE A 223 -2.40 -32.70 -23.64
CA ILE A 223 -1.81 -33.96 -24.13
C ILE A 223 -1.26 -33.95 -25.57
N ASP A 224 -1.42 -32.84 -26.27
CA ASP A 224 -0.89 -32.76 -27.63
C ASP A 224 -0.09 -31.49 -27.91
N LEU A 225 1.20 -31.67 -28.20
CA LEU A 225 2.10 -30.54 -28.50
C LEU A 225 2.39 -30.37 -29.98
N GLY A 226 1.71 -31.15 -30.80
CA GLY A 226 1.95 -31.17 -32.23
C GLY A 226 1.81 -29.83 -32.92
N ALA A 227 0.91 -28.98 -32.43
CA ALA A 227 0.70 -27.68 -33.07
C ALA A 227 1.53 -26.55 -32.46
N VAL A 228 2.22 -26.83 -31.36
CA VAL A 228 3.02 -25.77 -30.73
C VAL A 228 3.92 -25.07 -31.76
N SER A 229 3.96 -23.74 -31.71
CA SER A 229 4.92 -22.97 -32.53
C SER A 229 5.38 -21.66 -31.86
N ARG A 230 6.28 -20.95 -32.54
CA ARG A 230 6.77 -19.68 -32.04
C ARG A 230 5.80 -18.58 -32.35
N ILE A 231 5.79 -17.55 -31.51
CA ILE A 231 5.01 -16.33 -31.75
C ILE A 231 5.51 -15.70 -33.05
N ASN A 232 4.57 -15.23 -33.88
CA ASN A 232 4.85 -14.60 -35.19
C ASN A 232 5.48 -15.56 -36.21
N SER A 233 5.46 -16.86 -35.93
CA SER A 233 6.08 -17.83 -36.83
C SER A 233 5.44 -17.78 -38.22
N PHE A 234 6.20 -18.23 -39.21
CA PHE A 234 5.72 -18.36 -40.57
C PHE A 234 5.72 -19.84 -40.97
N GLY A 235 5.14 -20.15 -42.13
CA GLY A 235 5.02 -21.53 -42.57
C GLY A 235 3.62 -22.07 -42.28
N TYR A 236 3.53 -23.38 -42.06
CA TYR A 236 2.24 -24.03 -41.78
C TYR A 236 1.74 -23.60 -40.41
N LEU A 237 0.49 -23.14 -40.36
CA LEU A 237 -0.15 -22.73 -39.13
C LEU A 237 -1.19 -23.78 -38.75
N TYR A 238 -0.97 -24.41 -37.61
CA TYR A 238 -1.86 -25.48 -37.16
C TYR A 238 -2.94 -24.97 -36.20
N GLY A 239 -3.98 -25.78 -36.08
CA GLY A 239 -5.15 -25.47 -35.28
C GLY A 239 -6.34 -26.14 -35.91
N THR A 240 -7.54 -25.90 -35.38
CA THR A 240 -8.72 -26.53 -35.95
C THR A 240 -9.79 -25.49 -36.21
N PRO A 241 -10.28 -25.43 -37.46
CA PRO A 241 -11.32 -24.47 -37.78
C PRO A 241 -12.50 -24.64 -36.84
N GLY A 242 -13.01 -23.53 -36.31
CA GLY A 242 -14.06 -23.58 -35.28
C GLY A 242 -13.56 -23.27 -33.90
N PHE A 243 -12.25 -23.42 -33.70
CA PHE A 243 -11.58 -23.09 -32.44
C PHE A 243 -10.49 -22.03 -32.70
N GLN A 244 -9.90 -22.05 -33.90
CA GLN A 244 -8.79 -21.13 -34.17
C GLN A 244 -9.15 -19.73 -34.63
N ALA A 245 -8.30 -18.79 -34.24
CA ALA A 245 -8.49 -17.37 -34.47
C ALA A 245 -8.51 -17.03 -35.95
N PRO A 246 -9.51 -16.25 -36.39
CA PRO A 246 -9.66 -15.85 -37.82
C PRO A 246 -8.41 -15.16 -38.40
N GLU A 247 -7.71 -14.38 -37.59
CA GLU A 247 -6.63 -13.54 -38.11
C GLU A 247 -5.28 -14.24 -38.12
N ILE A 248 -5.29 -15.53 -37.84
CA ILE A 248 -4.05 -16.26 -37.67
C ILE A 248 -3.15 -16.23 -38.92
N VAL A 249 -3.75 -16.12 -40.11
CA VAL A 249 -2.93 -15.99 -41.33
C VAL A 249 -2.33 -14.59 -41.45
N ARG A 250 -3.07 -13.56 -41.07
CA ARG A 250 -2.56 -12.18 -41.07
C ARG A 250 -1.42 -11.99 -40.06
N THR A 251 -1.70 -12.34 -38.80
CA THR A 251 -0.78 -12.04 -37.68
C THR A 251 0.22 -13.15 -37.40
N GLY A 252 -0.09 -14.36 -37.84
CA GLY A 252 0.63 -15.54 -37.36
C GLY A 252 0.17 -15.80 -35.93
N PRO A 253 0.69 -16.87 -35.30
CA PRO A 253 0.27 -17.22 -33.94
C PRO A 253 0.72 -16.15 -32.95
N THR A 254 -0.12 -15.89 -31.95
CA THR A 254 0.16 -14.90 -30.92
C THR A 254 -0.46 -15.38 -29.60
N VAL A 255 -0.14 -14.69 -28.50
CA VAL A 255 -0.86 -14.90 -27.26
C VAL A 255 -2.36 -14.73 -27.56
N ALA A 256 -2.70 -13.60 -28.18
CA ALA A 256 -4.06 -13.28 -28.63
C ALA A 256 -4.78 -14.45 -29.30
N THR A 257 -4.10 -15.16 -30.22
CA THR A 257 -4.71 -16.32 -30.89
C THR A 257 -4.96 -17.51 -29.95
N ASP A 258 -4.13 -17.68 -28.92
CA ASP A 258 -4.36 -18.73 -27.91
C ASP A 258 -5.52 -18.36 -27.02
N ILE A 259 -5.64 -17.07 -26.69
CA ILE A 259 -6.78 -16.56 -25.88
C ILE A 259 -8.11 -16.91 -26.53
N TYR A 260 -8.16 -16.76 -27.85
CA TYR A 260 -9.33 -17.09 -28.68
C TYR A 260 -9.77 -18.56 -28.51
N THR A 261 -8.80 -19.47 -28.57
CA THR A 261 -9.04 -20.91 -28.39
C THR A 261 -9.57 -21.28 -27.01
N VAL A 262 -9.21 -20.51 -25.97
CA VAL A 262 -9.74 -20.71 -24.61
C VAL A 262 -11.23 -20.38 -24.60
N GLY A 263 -11.57 -19.21 -25.14
CA GLY A 263 -12.98 -18.81 -25.25
C GLY A 263 -13.78 -19.84 -26.04
N ARG A 264 -13.25 -20.26 -27.18
CA ARG A 264 -13.90 -21.26 -28.02
C ARG A 264 -14.07 -22.57 -27.27
N THR A 265 -13.00 -22.97 -26.57
CA THR A 265 -13.00 -24.22 -25.83
C THR A 265 -14.08 -24.18 -24.76
N LEU A 266 -14.16 -23.06 -24.04
CA LEU A 266 -15.18 -22.89 -23.01
C LEU A 266 -16.58 -22.97 -23.58
N ALA A 267 -16.81 -22.29 -24.70
CA ALA A 267 -18.10 -22.29 -25.36
C ALA A 267 -18.48 -23.70 -25.83
N ALA A 268 -17.51 -24.39 -26.42
CA ALA A 268 -17.72 -25.72 -26.93
C ALA A 268 -18.15 -26.67 -25.81
N LEU A 269 -17.50 -26.55 -24.66
CA LEU A 269 -17.81 -27.40 -23.52
C LEU A 269 -19.16 -27.12 -22.87
N THR A 270 -19.73 -25.92 -23.08
CA THR A 270 -20.84 -25.47 -22.22
C THR A 270 -22.15 -25.13 -22.94
N LEU A 271 -22.06 -24.79 -24.22
CA LEU A 271 -23.20 -24.24 -24.95
C LEU A 271 -23.62 -25.10 -26.11
N ASP A 272 -24.87 -24.95 -26.55
CA ASP A 272 -25.38 -25.63 -27.74
C ASP A 272 -24.96 -24.90 -29.01
N LEU A 273 -23.67 -24.95 -29.28
CA LEU A 273 -23.08 -24.30 -30.43
C LEU A 273 -23.49 -24.96 -31.76
N PRO A 274 -24.01 -24.17 -32.70
CA PRO A 274 -24.40 -24.71 -34.00
C PRO A 274 -23.17 -25.17 -34.78
N THR A 275 -23.33 -26.21 -35.60
CA THR A 275 -22.26 -26.71 -36.45
C THR A 275 -22.66 -26.72 -37.93
N ARG A 276 -21.73 -26.36 -38.80
CA ARG A 276 -21.92 -26.49 -40.26
C ARG A 276 -20.64 -27.14 -40.80
N ASN A 277 -20.79 -28.26 -41.51
CA ASN A 277 -19.75 -29.32 -41.57
C ASN A 277 -19.72 -30.00 -40.21
N GLY A 278 -18.52 -30.37 -39.79
CA GLY A 278 -18.28 -30.82 -38.42
C GLY A 278 -17.87 -29.65 -37.54
N ARG A 279 -17.75 -28.47 -38.15
CA ARG A 279 -17.19 -27.29 -37.50
C ARG A 279 -18.21 -26.44 -36.76
N TYR A 280 -17.84 -26.02 -35.55
CA TYR A 280 -18.59 -24.99 -34.83
C TYR A 280 -18.55 -23.66 -35.55
N VAL A 281 -19.71 -23.07 -35.77
CA VAL A 281 -19.80 -21.75 -36.38
C VAL A 281 -19.30 -20.68 -35.40
N ASP A 282 -18.96 -19.54 -35.97
CA ASP A 282 -18.30 -18.49 -35.24
C ASP A 282 -19.27 -17.68 -34.41
N GLY A 283 -18.72 -16.97 -33.43
CA GLY A 283 -19.51 -16.24 -32.47
C GLY A 283 -20.30 -17.16 -31.56
N LEU A 284 -21.25 -16.58 -30.84
CA LEU A 284 -22.03 -17.31 -29.85
C LEU A 284 -23.49 -17.32 -30.29
N PRO A 285 -24.24 -18.43 -30.01
CA PRO A 285 -25.68 -18.47 -30.24
C PRO A 285 -26.34 -17.25 -29.63
N GLU A 286 -27.34 -16.71 -30.29
CA GLU A 286 -27.85 -15.38 -29.96
C GLU A 286 -28.63 -15.27 -28.64
N ASP A 287 -29.51 -16.23 -28.36
CA ASP A 287 -30.32 -16.14 -27.15
C ASP A 287 -30.13 -17.35 -26.24
N ASP A 288 -28.87 -17.70 -25.97
CA ASP A 288 -28.53 -18.92 -25.23
C ASP A 288 -28.92 -18.84 -23.74
N PRO A 289 -29.66 -19.84 -23.25
CA PRO A 289 -30.12 -19.92 -21.86
C PRO A 289 -28.97 -19.95 -20.85
N VAL A 290 -27.86 -20.57 -21.22
CA VAL A 290 -26.68 -20.59 -20.34
C VAL A 290 -26.14 -19.17 -20.14
N LEU A 291 -26.06 -18.41 -21.22
CA LEU A 291 -25.58 -17.04 -21.19
C LEU A 291 -26.52 -16.07 -20.52
N LYS A 292 -27.80 -16.45 -20.46
CA LYS A 292 -28.74 -15.64 -19.73
C LYS A 292 -28.58 -15.88 -18.24
N THR A 293 -28.39 -17.13 -17.82
CA THR A 293 -28.32 -17.40 -16.39
C THR A 293 -27.01 -16.86 -15.79
N TYR A 294 -25.94 -16.90 -16.59
CA TYR A 294 -24.60 -16.50 -16.15
C TYR A 294 -24.12 -15.32 -16.96
N ASP A 295 -24.47 -14.11 -16.53
CA ASP A 295 -24.24 -12.90 -17.32
C ASP A 295 -22.77 -12.63 -17.62
N SER A 296 -21.94 -12.59 -16.57
CA SER A 296 -20.54 -12.27 -16.72
C SER A 296 -19.77 -13.36 -17.47
N TYR A 297 -20.24 -14.61 -17.38
CA TYR A 297 -19.63 -15.71 -18.14
C TYR A 297 -19.77 -15.44 -19.64
N GLY A 298 -20.91 -14.90 -20.05
CA GLY A 298 -21.12 -14.53 -21.46
C GLY A 298 -20.20 -13.41 -21.94
N ARG A 299 -20.01 -12.40 -21.08
CA ARG A 299 -19.12 -11.28 -21.37
C ARG A 299 -17.68 -11.72 -21.45
N LEU A 300 -17.30 -12.69 -20.63
CA LEU A 300 -15.95 -13.23 -20.61
C LEU A 300 -15.69 -13.94 -21.94
N LEU A 301 -16.68 -14.71 -22.39
CA LEU A 301 -16.56 -15.45 -23.63
C LEU A 301 -16.35 -14.51 -24.81
N ARG A 302 -17.15 -13.44 -24.86
CA ARG A 302 -17.12 -12.48 -25.99
C ARG A 302 -15.80 -11.74 -26.12
N ARG A 303 -15.22 -11.32 -24.99
CA ARG A 303 -13.90 -10.70 -24.97
C ARG A 303 -12.83 -11.64 -25.48
N ALA A 304 -12.81 -12.87 -24.95
CA ALA A 304 -11.80 -13.87 -25.33
C ALA A 304 -11.82 -14.15 -26.83
N ILE A 305 -13.00 -14.22 -27.42
CA ILE A 305 -13.15 -14.54 -28.85
C ILE A 305 -13.33 -13.32 -29.78
N ASP A 306 -13.12 -12.10 -29.28
CA ASP A 306 -13.30 -10.90 -30.12
C ASP A 306 -12.59 -11.04 -31.46
N PRO A 307 -13.28 -10.68 -32.56
CA PRO A 307 -12.56 -10.75 -33.86
C PRO A 307 -11.26 -9.91 -33.93
N ASP A 308 -11.24 -8.79 -33.23
CA ASP A 308 -10.04 -7.97 -33.07
C ASP A 308 -9.19 -8.54 -31.93
N PRO A 309 -7.99 -9.04 -32.25
CA PRO A 309 -7.07 -9.59 -31.24
C PRO A 309 -6.67 -8.58 -30.15
N ARG A 310 -6.70 -7.28 -30.48
CA ARG A 310 -6.38 -6.20 -29.54
C ARG A 310 -7.43 -6.01 -28.43
N GLN A 311 -8.64 -6.53 -28.67
CA GLN A 311 -9.78 -6.42 -27.76
C GLN A 311 -9.93 -7.62 -26.82
N ARG A 312 -9.13 -8.65 -27.01
CA ARG A 312 -9.12 -9.82 -26.14
C ARG A 312 -8.24 -9.61 -24.91
N PHE A 313 -8.37 -10.49 -23.93
CA PHE A 313 -7.44 -10.52 -22.81
C PHE A 313 -6.02 -10.45 -23.31
N THR A 314 -5.22 -9.61 -22.65
CA THR A 314 -3.85 -9.36 -23.06
C THR A 314 -2.92 -10.52 -22.74
N THR A 315 -3.14 -11.19 -21.61
CA THR A 315 -2.34 -12.35 -21.25
C THR A 315 -3.25 -13.44 -20.72
N ALA A 316 -2.72 -14.66 -20.71
CA ALA A 316 -3.40 -15.79 -20.08
C ALA A 316 -3.62 -15.55 -18.56
N GLU A 317 -2.63 -14.94 -17.88
CA GLU A 317 -2.78 -14.62 -16.44
C GLU A 317 -3.88 -13.64 -16.14
N GLU A 318 -3.95 -12.57 -16.94
CA GLU A 318 -5.04 -11.61 -16.92
C GLU A 318 -6.38 -12.29 -17.14
N MET A 319 -6.44 -13.22 -18.09
CA MET A 319 -7.70 -13.90 -18.33
C MET A 319 -8.07 -14.80 -17.15
N SER A 320 -7.06 -15.44 -16.57
CA SER A 320 -7.25 -16.34 -15.44
C SER A 320 -7.87 -15.61 -14.25
N ALA A 321 -7.39 -14.41 -13.93
CA ALA A 321 -8.00 -13.59 -12.87
C ALA A 321 -9.48 -13.28 -13.12
N GLN A 322 -9.82 -12.91 -14.36
CA GLN A 322 -11.23 -12.62 -14.69
C GLN A 322 -12.09 -13.88 -14.66
N LEU A 323 -11.48 -15.01 -15.00
CA LEU A 323 -12.23 -16.26 -15.07
C LEU A 323 -12.51 -16.78 -13.66
N THR A 324 -11.55 -16.59 -12.76
CA THR A 324 -11.74 -16.85 -11.31
C THR A 324 -12.90 -16.04 -10.70
N GLY A 325 -12.91 -14.74 -10.95
CA GLY A 325 -14.04 -13.87 -10.55
C GLY A 325 -15.37 -14.36 -11.10
N VAL A 326 -15.41 -14.69 -12.39
CA VAL A 326 -16.60 -15.28 -13.01
C VAL A 326 -17.00 -16.59 -12.31
N LEU A 327 -16.04 -17.49 -12.10
CA LEU A 327 -16.32 -18.75 -11.39
C LEU A 327 -16.92 -18.50 -10.01
N ARG A 328 -16.36 -17.56 -9.27
CA ARG A 328 -16.95 -17.19 -7.99
C ARG A 328 -18.41 -16.77 -8.12
N GLU A 329 -18.73 -16.01 -9.17
CA GLU A 329 -20.09 -15.56 -9.43
C GLU A 329 -21.00 -16.74 -9.79
N VAL A 330 -20.48 -17.66 -10.58
CA VAL A 330 -21.23 -18.82 -11.03
C VAL A 330 -21.51 -19.73 -9.84
N VAL A 331 -20.47 -20.08 -9.09
CA VAL A 331 -20.63 -20.97 -7.97
C VAL A 331 -21.56 -20.39 -6.91
N ALA A 332 -21.35 -19.12 -6.56
CA ALA A 332 -22.20 -18.43 -5.59
C ALA A 332 -23.67 -18.47 -5.98
N GLN A 333 -23.95 -18.27 -7.27
CA GLN A 333 -25.33 -18.31 -7.77
C GLN A 333 -25.94 -19.70 -7.72
N ASP A 334 -25.22 -20.72 -8.18
CA ASP A 334 -25.84 -22.03 -8.11
C ASP A 334 -25.81 -22.75 -6.75
N THR A 335 -24.94 -22.33 -5.82
CA THR A 335 -24.91 -22.91 -4.46
C THR A 335 -25.66 -22.11 -3.39
N GLY A 336 -25.82 -20.82 -3.60
CA GLY A 336 -26.46 -19.97 -2.60
C GLY A 336 -25.53 -19.59 -1.46
N VAL A 337 -24.24 -19.74 -1.69
CA VAL A 337 -23.19 -19.45 -0.71
C VAL A 337 -22.23 -18.41 -1.33
N PRO A 338 -21.98 -17.27 -0.65
CA PRO A 338 -21.13 -16.25 -1.30
C PRO A 338 -19.71 -16.74 -1.48
N ARG A 339 -19.02 -16.27 -2.51
CA ARG A 339 -17.61 -16.61 -2.67
C ARG A 339 -16.73 -15.35 -2.78
N PRO A 340 -16.44 -14.69 -1.65
CA PRO A 340 -15.67 -13.43 -1.72
C PRO A 340 -14.24 -13.63 -2.21
N GLY A 341 -13.66 -12.59 -2.79
CA GLY A 341 -12.31 -12.65 -3.31
C GLY A 341 -11.79 -11.25 -3.33
N LEU A 342 -10.48 -11.10 -3.38
CA LEU A 342 -9.87 -9.79 -3.47
C LEU A 342 -9.50 -9.52 -4.92
N SER A 343 -10.03 -8.45 -5.47
CA SER A 343 -9.79 -8.05 -6.86
C SER A 343 -8.33 -7.75 -7.14
N THR A 344 -7.90 -8.08 -8.36
CA THR A 344 -6.57 -7.70 -8.83
C THR A 344 -6.62 -6.39 -9.63
N ILE A 345 -7.83 -5.91 -9.89
CA ILE A 345 -8.06 -4.76 -10.76
C ILE A 345 -8.51 -3.53 -9.99
N PHE A 346 -9.48 -3.72 -9.09
CA PHE A 346 -10.09 -2.62 -8.35
C PHE A 346 -9.79 -2.69 -6.85
N SER A 347 -9.90 -1.56 -6.16
CA SER A 347 -9.86 -1.60 -4.70
C SER A 347 -11.10 -2.32 -4.16
N PRO A 348 -11.09 -2.73 -2.87
CA PRO A 348 -12.36 -3.02 -2.20
C PRO A 348 -13.13 -1.72 -2.04
N SER A 349 -14.45 -1.83 -1.85
CA SER A 349 -15.32 -0.67 -1.63
C SER A 349 -14.68 0.22 -0.58
N ARG A 350 -14.78 1.53 -0.75
CA ARG A 350 -14.18 2.42 0.21
C ARG A 350 -15.20 2.75 1.26
N SER A 351 -16.46 2.54 0.91
CA SER A 351 -17.52 2.82 1.84
C SER A 351 -18.78 2.18 1.35
N THR A 352 -19.88 2.52 2.01
CA THR A 352 -21.22 2.09 1.62
C THR A 352 -22.03 3.31 1.17
N PHE A 353 -23.08 3.03 0.39
CA PHE A 353 -24.06 4.02 -0.01
C PHE A 353 -25.47 3.44 0.15
N GLY A 354 -26.45 4.32 0.30
CA GLY A 354 -27.88 3.95 0.38
C GLY A 354 -28.29 3.08 1.56
N VAL A 355 -27.47 3.04 2.61
CA VAL A 355 -27.78 2.16 3.73
C VAL A 355 -28.94 2.67 4.57
N ASP A 356 -28.99 3.97 4.83
CA ASP A 356 -30.09 4.46 5.66
C ASP A 356 -31.16 5.30 4.96
N LEU A 357 -31.30 5.13 3.64
CA LEU A 357 -32.35 5.79 2.87
C LEU A 357 -33.69 5.48 3.49
N LEU A 358 -34.05 4.21 3.46
CA LEU A 358 -35.36 3.76 3.92
C LEU A 358 -35.71 4.16 5.37
N VAL A 359 -34.80 3.97 6.31
CA VAL A 359 -35.09 4.31 7.71
C VAL A 359 -34.98 5.81 8.06
N ALA A 360 -34.21 6.58 7.28
CA ALA A 360 -34.13 8.02 7.48
C ALA A 360 -35.49 8.65 7.26
N HIS A 361 -36.31 8.06 6.39
CA HIS A 361 -37.68 8.53 6.18
C HIS A 361 -38.44 8.57 7.51
N THR A 362 -38.17 7.61 8.38
CA THR A 362 -38.87 7.51 9.65
C THR A 362 -38.35 8.50 10.70
N ASP A 363 -37.29 9.25 10.36
CA ASP A 363 -36.72 10.24 11.27
C ASP A 363 -37.68 11.34 11.64
N VAL A 364 -38.71 11.55 10.80
CA VAL A 364 -39.78 12.55 11.09
C VAL A 364 -40.37 12.40 12.50
N TYR A 365 -40.40 11.17 13.01
CA TYR A 365 -40.97 10.90 14.31
C TYR A 365 -40.20 11.63 15.39
N LEU A 366 -38.88 11.69 15.22
CA LEU A 366 -38.00 12.39 16.15
C LEU A 366 -38.08 13.90 15.98
N ASP A 367 -37.75 14.40 14.79
CA ASP A 367 -37.52 15.85 14.61
C ASP A 367 -38.64 16.67 13.96
N GLY A 368 -39.58 15.99 13.29
CA GLY A 368 -40.68 16.68 12.61
C GLY A 368 -40.30 17.25 11.26
N GLN A 369 -39.02 17.08 10.89
CA GLN A 369 -38.48 17.52 9.60
C GLN A 369 -38.93 16.65 8.45
N VAL A 370 -38.99 17.25 7.26
CA VAL A 370 -39.19 16.51 6.04
C VAL A 370 -37.98 15.61 5.83
N HIS A 371 -38.25 14.32 5.65
CA HIS A 371 -37.21 13.34 5.40
C HIS A 371 -37.53 12.53 4.15
N ALA A 372 -37.13 13.07 3.01
CA ALA A 372 -37.40 12.42 1.73
C ALA A 372 -36.07 12.14 1.06
N GLU A 373 -35.23 11.44 1.80
CA GLU A 373 -33.89 11.08 1.38
C GLU A 373 -33.98 10.21 0.13
N LYS A 374 -33.17 10.59 -0.86
CA LYS A 374 -33.04 9.88 -2.13
C LYS A 374 -31.58 9.51 -2.31
N LEU A 375 -31.32 8.39 -2.95
CA LEU A 375 -29.95 8.00 -3.30
C LEU A 375 -29.28 9.10 -4.15
N THR A 376 -28.08 9.51 -3.74
CA THR A 376 -27.36 10.63 -4.38
C THR A 376 -26.06 10.17 -5.02
N ALA A 377 -25.69 10.80 -6.14
CA ALA A 377 -24.48 10.43 -6.85
C ALA A 377 -23.24 10.60 -5.97
N ASN A 378 -23.23 11.65 -5.15
CA ASN A 378 -22.11 11.94 -4.26
C ASN A 378 -21.84 10.83 -3.24
N GLU A 379 -22.89 10.25 -2.67
CA GLU A 379 -22.72 9.16 -1.73
C GLU A 379 -22.13 7.92 -2.40
N ILE A 380 -22.60 7.61 -3.60
CA ILE A 380 -22.09 6.51 -4.41
C ILE A 380 -20.60 6.71 -4.78
N VAL A 381 -20.25 7.91 -5.22
CA VAL A 381 -18.93 8.20 -5.74
C VAL A 381 -17.84 7.94 -4.69
N THR A 382 -18.09 8.37 -3.46
CA THR A 382 -17.09 8.26 -2.41
C THR A 382 -16.95 6.82 -1.92
N ALA A 383 -18.00 6.01 -2.14
CA ALA A 383 -18.06 4.60 -1.75
C ALA A 383 -17.48 3.62 -2.77
N LEU A 384 -17.45 4.02 -4.03
CA LEU A 384 -17.05 3.11 -5.10
C LEU A 384 -15.60 2.67 -4.96
N SER A 385 -15.34 1.43 -5.39
CA SER A 385 -14.00 0.92 -5.57
C SER A 385 -13.29 1.84 -6.59
N VAL A 386 -11.96 1.89 -6.53
CA VAL A 386 -11.20 2.61 -7.53
C VAL A 386 -10.19 1.67 -8.20
N PRO A 387 -9.74 2.03 -9.42
CA PRO A 387 -8.75 1.19 -10.11
C PRO A 387 -7.42 1.15 -9.35
N LEU A 388 -6.85 -0.04 -9.21
CA LEU A 388 -5.52 -0.16 -8.58
C LEU A 388 -4.46 0.54 -9.44
N VAL A 389 -3.52 1.21 -8.77
CA VAL A 389 -2.47 1.96 -9.44
C VAL A 389 -1.50 0.99 -10.11
N ASP A 390 -1.09 1.30 -11.34
CA ASP A 390 -0.12 0.49 -12.08
C ASP A 390 1.29 0.70 -11.49
N PRO A 391 1.92 -0.36 -10.94
CA PRO A 391 3.13 -0.08 -10.14
C PRO A 391 4.33 0.35 -10.99
N THR A 392 4.20 0.24 -12.32
CA THR A 392 5.26 0.61 -13.24
C THR A 392 5.13 2.07 -13.68
N ASP A 393 4.10 2.72 -13.18
CA ASP A 393 3.97 4.16 -13.40
C ASP A 393 5.05 4.89 -12.60
N VAL A 394 5.53 6.03 -13.13
CA VAL A 394 6.58 6.84 -12.48
C VAL A 394 6.19 7.36 -11.09
N ALA A 395 4.90 7.59 -10.90
CA ALA A 395 4.40 8.21 -9.67
C ALA A 395 3.96 7.21 -8.61
N ALA A 396 4.19 5.92 -8.86
CA ALA A 396 3.63 4.89 -7.99
C ALA A 396 4.06 5.00 -6.51
N SER A 397 5.32 5.42 -6.29
CA SER A 397 5.86 5.64 -4.93
C SER A 397 5.15 6.78 -4.20
N VAL A 398 5.06 7.95 -4.85
CA VAL A 398 4.40 9.10 -4.24
C VAL A 398 2.92 8.85 -4.03
N LEU A 399 2.30 8.06 -4.92
CA LEU A 399 0.87 7.72 -4.81
C LEU A 399 0.58 6.71 -3.71
N GLN A 400 1.53 5.81 -3.46
CA GLN A 400 1.38 4.86 -2.38
C GLN A 400 1.55 5.57 -1.03
N ALA A 401 2.43 6.57 -0.99
CA ALA A 401 2.61 7.42 0.19
C ALA A 401 1.37 8.26 0.49
N THR A 402 0.57 8.51 -0.53
CA THR A 402 -0.55 9.44 -0.46
C THR A 402 -1.86 8.72 -0.09
N VAL A 403 -1.76 7.43 0.12
CA VAL A 403 -2.91 6.51 0.15
C VAL A 403 -3.96 6.79 1.26
N LEU A 404 -3.51 7.40 2.36
CA LEU A 404 -4.36 7.62 3.53
C LEU A 404 -4.85 9.05 3.60
N SER A 405 -4.38 9.87 2.65
CA SER A 405 -4.72 11.27 2.52
C SER A 405 -6.13 11.53 1.97
N GLN A 406 -6.86 12.37 2.68
CA GLN A 406 -8.12 12.90 2.21
C GLN A 406 -7.96 13.62 0.87
N PRO A 407 -9.07 13.83 0.14
CA PRO A 407 -9.09 14.46 -1.19
C PRO A 407 -8.30 15.76 -1.33
N VAL A 408 -8.59 16.79 -0.55
CA VAL A 408 -7.82 18.05 -0.63
C VAL A 408 -6.32 17.86 -0.33
N GLN A 409 -5.99 17.04 0.68
CA GLN A 409 -4.58 16.84 1.06
C GLN A 409 -3.85 16.12 -0.05
N THR A 410 -4.55 15.17 -0.66
CA THR A 410 -4.10 14.48 -1.85
C THR A 410 -3.77 15.47 -2.98
N LEU A 411 -4.74 16.31 -3.36
CA LEU A 411 -4.52 17.32 -4.40
C LEU A 411 -3.30 18.19 -4.12
N ASP A 412 -3.18 18.64 -2.87
CA ASP A 412 -2.06 19.50 -2.46
C ASP A 412 -0.72 18.79 -2.59
N SER A 413 -0.64 17.54 -2.11
CA SER A 413 0.61 16.78 -2.15
C SER A 413 1.04 16.48 -3.59
N LEU A 414 0.06 16.16 -4.42
CA LEU A 414 0.35 15.83 -5.80
C LEU A 414 0.78 17.04 -6.61
N ARG A 415 0.11 18.16 -6.40
CA ARG A 415 0.44 19.38 -7.12
C ARG A 415 1.80 19.91 -6.67
N ALA A 416 2.10 19.80 -5.38
CA ALA A 416 3.42 20.17 -4.85
C ALA A 416 4.51 19.28 -5.45
N ALA A 417 4.28 17.96 -5.39
CA ALA A 417 5.16 16.97 -5.99
C ALA A 417 5.35 17.24 -7.47
N ARG A 418 4.31 17.75 -8.11
CA ARG A 418 4.30 18.02 -9.53
C ARG A 418 5.16 19.23 -9.84
N HIS A 419 5.20 20.19 -8.92
CA HIS A 419 5.96 21.43 -9.10
C HIS A 419 7.42 21.34 -8.63
N GLY A 420 7.95 20.12 -8.55
CA GLY A 420 9.35 19.89 -8.21
C GLY A 420 9.55 19.54 -6.74
N ASP A 428 10.68 13.84 -11.94
CA ASP A 428 10.02 14.12 -13.23
C ASP A 428 8.79 13.24 -13.49
N PHE A 429 7.61 13.83 -13.30
CA PHE A 429 6.34 13.11 -13.48
C PHE A 429 5.56 13.55 -14.72
N SER A 430 6.19 14.31 -15.60
CA SER A 430 5.57 14.74 -16.86
C SER A 430 4.77 13.63 -17.53
N GLU A 431 5.39 12.47 -17.72
CA GLU A 431 4.75 11.38 -18.47
C GLU A 431 3.68 10.60 -17.70
N SER A 432 3.58 10.80 -16.38
CA SER A 432 2.76 9.92 -15.54
C SER A 432 1.29 10.01 -15.88
N VAL A 433 0.64 8.84 -16.00
CA VAL A 433 -0.80 8.75 -16.17
C VAL A 433 -1.53 8.60 -14.82
N GLU A 434 -0.89 7.94 -13.86
CA GLU A 434 -1.55 7.66 -12.59
C GLU A 434 -1.63 8.88 -11.69
N LEU A 435 -0.62 9.74 -11.72
CA LEU A 435 -0.68 10.96 -10.92
C LEU A 435 -1.94 11.77 -11.28
N PRO A 436 -2.11 12.14 -12.57
CA PRO A 436 -3.33 12.86 -12.99
C PRO A 436 -4.61 12.09 -12.70
N LEU A 437 -4.60 10.78 -12.84
CA LEU A 437 -5.79 10.00 -12.59
C LEU A 437 -6.17 10.09 -11.13
N MET A 438 -5.17 10.12 -10.25
CA MET A 438 -5.43 10.31 -8.80
C MET A 438 -6.00 11.69 -8.52
N GLU A 439 -5.60 12.69 -9.31
CA GLU A 439 -6.13 14.04 -9.10
C GLU A 439 -7.59 14.08 -9.46
N VAL A 440 -7.92 13.48 -10.60
CA VAL A 440 -9.31 13.23 -11.00
C VAL A 440 -10.13 12.52 -9.90
N ARG A 441 -9.65 11.38 -9.38
CA ARG A 441 -10.38 10.68 -8.30
C ARG A 441 -10.71 11.64 -7.15
N ALA A 442 -9.73 12.45 -6.78
CA ALA A 442 -9.86 13.29 -5.62
C ALA A 442 -10.88 14.39 -5.93
N LEU A 443 -10.76 15.00 -7.10
CA LEU A 443 -11.67 16.09 -7.51
C LEU A 443 -13.11 15.61 -7.57
N LEU A 444 -13.31 14.42 -8.12
CA LEU A 444 -14.62 13.79 -8.14
C LEU A 444 -15.19 13.52 -6.74
N ASP A 445 -14.33 13.07 -5.81
CA ASP A 445 -14.70 12.83 -4.41
C ASP A 445 -15.18 14.11 -3.72
N LEU A 446 -14.69 15.26 -4.22
CA LEU A 446 -15.01 16.58 -3.65
C LEU A 446 -16.14 17.28 -4.38
N GLY A 447 -16.59 16.68 -5.48
CA GLY A 447 -17.65 17.26 -6.29
C GLY A 447 -17.20 18.17 -7.42
N ASP A 448 -15.90 18.44 -7.53
CA ASP A 448 -15.37 19.34 -8.58
C ASP A 448 -15.32 18.61 -9.93
N VAL A 449 -16.50 18.37 -10.47
CA VAL A 449 -16.66 17.57 -11.67
C VAL A 449 -16.10 18.29 -12.92
N ALA A 450 -16.31 19.61 -12.98
CA ALA A 450 -15.85 20.42 -14.10
C ALA A 450 -14.32 20.37 -14.21
N LYS A 451 -13.62 20.75 -13.13
CA LYS A 451 -12.16 20.57 -13.07
C LYS A 451 -11.73 19.14 -13.46
N ALA A 452 -12.42 18.14 -12.91
CA ALA A 452 -12.08 16.72 -13.17
C ALA A 452 -12.17 16.36 -14.64
N THR A 453 -13.24 16.79 -15.29
CA THR A 453 -13.43 16.44 -16.70
C THR A 453 -12.43 17.16 -17.61
N ARG A 454 -12.15 18.43 -17.34
CA ARG A 454 -11.07 19.13 -18.05
C ARG A 454 -9.79 18.29 -17.97
N LYS A 455 -9.40 17.97 -16.74
CA LYS A 455 -8.21 17.17 -16.46
C LYS A 455 -8.19 15.82 -17.21
N LEU A 456 -9.31 15.11 -17.19
CA LEU A 456 -9.47 13.85 -17.94
C LEU A 456 -9.32 14.02 -19.43
N ASP A 457 -10.03 15.01 -19.99
CA ASP A 457 -10.04 15.26 -21.41
C ASP A 457 -8.63 15.61 -21.91
N ASP A 458 -7.90 16.39 -21.12
CA ASP A 458 -6.51 16.69 -21.43
C ASP A 458 -5.71 15.40 -21.46
N LEU A 459 -5.84 14.60 -20.41
CA LEU A 459 -5.12 13.34 -20.30
C LEU A 459 -5.47 12.39 -21.46
N ALA A 460 -6.74 12.28 -21.80
CA ALA A 460 -7.18 11.48 -22.96
C ALA A 460 -6.64 11.96 -24.30
N GLU A 461 -6.20 13.22 -24.37
CA GLU A 461 -5.67 13.72 -25.61
C GLU A 461 -4.22 13.32 -25.73
N ARG A 462 -3.55 13.12 -24.58
CA ARG A 462 -2.20 12.60 -24.59
C ARG A 462 -2.16 11.07 -24.74
N VAL A 463 -2.93 10.35 -23.94
CA VAL A 463 -2.81 8.88 -23.92
C VAL A 463 -4.02 8.12 -24.46
N GLY A 464 -5.06 8.84 -24.84
CA GLY A 464 -6.29 8.19 -25.32
C GLY A 464 -7.19 7.79 -24.17
N TRP A 465 -8.35 7.26 -24.49
CA TRP A 465 -9.29 6.79 -23.50
C TRP A 465 -8.98 5.36 -23.12
N ARG A 466 -7.89 5.19 -22.36
CA ARG A 466 -7.61 3.91 -21.70
C ARG A 466 -8.75 3.64 -20.72
N TRP A 467 -8.91 2.40 -20.27
CA TRP A 467 -10.05 2.02 -19.45
C TRP A 467 -10.19 2.78 -18.14
N ARG A 468 -9.07 3.15 -17.51
CA ARG A 468 -9.17 3.90 -16.25
C ARG A 468 -9.82 5.27 -16.49
N LEU A 469 -9.48 5.87 -17.64
CA LEU A 469 -10.09 7.13 -18.04
C LEU A 469 -11.60 6.98 -18.26
N VAL A 470 -11.98 5.88 -18.89
CA VAL A 470 -13.38 5.56 -19.13
C VAL A 470 -14.10 5.35 -17.79
N TRP A 471 -13.44 4.70 -16.83
CA TRP A 471 -14.01 4.51 -15.49
C TRP A 471 -14.34 5.88 -14.85
N TYR A 472 -13.31 6.72 -14.73
CA TYR A 472 -13.49 8.02 -14.10
C TYR A 472 -14.42 8.96 -14.91
N ARG A 473 -14.53 8.73 -16.22
CA ARG A 473 -15.52 9.44 -17.03
C ARG A 473 -16.95 9.06 -16.63
N ALA A 474 -17.20 7.74 -16.55
CA ALA A 474 -18.47 7.21 -16.07
C ALA A 474 -18.85 7.78 -14.70
N VAL A 475 -17.87 7.85 -13.80
CA VAL A 475 -18.09 8.43 -12.48
C VAL A 475 -18.50 9.90 -12.55
N ALA A 476 -17.86 10.65 -13.46
CA ALA A 476 -18.13 12.08 -13.64
C ALA A 476 -19.53 12.29 -14.18
N GLU A 477 -19.89 11.45 -15.13
CA GLU A 477 -21.20 11.43 -15.73
C GLU A 477 -22.29 11.08 -14.72
N LEU A 478 -21.95 10.33 -13.67
CA LEU A 478 -22.85 10.15 -12.52
C LEU A 478 -23.15 11.46 -11.79
N LEU A 479 -22.11 12.23 -11.50
CA LEU A 479 -22.29 13.51 -10.81
C LEU A 479 -23.01 14.54 -11.66
N THR A 480 -22.84 14.40 -12.98
CA THR A 480 -23.42 15.27 -13.98
C THR A 480 -24.90 14.93 -14.19
N GLY A 481 -25.30 13.72 -13.81
CA GLY A 481 -26.68 13.28 -14.03
C GLY A 481 -26.94 12.75 -15.44
N ASP A 482 -25.87 12.54 -16.20
CA ASP A 482 -25.94 11.94 -17.53
C ASP A 482 -25.84 10.46 -17.38
N TYR A 483 -26.94 9.82 -16.99
CA TYR A 483 -26.89 8.42 -16.62
C TYR A 483 -26.69 7.48 -17.80
N ASP A 484 -27.11 7.88 -19.00
CA ASP A 484 -26.98 7.00 -20.15
C ASP A 484 -25.53 6.77 -20.50
N SER A 485 -24.75 7.84 -20.50
CA SER A 485 -23.33 7.75 -20.82
C SER A 485 -22.57 7.00 -19.75
N ALA A 486 -22.97 7.23 -18.49
CA ALA A 486 -22.40 6.53 -17.33
C ALA A 486 -22.57 5.02 -17.48
N THR A 487 -23.79 4.59 -17.75
CA THR A 487 -24.09 3.20 -18.04
C THR A 487 -23.22 2.69 -19.19
N LYS A 488 -23.26 3.38 -20.34
CA LYS A 488 -22.39 3.05 -21.48
C LYS A 488 -20.91 2.84 -21.12
N HIS A 489 -20.34 3.80 -20.37
CA HIS A 489 -18.92 3.73 -20.00
C HIS A 489 -18.56 2.72 -18.90
N PHE A 490 -19.41 2.59 -17.88
CA PHE A 490 -19.22 1.54 -16.88
C PHE A 490 -19.30 0.15 -17.55
N THR A 491 -20.22 -0.01 -18.51
CA THR A 491 -20.39 -1.26 -19.24
C THR A 491 -19.13 -1.64 -20.02
N GLU A 492 -18.53 -0.67 -20.71
CA GLU A 492 -17.25 -0.84 -21.38
C GLU A 492 -16.18 -1.41 -20.44
N VAL A 493 -16.18 -0.93 -19.20
CA VAL A 493 -15.20 -1.38 -18.22
C VAL A 493 -15.59 -2.78 -17.76
N LEU A 494 -16.89 -3.01 -17.57
CA LEU A 494 -17.37 -4.31 -17.16
C LEU A 494 -17.00 -5.34 -18.18
N ASP A 495 -17.20 -5.02 -19.46
CA ASP A 495 -16.96 -5.93 -20.59
C ASP A 495 -15.47 -6.17 -20.78
N THR A 496 -14.65 -5.29 -20.23
CA THR A 496 -13.18 -5.46 -20.22
C THR A 496 -12.79 -6.38 -19.06
N PHE A 497 -13.53 -6.30 -17.96
CA PHE A 497 -13.24 -7.10 -16.76
C PHE A 497 -14.53 -7.71 -16.20
N PRO A 498 -15.08 -8.71 -16.92
CA PRO A 498 -16.40 -9.27 -16.60
C PRO A 498 -16.46 -9.98 -15.24
N GLY A 499 -15.31 -10.33 -14.69
CA GLY A 499 -15.22 -11.00 -13.40
C GLY A 499 -15.10 -10.05 -12.23
N GLU A 500 -15.15 -8.73 -12.49
CA GLU A 500 -15.06 -7.74 -11.39
C GLU A 500 -16.44 -7.29 -10.85
N LEU A 501 -16.54 -7.13 -9.53
CA LEU A 501 -17.82 -6.70 -8.94
C LEU A 501 -17.99 -5.19 -8.88
N ALA A 502 -16.89 -4.44 -8.83
CA ALA A 502 -16.94 -2.98 -8.83
C ALA A 502 -17.82 -2.41 -9.93
N PRO A 503 -17.58 -2.80 -11.22
CA PRO A 503 -18.39 -2.25 -12.32
C PRO A 503 -19.85 -2.67 -12.27
N LYS A 504 -20.14 -3.84 -11.72
CA LYS A 504 -21.51 -4.27 -11.59
C LYS A 504 -22.24 -3.43 -10.52
N LEU A 505 -21.56 -3.11 -9.45
CA LEU A 505 -22.15 -2.28 -8.40
C LEU A 505 -22.43 -0.86 -8.92
N ALA A 506 -21.48 -0.32 -9.67
CA ALA A 506 -21.58 1.02 -10.28
C ALA A 506 -22.78 1.08 -11.23
N LEU A 507 -22.97 0.04 -12.02
CA LEU A 507 -24.13 -0.06 -12.92
C LEU A 507 -25.44 -0.23 -12.20
N ALA A 508 -25.45 -1.00 -11.10
CA ALA A 508 -26.69 -1.12 -10.33
C ALA A 508 -27.08 0.24 -9.72
N ALA A 509 -26.09 0.98 -9.23
CA ALA A 509 -26.36 2.29 -8.62
C ALA A 509 -26.78 3.34 -9.64
N THR A 510 -26.22 3.25 -10.85
CA THR A 510 -26.61 4.15 -11.94
C THR A 510 -28.05 3.89 -12.30
N ALA A 511 -28.40 2.63 -12.56
CA ALA A 511 -29.78 2.26 -12.88
C ALA A 511 -30.77 2.86 -11.87
N GLU A 512 -30.47 2.71 -10.58
CA GLU A 512 -31.25 3.38 -9.52
C GLU A 512 -31.41 4.90 -9.62
N LEU A 513 -30.31 5.60 -9.83
CA LEU A 513 -30.37 7.03 -10.05
C LEU A 513 -31.24 7.36 -11.25
N ALA A 514 -31.10 6.58 -12.32
CA ALA A 514 -31.83 6.82 -13.56
C ALA A 514 -33.32 6.46 -13.48
N GLY A 515 -33.70 5.69 -12.47
CA GLY A 515 -35.08 5.24 -12.34
C GLY A 515 -35.41 4.09 -13.28
N ASN A 516 -34.40 3.32 -13.63
CA ASN A 516 -34.60 2.12 -14.44
C ASN A 516 -34.61 0.86 -13.59
N THR A 517 -35.38 -0.13 -14.05
CA THR A 517 -35.30 -1.46 -13.51
C THR A 517 -34.07 -2.09 -14.16
N ASP A 518 -33.20 -2.67 -13.32
CA ASP A 518 -31.98 -3.30 -13.76
C ASP A 518 -32.26 -4.71 -14.25
N GLU A 519 -32.34 -4.86 -15.57
CA GLU A 519 -32.68 -6.11 -16.23
C GLU A 519 -31.56 -7.15 -16.09
N HIS A 520 -30.38 -6.68 -15.67
CA HIS A 520 -29.22 -7.55 -15.43
C HIS A 520 -29.04 -7.98 -13.97
N LYS A 521 -29.84 -7.41 -13.06
CA LYS A 521 -29.85 -7.81 -11.65
C LYS A 521 -28.43 -7.80 -11.06
N PHE A 522 -27.74 -6.68 -11.24
CA PHE A 522 -26.37 -6.50 -10.80
C PHE A 522 -26.31 -6.56 -9.27
N TYR A 523 -27.21 -5.85 -8.59
CA TYR A 523 -27.27 -5.90 -7.11
C TYR A 523 -27.29 -7.34 -6.59
N GLN A 524 -28.16 -8.16 -7.18
CA GLN A 524 -28.34 -9.55 -6.79
C GLN A 524 -27.08 -10.37 -7.02
N THR A 525 -26.43 -10.13 -8.15
CA THR A 525 -25.21 -10.81 -8.52
C THR A 525 -24.09 -10.41 -7.57
N VAL A 526 -23.96 -9.12 -7.34
CA VAL A 526 -22.97 -8.59 -6.41
C VAL A 526 -23.14 -9.13 -4.98
N TRP A 527 -24.37 -9.10 -4.48
CA TRP A 527 -24.69 -9.55 -3.12
C TRP A 527 -24.57 -11.07 -2.96
N SER A 528 -25.08 -11.82 -3.94
CA SER A 528 -24.95 -13.28 -3.97
C SER A 528 -23.51 -13.74 -3.83
N THR A 529 -22.61 -12.96 -4.43
CA THR A 529 -21.22 -13.34 -4.57
C THR A 529 -20.41 -12.91 -3.36
N ASN A 530 -20.75 -11.78 -2.78
CA ASN A 530 -19.97 -11.20 -1.70
C ASN A 530 -20.88 -10.46 -0.71
N ASP A 531 -21.24 -11.17 0.36
CA ASP A 531 -22.05 -10.61 1.44
C ASP A 531 -21.26 -9.68 2.37
N GLY A 532 -20.11 -9.20 1.89
CA GLY A 532 -19.45 -8.04 2.49
C GLY A 532 -19.82 -6.74 1.79
N VAL A 533 -20.53 -6.84 0.66
CA VAL A 533 -20.85 -5.64 -0.11
C VAL A 533 -22.23 -5.14 0.31
N ILE A 534 -22.25 -4.45 1.44
CA ILE A 534 -23.50 -4.13 2.11
C ILE A 534 -24.41 -3.19 1.27
N SER A 535 -23.79 -2.24 0.57
CA SER A 535 -24.52 -1.41 -0.40
C SER A 535 -25.44 -2.23 -1.30
N ALA A 536 -24.96 -3.39 -1.77
CA ALA A 536 -25.71 -4.29 -2.66
C ALA A 536 -26.90 -4.96 -1.97
N ALA A 537 -26.77 -5.28 -0.69
CA ALA A 537 -27.87 -5.86 0.08
C ALA A 537 -29.05 -4.90 0.12
N PHE A 538 -28.78 -3.64 0.44
CA PHE A 538 -29.83 -2.62 0.52
C PHE A 538 -30.38 -2.26 -0.84
N GLY A 539 -29.47 -2.14 -1.83
CA GLY A 539 -29.87 -1.94 -3.21
C GLY A 539 -30.79 -3.04 -3.69
N LEU A 540 -30.36 -4.29 -3.49
CA LEU A 540 -31.15 -5.47 -3.88
C LEU A 540 -32.51 -5.50 -3.21
N ALA A 541 -32.53 -5.22 -1.90
CA ALA A 541 -33.74 -5.15 -1.11
C ALA A 541 -34.72 -4.10 -1.64
N ARG A 542 -34.23 -2.89 -1.91
CA ARG A 542 -35.04 -1.79 -2.47
C ARG A 542 -35.70 -2.16 -3.81
N ALA A 543 -35.00 -2.96 -4.61
CA ALA A 543 -35.52 -3.44 -5.89
C ALA A 543 -36.62 -4.48 -5.71
N ARG A 544 -36.43 -5.38 -4.75
CA ARG A 544 -37.47 -6.37 -4.40
C ARG A 544 -38.69 -5.72 -3.77
N SER A 545 -38.49 -4.71 -2.94
CA SER A 545 -39.62 -3.96 -2.35
C SER A 545 -40.44 -3.26 -3.42
N ALA A 546 -39.76 -2.70 -4.41
CA ALA A 546 -40.36 -1.98 -5.51
C ALA A 546 -41.35 -2.81 -6.30
N GLU A 547 -41.09 -4.11 -6.43
CA GLU A 547 -42.00 -4.99 -7.18
C GLU A 547 -42.82 -5.93 -6.30
N GLY A 548 -43.24 -5.43 -5.12
CA GLY A 548 -44.17 -6.16 -4.26
C GLY A 548 -43.59 -7.30 -3.44
N ASP A 549 -42.34 -7.66 -3.71
CA ASP A 549 -41.65 -8.74 -3.01
C ASP A 549 -41.04 -8.22 -1.70
N ARG A 550 -41.89 -7.94 -0.73
CA ARG A 550 -41.45 -7.47 0.59
C ARG A 550 -40.83 -8.61 1.37
N VAL A 551 -41.16 -9.84 0.96
CA VAL A 551 -40.64 -11.07 1.55
C VAL A 551 -39.16 -11.30 1.17
N GLY A 552 -38.83 -11.09 -0.08
CA GLY A 552 -37.46 -11.27 -0.58
C GLY A 552 -36.52 -10.20 -0.08
N ALA A 553 -37.02 -8.98 0.04
CA ALA A 553 -36.25 -7.86 0.56
C ALA A 553 -35.81 -8.13 1.99
N VAL A 554 -36.72 -8.65 2.82
CA VAL A 554 -36.40 -9.00 4.20
C VAL A 554 -35.47 -10.20 4.25
N ARG A 555 -35.71 -11.16 3.37
CA ARG A 555 -34.81 -12.29 3.16
C ARG A 555 -33.38 -11.79 2.87
N THR A 556 -33.27 -10.85 1.93
CA THR A 556 -31.99 -10.25 1.56
C THR A 556 -31.37 -9.50 2.72
N LEU A 557 -32.16 -8.67 3.39
CA LEU A 557 -31.65 -7.89 4.51
C LEU A 557 -31.20 -8.76 5.70
N ASP A 558 -31.79 -9.95 5.84
CA ASP A 558 -31.41 -10.90 6.92
C ASP A 558 -29.98 -11.44 6.75
N GLU A 559 -29.48 -11.40 5.52
CA GLU A 559 -28.15 -11.89 5.16
C GLU A 559 -27.04 -10.89 5.47
N VAL A 560 -27.41 -9.73 6.02
CA VAL A 560 -26.40 -8.76 6.41
C VAL A 560 -25.70 -9.31 7.67
N PRO A 561 -24.35 -9.48 7.62
CA PRO A 561 -23.61 -10.12 8.71
C PRO A 561 -23.71 -9.35 10.03
N PRO A 562 -23.91 -10.06 11.15
CA PRO A 562 -24.00 -9.45 12.49
C PRO A 562 -22.71 -8.72 12.92
N THR A 563 -21.64 -8.95 12.19
CA THR A 563 -20.37 -8.26 12.46
C THR A 563 -20.37 -6.82 11.96
N SER A 564 -21.33 -6.50 11.09
CA SER A 564 -21.39 -5.20 10.48
C SER A 564 -22.09 -4.14 11.35
N ARG A 565 -21.53 -2.94 11.35
CA ARG A 565 -22.14 -1.81 12.05
C ARG A 565 -23.51 -1.43 11.45
N HIS A 566 -23.80 -1.98 10.26
CA HIS A 566 -25.04 -1.76 9.54
C HIS A 566 -26.08 -2.83 9.78
N PHE A 567 -25.81 -3.72 10.75
CA PHE A 567 -26.69 -4.85 11.03
C PHE A 567 -28.00 -4.37 11.64
N THR A 568 -27.87 -3.53 12.66
CA THR A 568 -29.03 -2.94 13.31
C THR A 568 -29.87 -2.15 12.31
N THR A 569 -29.20 -1.36 11.46
CA THR A 569 -29.90 -0.63 10.43
C THR A 569 -30.69 -1.56 9.51
N ALA A 570 -30.04 -2.65 9.07
CA ALA A 570 -30.69 -3.66 8.19
C ALA A 570 -31.91 -4.29 8.85
N ARG A 571 -31.81 -4.52 10.16
CA ARG A 571 -32.88 -5.08 10.99
C ARG A 571 -34.07 -4.13 11.09
N LEU A 572 -33.79 -2.86 11.37
CA LEU A 572 -34.83 -1.85 11.42
C LEU A 572 -35.42 -1.60 10.03
N THR A 573 -34.57 -1.62 9.00
CA THR A 573 -35.03 -1.54 7.61
C THR A 573 -36.06 -2.62 7.27
N SER A 574 -35.79 -3.86 7.69
CA SER A 574 -36.75 -4.97 7.53
C SER A 574 -38.12 -4.62 8.10
N ALA A 575 -38.13 -4.14 9.34
CA ALA A 575 -39.37 -3.78 10.01
C ALA A 575 -40.10 -2.78 9.11
N VAL A 576 -39.40 -1.73 8.70
CA VAL A 576 -39.99 -0.67 7.84
C VAL A 576 -40.53 -1.22 6.51
N THR A 577 -39.79 -2.10 5.84
CA THR A 577 -40.26 -2.62 4.54
C THR A 577 -41.43 -3.57 4.71
N LEU A 578 -41.62 -4.09 5.92
CA LEU A 578 -42.69 -5.05 6.17
C LEU A 578 -44.04 -4.36 6.34
N LEU A 579 -44.00 -3.05 6.37
CA LEU A 579 -45.22 -2.29 6.54
C LEU A 579 -45.25 -1.13 5.57
N VAL A 587 -50.68 -7.67 3.98
CA VAL A 587 -50.03 -7.58 5.28
C VAL A 587 -50.73 -8.45 6.32
N THR A 588 -50.04 -9.49 6.76
CA THR A 588 -50.60 -10.49 7.66
C THR A 588 -50.17 -10.21 9.09
N GLU A 589 -50.69 -11.00 10.04
CA GLU A 589 -50.27 -10.89 11.42
C GLU A 589 -48.82 -11.33 11.60
N GLU A 590 -48.48 -12.42 10.91
CA GLU A 590 -47.15 -13.01 10.91
C GLU A 590 -46.08 -12.04 10.39
N GLN A 591 -46.47 -11.20 9.43
CA GLN A 591 -45.61 -10.10 8.96
C GLN A 591 -45.38 -9.05 10.05
N ILE A 592 -46.45 -8.69 10.76
CA ILE A 592 -46.36 -7.75 11.88
C ILE A 592 -45.49 -8.31 13.01
N ARG A 593 -45.61 -9.62 13.24
CA ARG A 593 -44.77 -10.31 14.21
C ARG A 593 -43.31 -10.33 13.76
N ASP A 594 -43.08 -10.60 12.48
CA ASP A 594 -41.76 -10.55 11.91
C ASP A 594 -41.14 -9.20 12.17
N ALA A 595 -41.90 -8.14 11.84
CA ALA A 595 -41.47 -6.76 12.04
C ALA A 595 -41.13 -6.49 13.51
N ALA A 596 -41.97 -6.98 14.43
CA ALA A 596 -41.76 -6.74 15.86
C ALA A 596 -40.55 -7.49 16.36
N ARG A 597 -40.35 -8.69 15.83
CA ARG A 597 -39.23 -9.54 16.25
C ARG A 597 -37.88 -8.90 15.96
N ARG A 598 -37.79 -8.22 14.82
CA ARG A 598 -36.55 -7.55 14.43
C ARG A 598 -36.26 -6.31 15.27
N VAL A 599 -37.30 -5.63 15.72
CA VAL A 599 -37.15 -4.40 16.53
C VAL A 599 -36.88 -4.77 17.98
N GLU A 600 -37.46 -5.91 18.39
CA GLU A 600 -37.53 -6.32 19.79
C GLU A 600 -36.18 -6.49 20.44
N ALA A 601 -35.25 -7.05 19.68
CA ALA A 601 -33.96 -7.44 20.21
C ALA A 601 -33.05 -6.24 20.51
N LEU A 602 -33.38 -5.08 19.93
CA LEU A 602 -32.52 -3.90 19.96
C LEU A 602 -32.83 -2.99 21.16
N PRO A 603 -31.78 -2.48 21.85
CA PRO A 603 -32.01 -1.69 23.08
C PRO A 603 -32.49 -0.27 22.77
N PRO A 604 -33.11 0.43 23.76
CA PRO A 604 -33.53 1.83 23.54
C PRO A 604 -32.30 2.75 23.31
N THR A 605 -31.13 2.19 23.58
CA THR A 605 -29.80 2.79 23.41
C THR A 605 -29.52 3.14 21.94
N GLU A 606 -29.86 2.21 21.06
CA GLU A 606 -29.59 2.33 19.64
C GLU A 606 -30.50 3.37 18.93
N PRO A 607 -29.88 4.29 18.14
CA PRO A 607 -30.61 5.31 17.39
C PRO A 607 -31.64 4.70 16.45
N ARG A 608 -32.84 5.29 16.42
CA ARG A 608 -33.94 4.92 15.51
C ARG A 608 -34.83 3.79 16.04
N VAL A 609 -34.48 3.24 17.18
CA VAL A 609 -35.21 2.10 17.73
C VAL A 609 -36.58 2.60 18.19
N LEU A 610 -36.58 3.72 18.91
CA LEU A 610 -37.78 4.27 19.48
C LEU A 610 -38.82 4.59 18.40
N GLN A 611 -38.38 5.19 17.30
CA GLN A 611 -39.27 5.62 16.25
C GLN A 611 -39.84 4.42 15.46
N ILE A 612 -39.07 3.35 15.35
CA ILE A 612 -39.50 2.17 14.62
C ILE A 612 -40.43 1.30 15.49
N ARG A 613 -40.15 1.27 16.79
CA ARG A 613 -41.07 0.70 17.78
C ARG A 613 -42.43 1.35 17.59
N ALA A 614 -42.45 2.68 17.66
CA ALA A 614 -43.65 3.47 17.42
C ALA A 614 -44.31 3.05 16.13
N LEU A 615 -43.53 3.01 15.04
CA LEU A 615 -44.05 2.66 13.72
C LEU A 615 -44.66 1.25 13.69
N VAL A 616 -44.02 0.30 14.35
CA VAL A 616 -44.45 -1.11 14.36
C VAL A 616 -45.76 -1.26 15.13
N LEU A 617 -45.79 -0.74 16.35
CA LEU A 617 -47.00 -0.69 17.17
C LEU A 617 -48.13 0.05 16.45
N GLY A 618 -47.79 1.18 15.82
CA GLY A 618 -48.70 1.87 14.90
C GLY A 618 -49.31 0.94 13.85
N GLY A 619 -48.47 0.22 13.11
CA GLY A 619 -48.94 -0.74 12.09
C GLY A 619 -49.88 -1.80 12.63
N ALA A 620 -49.55 -2.32 13.80
CA ALA A 620 -50.31 -3.36 14.48
C ALA A 620 -51.65 -2.86 15.00
N LEU A 621 -51.70 -1.57 15.33
CA LEU A 621 -52.95 -0.91 15.70
C LEU A 621 -53.91 -0.79 14.49
N ASP A 622 -53.41 -0.29 13.38
CA ASP A 622 -54.22 -0.14 12.16
C ASP A 622 -54.66 -1.49 11.64
N TRP A 623 -53.91 -2.53 11.99
CA TRP A 623 -54.23 -3.89 11.59
C TRP A 623 -55.44 -4.42 12.36
N LEU A 624 -55.48 -4.18 13.66
CA LEU A 624 -56.57 -4.69 14.51
C LEU A 624 -57.95 -4.10 14.15
N LYS A 625 -57.96 -3.05 13.34
CA LYS A 625 -59.20 -2.48 12.83
C LYS A 625 -59.94 -3.48 11.94
N ASP A 626 -59.16 -4.28 11.19
CA ASP A 626 -59.73 -5.23 10.23
C ASP A 626 -59.38 -6.69 10.49
N ASN A 627 -58.85 -6.99 11.67
CA ASN A 627 -58.31 -8.32 11.95
C ASN A 627 -58.29 -8.71 13.43
N LYS A 628 -58.11 -10.02 13.68
CA LYS A 628 -58.05 -10.56 15.04
C LYS A 628 -56.69 -11.19 15.32
N ALA A 629 -56.19 -10.95 16.53
CA ALA A 629 -54.89 -11.50 16.96
C ALA A 629 -55.03 -12.91 17.52
N SER A 630 -54.07 -13.76 17.18
CA SER A 630 -53.91 -15.07 17.82
C SER A 630 -52.58 -15.14 18.57
N THR A 631 -52.05 -13.98 18.90
CA THR A 631 -50.84 -13.82 19.68
C THR A 631 -51.18 -12.84 20.81
N ASN A 632 -50.43 -12.91 21.90
CA ASN A 632 -50.75 -12.16 23.13
C ASN A 632 -49.99 -10.84 23.36
N HIS A 633 -49.06 -10.52 22.47
CA HIS A 633 -48.27 -9.31 22.61
C HIS A 633 -47.49 -8.91 21.35
N ILE A 634 -47.36 -7.59 21.19
CA ILE A 634 -46.41 -6.96 20.27
C ILE A 634 -45.54 -6.01 21.09
N LEU A 635 -44.24 -6.23 21.03
CA LEU A 635 -43.22 -5.39 21.66
C LEU A 635 -43.31 -5.21 23.20
N GLY A 636 -44.02 -6.12 23.87
CA GLY A 636 -44.19 -6.05 25.32
C GLY A 636 -45.59 -5.63 25.73
N PHE A 637 -46.34 -5.10 24.78
CA PHE A 637 -47.70 -4.62 24.99
C PHE A 637 -48.71 -5.66 24.60
N PRO A 638 -49.82 -5.75 25.37
CA PRO A 638 -50.93 -6.61 25.01
C PRO A 638 -51.38 -6.38 23.56
N PHE A 639 -51.55 -7.48 22.84
CA PHE A 639 -52.02 -7.40 21.47
C PHE A 639 -53.54 -7.20 21.48
N THR A 640 -53.98 -6.17 22.17
CA THR A 640 -55.37 -5.73 22.17
C THR A 640 -55.38 -4.29 21.65
N SER A 641 -56.54 -3.78 21.22
CA SER A 641 -56.64 -2.37 20.85
C SER A 641 -56.14 -1.46 21.97
N HIS A 642 -56.47 -1.83 23.20
CA HIS A 642 -56.07 -1.06 24.36
C HIS A 642 -54.55 -1.07 24.57
N GLY A 643 -53.95 -2.26 24.42
CA GLY A 643 -52.51 -2.44 24.62
C GLY A 643 -51.67 -1.71 23.59
N LEU A 644 -52.08 -1.79 22.33
CA LEU A 644 -51.38 -1.15 21.22
C LEU A 644 -51.46 0.36 21.34
N ARG A 645 -52.66 0.88 21.64
CA ARG A 645 -52.84 2.32 21.88
C ARG A 645 -51.98 2.80 23.02
N LEU A 646 -51.93 1.98 24.08
CA LEU A 646 -51.06 2.28 25.21
C LEU A 646 -49.61 2.29 24.78
N GLY A 647 -49.22 1.30 23.97
CA GLY A 647 -47.87 1.19 23.42
C GLY A 647 -47.49 2.37 22.52
N VAL A 648 -48.36 2.69 21.57
CA VAL A 648 -48.17 3.84 20.69
C VAL A 648 -48.04 5.11 21.52
N GLU A 649 -49.00 5.29 22.44
CA GLU A 649 -48.99 6.43 23.33
C GLU A 649 -47.65 6.55 23.99
N ALA A 650 -47.23 5.50 24.70
CA ALA A 650 -46.00 5.54 25.48
C ALA A 650 -44.79 5.87 24.60
N SER A 651 -44.76 5.30 23.40
CA SER A 651 -43.72 5.55 22.39
C SER A 651 -43.66 7.03 22.00
N LEU A 652 -44.83 7.65 21.81
CA LEU A 652 -44.91 9.04 21.36
C LEU A 652 -44.44 9.99 22.43
N ARG A 653 -44.86 9.71 23.67
CA ARG A 653 -44.49 10.52 24.84
C ARG A 653 -43.02 10.39 25.15
N SER A 654 -42.45 9.24 24.81
CA SER A 654 -41.02 9.05 24.96
C SER A 654 -40.25 9.81 23.84
N LEU A 655 -40.80 9.80 22.63
CA LEU A 655 -40.22 10.56 21.52
C LEU A 655 -40.34 12.07 21.82
N ALA A 656 -41.46 12.46 22.45
CA ALA A 656 -41.67 13.87 22.82
C ALA A 656 -40.59 14.41 23.76
N ARG A 657 -40.13 13.57 24.69
CA ARG A 657 -39.08 13.96 25.63
C ARG A 657 -37.68 14.13 25.02
N VAL A 658 -37.46 13.58 23.82
CA VAL A 658 -36.16 13.73 23.12
C VAL A 658 -36.26 14.57 21.83
N ALA A 659 -37.44 15.15 21.58
CA ALA A 659 -37.69 15.93 20.37
C ALA A 659 -36.88 17.24 20.38
N PRO A 660 -35.99 17.43 19.38
CA PRO A 660 -35.06 18.57 19.44
C PRO A 660 -35.68 19.98 19.38
N THR A 661 -37.00 20.06 19.17
CA THR A 661 -37.71 21.36 19.17
C THR A 661 -39.00 21.27 19.98
N GLN A 662 -39.36 22.36 20.65
CA GLN A 662 -40.61 22.44 21.41
C GLN A 662 -41.85 22.32 20.52
N ARG A 663 -41.73 22.77 19.27
CA ARG A 663 -42.85 22.69 18.33
C ARG A 663 -43.19 21.24 18.04
N HIS A 664 -42.16 20.42 17.84
CA HIS A 664 -42.35 19.01 17.60
C HIS A 664 -42.76 18.23 18.84
N ARG A 665 -42.32 18.71 20.01
CA ARG A 665 -42.74 18.19 21.30
C ARG A 665 -44.28 18.28 21.43
N TYR A 666 -44.84 19.46 21.16
CA TYR A 666 -46.30 19.68 21.11
C TYR A 666 -47.03 18.74 20.14
N THR A 667 -46.39 18.44 19.00
CA THR A 667 -46.95 17.57 17.97
C THR A 667 -47.11 16.18 18.52
N LEU A 668 -46.03 15.65 19.11
CA LEU A 668 -46.05 14.31 19.65
C LEU A 668 -47.00 14.20 20.83
N VAL A 669 -47.01 15.20 21.70
CA VAL A 669 -47.89 15.20 22.86
C VAL A 669 -49.36 15.12 22.41
N ASP A 670 -49.75 16.01 21.51
CA ASP A 670 -51.06 15.98 20.88
C ASP A 670 -51.42 14.58 20.34
N MET A 671 -50.52 13.98 19.56
CA MET A 671 -50.74 12.65 18.98
C MET A 671 -50.86 11.60 20.06
N ALA A 672 -50.14 11.82 21.16
CA ALA A 672 -50.17 10.91 22.27
C ALA A 672 -51.53 10.95 22.96
N ASN A 673 -52.00 12.16 23.27
CA ASN A 673 -53.34 12.38 23.85
C ASN A 673 -54.44 11.76 22.99
N LYS A 674 -54.29 11.88 21.66
CA LYS A 674 -55.30 11.39 20.70
C LYS A 674 -55.40 9.87 20.63
N VAL A 675 -54.26 9.20 20.67
CA VAL A 675 -54.19 7.75 20.53
C VAL A 675 -54.45 7.07 21.88
N ARG A 676 -54.20 7.81 22.97
CA ARG A 676 -54.41 7.33 24.33
C ARG A 676 -55.72 6.52 24.47
N PRO A 677 -55.64 5.29 25.01
CA PRO A 677 -56.83 4.49 25.28
C PRO A 677 -57.61 5.05 26.46
N GLY B 1 29.63 23.84 -1.71
CA GLY B 1 30.98 23.23 -1.38
C GLY B 1 31.49 22.19 -2.37
N SER B 2 30.60 21.29 -2.78
CA SER B 2 30.81 20.24 -3.82
C SER B 2 30.98 18.80 -3.28
N HIS B 3 31.09 18.66 -1.96
CA HIS B 3 30.73 17.40 -1.31
C HIS B 3 29.25 17.56 -0.98
N MET B 4 28.40 16.68 -1.52
CA MET B 4 26.96 16.79 -1.28
C MET B 4 26.52 15.82 -0.18
N LEU B 5 26.93 16.11 1.05
CA LEU B 5 26.70 15.20 2.16
C LEU B 5 25.32 15.38 2.75
N GLY B 6 24.97 14.49 3.68
CA GLY B 6 23.64 14.49 4.31
C GLY B 6 22.52 14.41 3.29
N GLY B 7 22.68 13.52 2.31
CA GLY B 7 21.79 13.46 1.17
C GLY B 7 21.64 14.83 0.55
N GLY B 8 22.76 15.48 0.24
CA GLY B 8 22.75 16.79 -0.42
C GLY B 8 22.48 18.03 0.43
N LEU B 9 22.08 17.85 1.69
CA LEU B 9 21.72 18.97 2.58
C LEU B 9 22.94 19.77 3.06
N VAL B 10 24.09 19.11 3.19
CA VAL B 10 25.30 19.75 3.72
C VAL B 10 26.41 19.76 2.68
N GLU B 11 26.86 20.95 2.34
CA GLU B 11 27.89 21.10 1.34
C GLU B 11 29.20 21.45 2.04
N ILE B 12 30.19 20.61 1.86
CA ILE B 12 31.50 20.89 2.39
C ILE B 12 32.48 20.80 1.21
N PRO B 13 33.49 21.68 1.18
CA PRO B 13 34.42 21.76 0.03
C PRO B 13 35.38 20.57 -0.09
N ARG B 14 35.53 20.05 -1.29
CA ARG B 14 36.48 18.96 -1.60
C ARG B 14 37.93 19.49 -1.55
N ALA B 15 38.73 18.94 -0.65
CA ALA B 15 40.16 19.25 -0.55
C ALA B 15 40.96 18.16 -1.24
N PRO B 16 42.09 18.52 -1.89
CA PRO B 16 42.89 17.45 -2.49
C PRO B 16 43.48 16.55 -1.40
N ASP B 17 43.52 15.25 -1.66
CA ASP B 17 44.15 14.31 -0.73
C ASP B 17 45.63 14.57 -0.65
N ILE B 18 46.19 14.30 0.53
CA ILE B 18 47.62 14.44 0.78
C ILE B 18 48.46 13.38 0.05
N ASP B 19 49.47 13.83 -0.69
CA ASP B 19 50.46 12.89 -1.25
C ASP B 19 51.15 12.18 -0.09
N PRO B 20 51.25 10.83 -0.16
CA PRO B 20 51.90 10.01 0.86
C PRO B 20 53.17 10.64 1.48
N LEU B 21 54.11 11.06 0.63
CA LEU B 21 55.39 11.64 1.10
C LEU B 21 55.23 12.98 1.83
N GLU B 22 54.18 13.71 1.48
CA GLU B 22 53.87 14.99 2.12
C GLU B 22 53.25 14.79 3.50
N ALA B 23 52.71 13.60 3.73
CA ALA B 23 52.12 13.24 5.01
C ALA B 23 53.14 12.96 6.13
N LEU B 24 54.41 12.74 5.75
CA LEU B 24 55.46 12.31 6.71
C LEU B 24 55.84 13.37 7.72
N MET B 25 55.89 12.96 8.99
CA MET B 25 56.31 13.82 10.08
C MET B 25 57.83 13.89 10.18
N THR B 26 58.35 15.10 10.35
CA THR B 26 59.80 15.31 10.34
C THR B 26 60.42 14.84 11.68
N ASN B 27 59.83 15.28 12.78
CA ASN B 27 60.30 14.94 14.11
C ASN B 27 59.10 14.45 14.95
N PRO B 28 58.67 13.20 14.71
CA PRO B 28 57.49 12.69 15.43
C PRO B 28 57.70 12.61 16.97
N VAL B 29 56.89 13.37 17.71
CA VAL B 29 56.95 13.39 19.15
C VAL B 29 55.56 13.52 19.76
N VAL B 30 55.27 12.69 20.75
CA VAL B 30 54.09 12.91 21.60
C VAL B 30 54.53 13.77 22.78
N PRO B 31 54.00 15.00 22.89
CA PRO B 31 54.43 15.86 24.00
C PRO B 31 53.84 15.38 25.32
N GLU B 32 54.53 15.67 26.42
CA GLU B 32 54.14 15.16 27.73
C GLU B 32 52.67 15.40 28.13
N SER B 33 52.08 16.46 27.59
CA SER B 33 50.65 16.79 27.80
C SER B 33 49.71 15.61 27.52
N LYS B 34 50.03 14.82 26.49
CA LYS B 34 49.14 13.76 26.00
C LYS B 34 49.59 12.33 26.32
N ARG B 35 50.59 12.22 27.19
CA ARG B 35 51.10 10.90 27.59
C ARG B 35 50.27 10.28 28.72
N PHE B 36 49.61 9.17 28.41
CA PHE B 36 48.77 8.46 29.36
C PHE B 36 48.93 6.96 29.15
N CYS B 37 48.94 6.21 30.25
CA CYS B 37 48.91 4.76 30.19
C CYS B 37 47.67 4.23 29.44
N TRP B 38 47.93 3.44 28.41
CA TRP B 38 46.90 2.81 27.63
C TRP B 38 45.98 1.90 28.46
N ASN B 39 46.50 1.41 29.59
CA ASN B 39 45.79 0.45 30.44
C ASN B 39 44.99 1.01 31.60
N CYS B 40 45.57 1.94 32.35
CA CYS B 40 44.86 2.45 33.53
C CYS B 40 44.46 3.91 33.35
N GLY B 41 45.05 4.55 32.34
CA GLY B 41 44.72 5.91 31.98
C GLY B 41 45.54 6.98 32.69
N ARG B 42 46.40 6.57 33.63
CA ARG B 42 47.15 7.55 34.42
C ARG B 42 48.21 8.25 33.59
N PRO B 43 48.50 9.55 33.91
CA PRO B 43 49.61 10.26 33.28
C PRO B 43 50.89 9.46 33.40
N VAL B 44 51.58 9.32 32.28
CA VAL B 44 52.80 8.53 32.20
C VAL B 44 53.92 9.34 31.53
N GLY B 45 55.16 8.92 31.73
CA GLY B 45 56.32 9.54 31.08
C GLY B 45 56.47 11.04 31.21
N ARG B 46 56.12 11.58 32.38
CA ARG B 46 56.25 13.02 32.65
C ARG B 46 57.54 13.34 33.41
N GLY B 53 61.67 13.36 31.90
CA GLY B 53 60.48 12.73 31.31
C GLY B 53 60.77 11.66 30.26
N ALA B 54 60.50 10.41 30.61
CA ALA B 54 60.84 9.26 29.75
C ALA B 54 59.84 9.04 28.60
N SER B 55 60.38 8.82 27.41
CA SER B 55 59.56 8.56 26.24
C SER B 55 59.06 7.12 26.22
N GLU B 56 59.83 6.22 26.82
CA GLU B 56 59.41 4.82 26.96
C GLU B 56 59.84 4.20 28.29
N GLY B 57 59.11 3.16 28.69
CA GLY B 57 59.27 2.56 30.00
C GLY B 57 58.03 1.77 30.36
N TRP B 58 57.76 1.68 31.65
CA TRP B 58 56.61 0.96 32.18
C TRP B 58 55.81 1.87 33.11
N CYS B 59 54.50 1.71 33.17
CA CYS B 59 53.69 2.46 34.16
C CYS B 59 54.00 1.97 35.58
N PRO B 60 54.38 2.91 36.48
CA PRO B 60 54.72 2.52 37.84
C PRO B 60 53.48 2.11 38.62
N TYR B 61 52.31 2.55 38.15
CA TYR B 61 51.03 2.22 38.78
C TYR B 61 50.47 0.87 38.36
N CYS B 62 50.65 0.48 37.11
CA CYS B 62 50.10 -0.80 36.67
C CYS B 62 51.08 -1.82 36.06
N GLY B 63 52.30 -1.39 35.75
CA GLY B 63 53.32 -2.25 35.15
C GLY B 63 53.14 -2.50 33.67
N SER B 64 52.22 -1.75 33.05
CA SER B 64 51.97 -1.87 31.62
C SER B 64 53.07 -1.10 30.91
N PRO B 65 53.77 -1.76 29.94
CA PRO B 65 54.83 -1.10 29.17
C PRO B 65 54.24 -0.02 28.26
N TYR B 66 55.00 1.03 27.99
CA TYR B 66 54.55 2.07 27.07
C TYR B 66 55.71 2.57 26.23
N SER B 67 55.43 2.99 25.00
CA SER B 67 56.41 3.72 24.21
C SER B 67 55.74 4.82 23.41
N PHE B 68 56.38 5.99 23.35
CA PHE B 68 55.90 7.08 22.50
C PHE B 68 56.91 7.37 21.38
N LEU B 69 57.69 6.33 21.07
CA LEU B 69 58.75 6.41 20.08
C LEU B 69 58.42 5.49 18.91
N PRO B 70 58.72 5.95 17.67
CA PRO B 70 58.42 5.15 16.50
C PRO B 70 59.07 3.77 16.64
N GLN B 71 58.41 2.73 16.19
CA GLN B 71 58.97 1.38 16.36
C GLN B 71 59.50 0.84 15.05
N LEU B 72 59.22 1.58 13.97
CA LEU B 72 59.82 1.32 12.67
C LEU B 72 60.51 2.60 12.20
N ASN B 73 61.67 2.43 11.56
CA ASN B 73 62.48 3.56 11.09
C ASN B 73 62.47 3.64 9.58
N PRO B 74 62.60 4.86 9.02
CA PRO B 74 62.66 5.01 7.57
C PRO B 74 63.73 4.11 6.95
N GLY B 75 63.39 3.42 5.85
CA GLY B 75 64.30 2.47 5.21
C GLY B 75 64.16 1.03 5.69
N ASP B 76 63.44 0.81 6.80
CA ASP B 76 63.18 -0.55 7.28
C ASP B 76 62.41 -1.30 6.23
N ILE B 77 62.86 -2.51 5.93
CA ILE B 77 62.15 -3.39 5.02
C ILE B 77 61.40 -4.38 5.91
N VAL B 78 60.07 -4.42 5.76
CA VAL B 78 59.26 -5.30 6.58
C VAL B 78 58.71 -6.43 5.72
N ALA B 79 58.88 -7.67 6.21
CA ALA B 79 58.48 -8.91 5.53
C ALA B 79 58.97 -9.03 4.08
N GLY B 80 60.17 -8.52 3.82
CA GLY B 80 60.75 -8.48 2.47
C GLY B 80 59.95 -7.75 1.42
N GLN B 81 59.02 -6.89 1.85
CA GLN B 81 58.02 -6.27 0.97
C GLN B 81 57.84 -4.74 1.15
N TYR B 82 57.76 -4.30 2.41
CA TYR B 82 57.38 -2.91 2.73
C TYR B 82 58.57 -2.03 3.14
N GLU B 83 58.87 -1.02 2.32
CA GLU B 83 59.89 -0.04 2.67
C GLU B 83 59.31 1.09 3.50
N VAL B 84 59.66 1.14 4.78
CA VAL B 84 59.14 2.13 5.71
C VAL B 84 59.68 3.50 5.37
N LYS B 85 58.79 4.48 5.36
CA LYS B 85 59.14 5.84 5.03
C LYS B 85 59.14 6.74 6.26
N GLY B 86 58.30 6.40 7.24
CA GLY B 86 58.20 7.17 8.47
C GLY B 86 56.80 7.24 9.03
N CYS B 87 56.61 8.19 9.95
CA CYS B 87 55.34 8.37 10.67
C CYS B 87 54.44 9.43 10.05
N ILE B 88 53.14 9.15 10.08
CA ILE B 88 52.15 10.08 9.53
C ILE B 88 51.06 10.46 10.52
N ALA B 89 50.91 9.68 11.58
CA ALA B 89 49.93 9.96 12.64
C ALA B 89 50.27 9.17 13.90
N HIS B 90 49.49 9.36 14.97
CA HIS B 90 49.68 8.70 16.24
C HIS B 90 48.36 8.46 16.93
N GLY B 91 48.22 7.31 17.59
CA GLY B 91 47.02 6.99 18.37
C GLY B 91 47.32 6.11 19.56
N GLY B 92 46.27 5.55 20.15
CA GLY B 92 46.39 4.70 21.34
C GLY B 92 47.33 3.50 21.18
N LEU B 93 47.47 3.00 19.94
CA LEU B 93 48.36 1.89 19.65
C LEU B 93 49.69 2.35 19.04
N GLY B 94 50.11 3.57 19.36
CA GLY B 94 51.39 4.09 18.91
C GLY B 94 51.31 4.76 17.56
N TRP B 95 52.47 4.93 16.92
CA TRP B 95 52.56 5.66 15.66
C TRP B 95 51.99 4.88 14.50
N ILE B 96 51.59 5.63 13.48
CA ILE B 96 51.05 5.08 12.24
C ILE B 96 52.13 5.33 11.19
N TYR B 97 52.49 4.28 10.46
CA TYR B 97 53.65 4.35 9.59
C TYR B 97 53.26 4.29 8.13
N LEU B 98 53.83 5.19 7.32
CA LEU B 98 53.80 5.01 5.88
C LEU B 98 54.95 4.10 5.45
N ALA B 99 54.64 3.26 4.47
CA ALA B 99 55.62 2.41 3.84
C ALA B 99 55.23 2.28 2.38
N LEU B 100 56.16 1.77 1.58
CA LEU B 100 55.92 1.52 0.17
C LEU B 100 55.94 0.02 -0.09
N ASP B 101 54.90 -0.45 -0.77
CA ASP B 101 54.72 -1.86 -1.04
C ASP B 101 55.45 -2.24 -2.33
N ARG B 102 56.66 -2.76 -2.18
CA ARG B 102 57.51 -3.09 -3.31
C ARG B 102 56.95 -4.21 -4.19
N ASN B 103 55.88 -4.85 -3.73
CA ASN B 103 55.31 -6.00 -4.45
C ASN B 103 54.16 -5.62 -5.36
N VAL B 104 53.51 -4.48 -5.08
CA VAL B 104 52.37 -4.04 -5.86
C VAL B 104 52.58 -2.59 -6.35
N ASN B 105 53.58 -2.43 -7.21
CA ASN B 105 53.82 -1.17 -7.93
C ASN B 105 54.34 -0.02 -7.05
N GLY B 106 54.81 -0.38 -5.86
CA GLY B 106 55.36 0.59 -4.91
C GLY B 106 54.29 1.49 -4.32
N ARG B 107 53.06 1.00 -4.29
CA ARG B 107 51.93 1.74 -3.75
C ARG B 107 52.11 2.12 -2.27
N PRO B 108 51.48 3.24 -1.82
CA PRO B 108 51.63 3.62 -0.42
C PRO B 108 50.70 2.75 0.44
N VAL B 109 51.25 2.27 1.56
CA VAL B 109 50.46 1.51 2.51
C VAL B 109 50.68 2.07 3.92
N VAL B 110 49.84 1.64 4.85
CA VAL B 110 49.92 2.06 6.24
C VAL B 110 50.02 0.82 7.16
N LEU B 111 50.97 0.87 8.08
CA LEU B 111 51.16 -0.17 9.09
C LEU B 111 50.81 0.40 10.45
N LYS B 112 50.14 -0.41 11.26
CA LYS B 112 49.77 -0.07 12.64
C LYS B 112 49.97 -1.30 13.51
N GLY B 113 50.39 -1.09 14.76
CA GLY B 113 50.58 -2.19 15.72
C GLY B 113 49.23 -2.80 16.04
N LEU B 114 49.20 -4.08 16.42
CA LEU B 114 47.92 -4.73 16.71
C LEU B 114 47.60 -4.74 18.20
N VAL B 115 48.66 -4.63 18.98
CA VAL B 115 48.63 -5.01 20.38
C VAL B 115 49.67 -4.19 21.13
N HIS B 116 49.35 -3.82 22.38
CA HIS B 116 50.20 -2.94 23.20
C HIS B 116 51.53 -3.55 23.68
N SER B 117 51.56 -4.88 23.79
CA SER B 117 52.75 -5.66 24.20
C SER B 117 52.41 -7.13 24.12
N GLY B 118 53.42 -8.00 24.10
CA GLY B 118 53.19 -9.45 24.09
C GLY B 118 54.31 -10.28 23.48
N ASP B 119 54.57 -11.44 24.06
CA ASP B 119 55.60 -12.34 23.54
C ASP B 119 55.31 -12.79 22.10
N ALA B 120 56.21 -13.59 21.52
CA ALA B 120 56.09 -14.04 20.13
C ALA B 120 54.77 -14.70 19.83
N GLU B 121 54.24 -15.47 20.79
CA GLU B 121 53.00 -16.22 20.60
C GLU B 121 51.80 -15.28 20.55
N ALA B 122 51.80 -14.29 21.45
CA ALA B 122 50.73 -13.31 21.55
C ALA B 122 50.65 -12.45 20.29
N GLN B 123 51.80 -12.12 19.73
CA GLN B 123 51.86 -11.30 18.53
C GLN B 123 51.30 -12.07 17.34
N ALA B 124 51.69 -13.35 17.23
CA ALA B 124 51.19 -14.27 16.18
C ALA B 124 49.69 -14.47 16.28
N MET B 125 49.21 -14.58 17.51
CA MET B 125 47.81 -14.72 17.84
C MET B 125 47.03 -13.48 17.39
N ALA B 126 47.55 -12.31 17.70
CA ALA B 126 46.87 -11.07 17.32
C ALA B 126 46.71 -10.98 15.80
N MET B 127 47.70 -11.46 15.05
CA MET B 127 47.60 -11.52 13.59
C MET B 127 46.60 -12.56 13.10
N ALA B 128 46.75 -13.81 13.59
CA ALA B 128 45.88 -14.92 13.19
C ALA B 128 44.40 -14.68 13.50
N GLU B 129 44.11 -14.02 14.62
CA GLU B 129 42.72 -13.71 14.95
C GLU B 129 42.14 -12.60 14.09
N ARG B 130 42.99 -11.71 13.59
CA ARG B 130 42.51 -10.60 12.78
C ARG B 130 42.53 -10.88 11.29
N GLN B 131 42.90 -12.10 10.91
CA GLN B 131 43.03 -12.46 9.51
C GLN B 131 41.76 -12.19 8.64
N PHE B 132 40.58 -12.41 9.23
CA PHE B 132 39.27 -12.23 8.57
C PHE B 132 39.00 -10.79 8.11
N LEU B 133 39.70 -9.82 8.69
CA LEU B 133 39.49 -8.40 8.38
C LEU B 133 39.71 -8.12 6.90
N ALA B 134 40.47 -8.99 6.26
CA ALA B 134 40.76 -8.88 4.83
C ALA B 134 39.53 -9.15 3.98
N GLU B 135 38.60 -9.94 4.50
CA GLU B 135 37.36 -10.25 3.80
C GLU B 135 36.26 -9.25 4.14
N VAL B 136 36.55 -8.34 5.05
CA VAL B 136 35.60 -7.29 5.39
C VAL B 136 35.78 -6.14 4.40
N VAL B 137 34.87 -6.05 3.42
CA VAL B 137 35.00 -5.11 2.31
C VAL B 137 33.75 -4.24 2.12
N HIS B 138 33.95 -2.92 2.12
CA HIS B 138 32.88 -1.96 1.90
C HIS B 138 33.48 -0.67 1.34
N PRO B 139 32.76 0.01 0.41
CA PRO B 139 33.27 1.27 -0.17
C PRO B 139 33.69 2.35 0.86
N SER B 140 33.06 2.35 2.03
CA SER B 140 33.35 3.38 3.03
C SER B 140 34.29 2.90 4.13
N ILE B 141 34.96 1.77 3.88
CA ILE B 141 35.85 1.18 4.88
C ILE B 141 37.26 0.94 4.28
N VAL B 142 38.29 1.30 5.04
CA VAL B 142 39.69 1.06 4.66
C VAL B 142 39.97 -0.43 4.32
N GLN B 143 40.67 -0.64 3.20
CA GLN B 143 41.05 -2.00 2.76
C GLN B 143 42.23 -2.54 3.56
N ILE B 144 42.17 -3.83 3.91
CA ILE B 144 43.27 -4.51 4.60
C ILE B 144 44.03 -5.37 3.61
N PHE B 145 45.35 -5.18 3.57
CA PHE B 145 46.19 -5.88 2.61
C PHE B 145 46.97 -7.06 3.20
N ASN B 146 47.38 -6.97 4.45
CA ASN B 146 48.30 -7.97 4.98
C ASN B 146 48.48 -7.90 6.48
N PHE B 147 49.07 -8.95 7.05
CA PHE B 147 49.55 -8.95 8.43
C PHE B 147 50.98 -9.40 8.43
N VAL B 148 51.79 -8.72 9.24
CA VAL B 148 53.23 -8.72 9.08
C VAL B 148 53.94 -8.60 10.45
N GLU B 149 55.08 -9.28 10.61
CA GLU B 149 55.94 -9.15 11.80
C GLU B 149 57.26 -8.43 11.53
N HIS B 150 57.65 -7.56 12.45
CA HIS B 150 58.98 -6.97 12.43
C HIS B 150 59.54 -6.96 13.85
N THR B 151 60.86 -6.99 13.97
CA THR B 151 61.51 -6.87 15.26
C THR B 151 61.52 -5.42 15.77
N ASP B 152 61.62 -5.25 17.09
CA ASP B 152 61.35 -3.96 17.75
C ASP B 152 62.58 -3.18 18.25
N ARG B 153 63.65 -3.92 18.55
CA ARG B 153 64.95 -3.40 19.03
C ARG B 153 65.65 -4.43 19.91
N HIS B 154 64.85 -5.21 20.64
CA HIS B 154 65.35 -6.19 21.59
C HIS B 154 65.38 -7.58 20.95
N GLY B 155 64.97 -7.64 19.69
CA GLY B 155 64.94 -8.92 18.96
C GLY B 155 63.64 -9.64 19.25
N ASP B 156 62.63 -8.86 19.64
CA ASP B 156 61.30 -9.39 19.92
C ASP B 156 60.39 -9.07 18.73
N PRO B 157 59.68 -10.09 18.21
CA PRO B 157 58.79 -9.94 17.06
C PRO B 157 57.63 -9.07 17.46
N VAL B 158 57.16 -8.22 16.54
CA VAL B 158 56.00 -7.36 16.78
C VAL B 158 55.09 -7.42 15.56
N GLY B 159 53.80 -7.67 15.74
CA GLY B 159 52.88 -7.76 14.61
C GLY B 159 52.23 -6.45 14.20
N TYR B 160 52.05 -6.29 12.89
CA TYR B 160 51.46 -5.10 12.30
C TYR B 160 50.41 -5.52 11.34
N ILE B 161 49.38 -4.69 11.21
CA ILE B 161 48.44 -4.77 10.14
C ILE B 161 48.87 -3.79 9.03
N VAL B 162 48.72 -4.22 7.78
CA VAL B 162 48.96 -3.33 6.66
C VAL B 162 47.67 -2.99 5.91
N MET B 163 47.47 -1.68 5.76
CA MET B 163 46.23 -1.08 5.30
C MET B 163 46.46 -0.21 4.09
N GLU B 164 45.35 0.17 3.49
CA GLU B 164 45.28 1.24 2.51
C GLU B 164 45.74 2.57 3.11
N TYR B 165 46.53 3.31 2.34
CA TYR B 165 46.86 4.67 2.71
C TYR B 165 45.71 5.57 2.30
N VAL B 166 45.17 6.30 3.25
CA VAL B 166 44.06 7.23 3.02
C VAL B 166 44.48 8.65 3.41
N GLY B 167 44.52 9.54 2.41
CA GLY B 167 45.07 10.88 2.59
C GLY B 167 44.06 11.95 2.89
N GLY B 168 43.08 11.63 3.71
CA GLY B 168 42.05 12.58 4.09
C GLY B 168 42.42 13.35 5.33
N GLN B 169 41.38 13.90 5.96
CA GLN B 169 41.47 14.60 7.23
C GLN B 169 40.53 13.90 8.20
N SER B 170 41.03 13.53 9.37
CA SER B 170 40.21 12.88 10.38
C SER B 170 39.37 13.94 11.03
N LEU B 171 38.37 13.54 11.80
CA LEU B 171 37.50 14.50 12.45
C LEU B 171 38.02 14.92 13.83
N LYS B 172 39.20 14.43 14.19
CA LYS B 172 39.87 14.88 15.38
C LYS B 172 40.79 16.07 15.05
N GLN B 177 38.76 22.64 17.93
CA GLN B 177 37.67 22.22 18.81
C GLN B 177 36.45 21.66 18.04
N LYS B 178 35.44 22.49 17.73
CA LYS B 178 34.07 21.98 17.44
C LYS B 178 33.50 22.13 16.02
N LEU B 179 32.60 21.22 15.69
CA LEU B 179 31.88 21.20 14.42
C LEU B 179 30.48 21.82 14.53
N PRO B 180 30.04 22.56 13.49
CA PRO B 180 28.61 22.89 13.38
C PRO B 180 27.78 21.61 13.41
N VAL B 181 26.67 21.62 14.14
CA VAL B 181 25.84 20.43 14.32
C VAL B 181 25.54 19.69 13.01
N ALA B 182 25.27 20.44 11.95
CA ALA B 182 24.82 19.91 10.66
C ALA B 182 25.94 19.17 9.95
N GLU B 183 27.16 19.72 10.03
CA GLU B 183 28.36 19.03 9.53
C GLU B 183 28.57 17.68 10.17
N ALA B 184 28.56 17.65 11.50
CA ALA B 184 28.84 16.45 12.29
C ALA B 184 27.85 15.38 11.94
N ILE B 185 26.57 15.70 12.07
CA ILE B 185 25.47 14.78 11.73
C ILE B 185 25.72 14.21 10.32
N ALA B 186 26.04 15.07 9.37
CA ALA B 186 26.18 14.66 7.99
C ALA B 186 27.33 13.69 7.83
N TYR B 187 28.44 13.97 8.50
CA TYR B 187 29.58 13.07 8.49
C TYR B 187 29.20 11.70 9.03
N LEU B 188 28.55 11.69 10.19
CA LEU B 188 28.12 10.42 10.77
C LEU B 188 27.10 9.68 9.95
N LEU B 189 26.21 10.40 9.28
CA LEU B 189 25.28 9.80 8.33
C LEU B 189 25.98 9.08 7.18
N GLU B 190 27.17 9.52 6.83
CA GLU B 190 27.86 8.94 5.68
C GLU B 190 28.54 7.61 6.04
N ILE B 191 28.82 7.40 7.33
CA ILE B 191 29.45 6.16 7.78
C ILE B 191 28.48 5.14 8.41
N LEU B 192 27.23 5.54 8.62
CA LEU B 192 26.27 4.62 9.20
C LEU B 192 25.96 3.37 8.37
N PRO B 193 25.88 3.51 7.03
CA PRO B 193 25.79 2.30 6.18
C PRO B 193 26.96 1.33 6.33
N ALA B 194 28.12 1.82 6.76
CA ALA B 194 29.30 0.95 6.94
C ALA B 194 29.14 0.08 8.20
N LEU B 195 28.63 0.69 9.26
CA LEU B 195 28.28 -0.01 10.49
C LEU B 195 27.14 -1.02 10.29
N SER B 196 26.14 -0.66 9.48
CA SER B 196 25.06 -1.59 9.16
C SER B 196 25.56 -2.83 8.45
N TYR B 197 26.54 -2.64 7.55
CA TYR B 197 27.10 -3.77 6.83
C TYR B 197 27.81 -4.71 7.81
N LEU B 198 28.67 -4.15 8.65
CA LEU B 198 29.41 -4.93 9.64
C LEU B 198 28.44 -5.69 10.50
N HIS B 199 27.44 -4.98 11.03
CA HIS B 199 26.42 -5.63 11.84
C HIS B 199 25.69 -6.74 11.09
N SER B 200 25.51 -6.57 9.77
CA SER B 200 24.84 -7.58 8.94
C SER B 200 25.66 -8.86 8.79
N ILE B 201 26.98 -8.73 8.97
CA ILE B 201 27.84 -9.92 8.96
C ILE B 201 28.32 -10.35 10.35
N GLY B 202 27.57 -9.95 11.38
CA GLY B 202 27.79 -10.41 12.76
C GLY B 202 28.98 -9.74 13.43
N LEU B 203 29.34 -8.57 12.93
CA LEU B 203 30.51 -7.86 13.39
C LEU B 203 30.16 -6.48 13.93
N VAL B 204 30.99 -6.02 14.84
CA VAL B 204 30.75 -4.76 15.50
C VAL B 204 32.07 -3.98 15.45
N TYR B 205 32.00 -2.66 15.22
CA TYR B 205 33.19 -1.83 14.96
C TYR B 205 33.94 -1.41 16.24
N ASN B 206 33.20 -1.24 17.33
CA ASN B 206 33.79 -1.10 18.68
C ASN B 206 34.51 0.22 19.02
N ASP B 207 35.27 0.76 18.07
CA ASP B 207 36.15 1.91 18.36
C ASP B 207 35.82 3.16 17.54
N LEU B 208 34.55 3.37 17.17
CA LEU B 208 34.14 4.62 16.54
C LEU B 208 34.37 5.89 17.38
N LYS B 209 35.13 6.82 16.80
CA LYS B 209 35.41 8.13 17.37
C LYS B 209 36.01 9.00 16.26
N PRO B 210 36.11 10.33 16.48
CA PRO B 210 36.52 11.27 15.41
C PRO B 210 37.84 10.92 14.71
N GLU B 211 38.85 10.47 15.47
CA GLU B 211 40.13 10.03 14.91
C GLU B 211 39.99 8.92 13.85
N ASN B 212 38.95 8.11 13.95
CA ASN B 212 38.72 6.97 13.01
C ASN B 212 37.92 7.30 11.78
N ILE B 213 37.31 8.48 11.76
CA ILE B 213 36.48 8.91 10.64
C ILE B 213 37.27 9.93 9.84
N MET B 214 37.42 9.64 8.55
CA MET B 214 38.24 10.47 7.72
C MET B 214 37.46 10.93 6.49
N LEU B 215 37.48 12.23 6.27
CA LEU B 215 36.96 12.78 5.02
C LEU B 215 38.08 12.83 4.00
N THR B 216 37.82 12.31 2.80
CA THR B 216 38.79 12.33 1.70
C THR B 216 38.27 13.20 0.53
N GLU B 217 39.07 13.35 -0.53
CA GLU B 217 38.62 13.94 -1.81
C GLU B 217 37.20 13.51 -2.19
N GLU B 218 36.92 12.22 -1.99
CA GLU B 218 35.73 11.57 -2.51
C GLU B 218 34.65 11.26 -1.47
N GLN B 219 35.07 10.70 -0.34
CA GLN B 219 34.19 10.04 0.62
C GLN B 219 34.57 10.33 2.05
N LEU B 220 33.68 9.94 2.95
CA LEU B 220 34.06 9.68 4.32
C LEU B 220 34.42 8.21 4.37
N LYS B 221 35.44 7.89 5.17
CA LYS B 221 35.78 6.48 5.42
C LYS B 221 35.99 6.19 6.88
N LEU B 222 35.68 4.96 7.24
CA LEU B 222 36.18 4.37 8.48
C LEU B 222 37.60 3.79 8.27
N ILE B 223 38.58 4.36 8.96
CA ILE B 223 40.00 4.04 8.71
C ILE B 223 40.69 3.09 9.70
N ASP B 224 39.95 2.50 10.64
CA ASP B 224 40.57 1.66 11.65
C ASP B 224 39.72 0.46 12.03
N LEU B 225 39.98 -0.66 11.37
CA LEU B 225 39.33 -1.91 11.69
C LEU B 225 39.99 -2.66 12.85
N GLY B 226 40.85 -1.96 13.59
CA GLY B 226 41.63 -2.58 14.67
C GLY B 226 40.91 -3.17 15.87
N ALA B 227 39.67 -2.76 16.11
CA ALA B 227 38.95 -3.18 17.32
C ALA B 227 37.71 -3.99 16.98
N VAL B 228 37.54 -4.26 15.70
CA VAL B 228 36.38 -4.99 15.19
C VAL B 228 36.35 -6.38 15.81
N SER B 229 35.18 -6.82 16.27
CA SER B 229 35.03 -8.16 16.83
C SER B 229 33.67 -8.70 16.45
N ARG B 230 33.40 -9.97 16.76
CA ARG B 230 32.07 -10.54 16.60
C ARG B 230 31.17 -9.95 17.67
N ILE B 231 29.87 -9.90 17.38
CA ILE B 231 28.86 -9.51 18.34
C ILE B 231 28.83 -10.55 19.46
N ASN B 232 28.70 -10.07 20.70
CA ASN B 232 28.61 -10.87 21.91
C ASN B 232 29.92 -11.53 22.32
N SER B 233 31.02 -11.12 21.71
CA SER B 233 32.32 -11.71 22.02
C SER B 233 32.75 -11.45 23.47
N PHE B 234 33.72 -12.23 23.96
CA PHE B 234 34.05 -12.21 25.37
C PHE B 234 35.05 -11.12 25.71
N GLY B 235 34.54 -10.03 26.29
CA GLY B 235 35.36 -8.86 26.63
C GLY B 235 34.48 -7.74 27.35
N LEU B 237 35.48 -4.91 26.77
CA LEU B 237 36.53 -3.93 27.08
C LEU B 237 37.19 -3.41 25.80
N TYR B 238 36.34 -3.16 24.80
CA TYR B 238 36.78 -2.70 23.49
C TYR B 238 36.57 -1.19 23.40
N GLY B 239 37.50 -0.49 22.74
CA GLY B 239 37.28 0.91 22.40
C GLY B 239 38.00 1.94 23.26
N THR B 240 37.38 3.14 23.34
CA THR B 240 37.99 4.41 23.86
C THR B 240 37.21 4.82 25.14
N PRO B 241 37.89 4.86 26.32
CA PRO B 241 37.25 5.24 27.61
C PRO B 241 36.15 6.31 27.48
N GLY B 242 36.48 7.45 26.87
CA GLY B 242 35.44 8.48 26.68
C GLY B 242 34.27 8.19 25.74
N PHE B 243 34.26 7.01 25.10
CA PHE B 243 33.21 6.66 24.09
C PHE B 243 32.55 5.31 24.32
N GLN B 244 33.11 4.47 25.20
CA GLN B 244 32.54 3.13 25.36
C GLN B 244 31.33 3.01 26.31
N ALA B 245 30.46 2.08 25.98
CA ALA B 245 29.20 1.86 26.65
C ALA B 245 29.39 1.27 28.05
N PRO B 246 28.57 1.73 29.04
CA PRO B 246 28.74 1.25 30.43
C PRO B 246 28.62 -0.27 30.59
N GLU B 247 27.84 -0.93 29.73
CA GLU B 247 27.63 -2.39 29.83
C GLU B 247 28.57 -3.29 29.06
N ILE B 248 29.52 -2.74 28.32
CA ILE B 248 30.30 -3.54 27.36
C ILE B 248 30.91 -4.79 28.00
N VAL B 249 31.34 -4.63 29.24
CA VAL B 249 31.92 -5.68 30.06
C VAL B 249 30.94 -6.82 30.40
N ARG B 250 29.70 -6.48 30.73
CA ARG B 250 28.65 -7.48 31.02
C ARG B 250 28.07 -8.18 29.77
N THR B 251 27.74 -7.40 28.74
CA THR B 251 27.08 -7.94 27.56
C THR B 251 28.06 -8.35 26.47
N GLY B 252 29.28 -7.80 26.54
CA GLY B 252 30.20 -7.88 25.42
C GLY B 252 29.75 -6.90 24.35
N PRO B 253 30.49 -6.84 23.23
CA PRO B 253 30.14 -5.88 22.18
C PRO B 253 28.84 -6.22 21.46
N THR B 254 27.99 -5.21 21.25
CA THR B 254 26.71 -5.41 20.56
C THR B 254 26.43 -4.25 19.61
N VAL B 255 25.43 -4.43 18.76
CA VAL B 255 24.93 -3.30 17.96
C VAL B 255 24.63 -2.10 18.86
N ALA B 256 23.93 -2.36 19.95
CA ALA B 256 23.63 -1.36 20.96
C ALA B 256 24.90 -0.64 21.43
N THR B 257 26.00 -1.37 21.68
CA THR B 257 27.24 -0.69 22.07
C THR B 257 27.77 0.20 20.94
N ASP B 258 27.71 -0.30 19.71
CA ASP B 258 28.07 0.50 18.54
C ASP B 258 27.24 1.77 18.40
N ILE B 259 25.95 1.68 18.68
CA ILE B 259 25.06 2.85 18.64
C ILE B 259 25.45 3.89 19.69
N TYR B 260 25.85 3.42 20.86
CA TYR B 260 26.36 4.29 21.92
C TYR B 260 27.54 5.13 21.44
N THR B 261 28.46 4.53 20.69
CA THR B 261 29.65 5.26 20.21
C THR B 261 29.28 6.30 19.16
N VAL B 262 28.21 6.06 18.39
CA VAL B 262 27.71 7.05 17.43
C VAL B 262 27.23 8.29 18.19
N GLY B 263 26.37 8.10 19.19
CA GLY B 263 25.96 9.21 20.05
C GLY B 263 27.10 9.95 20.75
N ARG B 264 28.07 9.21 21.27
CA ARG B 264 29.23 9.82 21.94
C ARG B 264 30.12 10.56 20.94
N THR B 265 30.28 9.98 19.74
CA THR B 265 31.01 10.69 18.69
C THR B 265 30.35 12.03 18.31
N LEU B 266 29.04 12.05 18.11
CA LEU B 266 28.34 13.30 17.76
C LEU B 266 28.50 14.33 18.88
N ALA B 267 28.22 13.92 20.11
CA ALA B 267 28.42 14.81 21.25
C ALA B 267 29.83 15.39 21.27
N ALA B 268 30.86 14.56 21.10
CA ALA B 268 32.25 15.00 21.17
C ALA B 268 32.55 16.05 20.10
N LEU B 269 32.07 15.80 18.89
CA LEU B 269 32.26 16.71 17.77
C LEU B 269 31.53 18.05 17.91
N THR B 270 30.45 18.09 18.68
CA THR B 270 29.52 19.23 18.69
C THR B 270 29.40 19.96 20.04
N LEU B 271 29.70 19.26 21.14
CA LEU B 271 29.50 19.84 22.46
C LEU B 271 30.79 20.09 23.21
N ASP B 272 30.73 21.03 24.14
CA ASP B 272 31.85 21.24 25.05
C ASP B 272 31.77 20.27 26.23
N LEU B 273 32.17 19.04 25.93
CA LEU B 273 32.17 17.96 26.90
C LEU B 273 33.42 18.10 27.76
N PRO B 274 33.24 18.08 29.09
CA PRO B 274 34.34 18.23 30.05
C PRO B 274 35.30 17.04 30.02
N THR B 275 36.52 17.23 30.49
CA THR B 275 37.54 16.21 30.33
C THR B 275 38.29 15.86 31.64
N ARG B 276 38.10 14.61 32.09
CA ARG B 276 38.80 14.05 33.26
C ARG B 276 39.94 13.14 32.82
N ASN B 277 41.18 13.56 33.06
CA ASN B 277 42.38 13.00 32.41
C ASN B 277 42.34 13.30 30.90
N GLY B 278 42.54 12.29 30.07
CA GLY B 278 42.44 12.47 28.61
C GLY B 278 41.03 12.29 28.08
N ARG B 279 40.24 11.47 28.77
CA ARG B 279 38.91 11.06 28.28
C ARG B 279 37.76 12.01 28.64
N TYR B 280 36.67 11.93 27.86
CA TYR B 280 35.44 12.69 28.14
C TYR B 280 34.60 12.01 29.21
N VAL B 281 33.99 12.82 30.06
CA VAL B 281 33.08 12.34 31.10
C VAL B 281 31.79 11.77 30.48
N ASP B 282 31.23 10.74 31.09
CA ASP B 282 29.95 10.13 30.67
C ASP B 282 28.76 11.10 30.70
N GLY B 283 27.71 10.79 29.94
CA GLY B 283 26.49 11.62 29.92
C GLY B 283 26.66 12.97 29.23
N LEU B 284 25.64 13.82 29.36
CA LEU B 284 25.61 15.10 28.63
C LEU B 284 25.55 16.31 29.55
N PRO B 285 26.16 17.44 29.15
CA PRO B 285 26.02 18.65 29.97
C PRO B 285 24.57 19.06 30.11
N GLU B 286 24.19 19.50 31.31
CA GLU B 286 22.82 19.98 31.56
C GLU B 286 22.71 21.47 31.29
N ASP B 287 21.64 21.85 30.59
CA ASP B 287 21.45 23.23 30.10
C ASP B 287 22.53 23.64 29.10
N ASP B 288 22.91 22.72 28.23
CA ASP B 288 23.87 23.01 27.16
C ASP B 288 23.17 23.83 26.07
N PRO B 289 23.84 24.90 25.59
CA PRO B 289 23.15 25.84 24.70
C PRO B 289 22.87 25.26 23.33
N VAL B 290 23.78 24.40 22.86
CA VAL B 290 23.68 23.81 21.53
C VAL B 290 22.45 22.92 21.49
N LEU B 291 22.23 22.17 22.56
CA LEU B 291 21.08 21.27 22.68
C LEU B 291 19.74 21.98 22.89
N LYS B 292 19.79 23.18 23.46
CA LYS B 292 18.62 24.04 23.62
C LYS B 292 18.24 24.66 22.27
N THR B 293 19.25 24.88 21.43
CA THR B 293 19.07 25.45 20.09
C THR B 293 18.44 24.41 19.15
N TYR B 294 18.92 23.17 19.23
CA TYR B 294 18.45 22.05 18.40
C TYR B 294 17.79 21.00 19.30
N ASP B 295 16.48 21.14 19.47
CA ASP B 295 15.76 20.34 20.45
C ASP B 295 15.81 18.87 20.13
N SER B 296 15.64 18.52 18.86
CA SER B 296 15.53 17.12 18.49
C SER B 296 16.89 16.43 18.48
N TYR B 297 17.94 17.17 18.13
CA TYR B 297 19.32 16.65 18.22
C TYR B 297 19.63 16.18 19.65
N GLY B 298 19.37 17.03 20.64
CA GLY B 298 19.47 16.65 22.03
C GLY B 298 18.76 15.36 22.33
N ARG B 299 17.50 15.25 21.93
CA ARG B 299 16.71 14.05 22.18
C ARG B 299 17.33 12.82 21.50
N LEU B 300 17.96 13.02 20.35
CA LEU B 300 18.58 11.92 19.61
C LEU B 300 19.85 11.42 20.29
N LEU B 301 20.65 12.37 20.78
CA LEU B 301 21.83 12.06 21.55
C LEU B 301 21.43 11.22 22.77
N ARG B 302 20.51 11.74 23.57
CA ARG B 302 20.01 11.04 24.76
C ARG B 302 19.65 9.60 24.49
N ARG B 303 18.92 9.35 23.40
CA ARG B 303 18.49 7.98 23.11
C ARG B 303 19.72 7.10 22.82
N ALA B 304 20.56 7.58 21.92
CA ALA B 304 21.75 6.86 21.48
C ALA B 304 22.65 6.40 22.63
N ILE B 305 22.81 7.23 23.65
CA ILE B 305 23.78 6.99 24.70
C ILE B 305 23.11 6.57 26.00
N ASP B 306 21.84 6.17 25.91
CA ASP B 306 21.10 5.74 27.08
C ASP B 306 21.87 4.60 27.74
N PRO B 307 22.07 4.70 29.08
CA PRO B 307 22.71 3.65 29.90
C PRO B 307 22.18 2.25 29.62
N ASP B 308 20.87 2.13 29.43
CA ASP B 308 20.21 0.87 29.12
C ASP B 308 20.23 0.64 27.61
N PRO B 309 20.97 -0.38 27.14
CA PRO B 309 21.12 -0.60 25.69
C PRO B 309 19.78 -0.84 25.01
N ARG B 310 18.83 -1.36 25.78
CA ARG B 310 17.48 -1.66 25.29
C ARG B 310 16.69 -0.41 24.95
N GLN B 311 17.17 0.74 25.40
CA GLN B 311 16.52 2.01 25.15
C GLN B 311 17.14 2.76 23.98
N ARG B 312 18.25 2.26 23.44
CA ARG B 312 18.91 2.91 22.30
C ARG B 312 18.24 2.51 21.00
N PHE B 313 18.58 3.22 19.92
CA PHE B 313 18.13 2.85 18.59
C PHE B 313 18.47 1.36 18.36
N THR B 314 17.55 0.60 17.77
CA THR B 314 17.73 -0.86 17.65
C THR B 314 18.72 -1.26 16.57
N THR B 315 18.74 -0.53 15.47
CA THR B 315 19.69 -0.82 14.41
C THR B 315 20.35 0.48 13.98
N ALA B 316 21.50 0.38 13.30
CA ALA B 316 22.18 1.56 12.82
C ALA B 316 21.33 2.23 11.78
N GLU B 317 20.52 1.45 11.07
CA GLU B 317 19.61 1.99 10.04
C GLU B 317 18.43 2.72 10.65
N GLU B 318 17.87 2.19 11.74
CA GLU B 318 16.80 2.90 12.47
C GLU B 318 17.34 4.26 12.88
N MET B 319 18.58 4.31 13.35
CA MET B 319 19.17 5.54 13.82
C MET B 319 19.39 6.47 12.65
N SER B 320 19.86 5.91 11.55
CA SER B 320 20.08 6.65 10.33
C SER B 320 18.85 7.48 9.91
N ALA B 321 17.69 6.83 9.85
CA ALA B 321 16.44 7.51 9.52
C ALA B 321 16.14 8.68 10.47
N GLN B 322 16.36 8.49 11.78
CA GLN B 322 16.01 9.52 12.76
C GLN B 322 16.99 10.68 12.66
N LEU B 323 18.22 10.32 12.32
CA LEU B 323 19.31 11.28 12.21
C LEU B 323 19.16 12.13 10.94
N THR B 324 18.52 11.56 9.92
CA THR B 324 18.13 12.32 8.72
C THR B 324 16.97 13.30 9.01
N GLY B 325 15.95 12.87 9.75
CA GLY B 325 14.93 13.81 10.23
C GLY B 325 15.53 14.97 11.01
N VAL B 326 16.43 14.66 11.94
CA VAL B 326 17.07 15.72 12.74
C VAL B 326 17.90 16.65 11.84
N LEU B 327 18.72 16.07 10.96
CA LEU B 327 19.48 16.85 10.01
C LEU B 327 18.59 17.85 9.26
N ARG B 328 17.46 17.38 8.73
CA ARG B 328 16.51 18.27 8.05
C ARG B 328 16.07 19.42 8.98
N GLU B 329 15.69 19.11 10.22
CA GLU B 329 15.30 20.14 11.17
C GLU B 329 16.41 21.13 11.56
N VAL B 330 17.67 20.69 11.55
CA VAL B 330 18.75 21.62 11.84
C VAL B 330 19.04 22.48 10.60
N VAL B 331 19.14 21.85 9.44
CA VAL B 331 19.43 22.58 8.20
C VAL B 331 18.31 23.56 7.88
N ALA B 332 17.06 23.12 7.95
CA ALA B 332 15.95 24.05 7.71
C ALA B 332 16.00 25.25 8.68
N GLN B 333 16.37 25.01 9.92
CA GLN B 333 16.50 26.08 10.92
C GLN B 333 17.68 27.01 10.64
N ASP B 334 18.86 26.43 10.36
CA ASP B 334 20.06 27.22 10.08
C ASP B 334 19.84 28.13 8.90
N THR B 335 18.97 27.66 8.00
CA THR B 335 19.05 28.04 6.61
C THR B 335 17.83 28.87 6.14
N GLY B 336 16.72 28.73 6.87
CA GLY B 336 15.47 29.39 6.52
C GLY B 336 14.80 28.84 5.28
N VAL B 337 15.25 27.66 4.87
CA VAL B 337 14.76 26.96 3.68
C VAL B 337 14.33 25.57 4.13
N PRO B 338 13.05 25.24 3.96
CA PRO B 338 12.54 23.93 4.38
C PRO B 338 13.23 22.76 3.71
N ARG B 339 13.16 21.60 4.36
CA ARG B 339 13.81 20.40 3.89
C ARG B 339 12.84 19.23 4.06
N PRO B 340 11.85 19.13 3.16
CA PRO B 340 10.82 18.08 3.31
C PRO B 340 11.38 16.71 2.98
N GLY B 341 10.79 15.69 3.57
CA GLY B 341 11.13 14.33 3.22
C GLY B 341 10.05 13.42 3.76
N LEU B 342 10.09 12.18 3.31
CA LEU B 342 9.10 11.18 3.64
C LEU B 342 9.57 10.32 4.81
N SER B 343 8.72 10.21 5.81
CA SER B 343 8.96 9.44 7.00
C SER B 343 8.99 7.93 6.76
N THR B 344 9.77 7.23 7.57
CA THR B 344 9.86 5.79 7.51
C THR B 344 9.07 5.18 8.66
N ILE B 345 8.44 6.04 9.46
CA ILE B 345 7.78 5.63 10.70
C ILE B 345 6.30 5.96 10.70
N PHE B 346 5.94 7.12 10.15
CA PHE B 346 4.59 7.65 10.19
C PHE B 346 4.14 7.92 8.78
N SER B 347 2.85 7.78 8.53
CA SER B 347 2.24 8.24 7.27
C SER B 347 2.44 9.74 7.10
N PRO B 348 2.30 10.24 5.85
CA PRO B 348 2.15 11.68 5.70
C PRO B 348 0.85 12.12 6.36
N SER B 349 0.72 13.42 6.61
CA SER B 349 -0.50 14.01 7.11
C SER B 349 -1.68 13.52 6.31
N ARG B 350 -2.72 13.11 7.02
CA ARG B 350 -3.90 12.56 6.39
C ARG B 350 -4.79 13.70 5.93
N SER B 351 -4.71 14.81 6.63
CA SER B 351 -5.49 16.01 6.33
C SER B 351 -4.93 17.23 7.06
N THR B 352 -5.68 18.33 7.03
CA THR B 352 -5.29 19.52 7.79
C THR B 352 -6.25 19.73 8.96
N PHE B 353 -5.74 20.40 10.00
CA PHE B 353 -6.59 20.87 11.07
C PHE B 353 -6.38 22.35 11.33
N GLY B 354 -7.43 23.01 11.85
CA GLY B 354 -7.36 24.42 12.27
C GLY B 354 -7.01 25.41 11.18
N VAL B 355 -7.39 25.11 9.94
CA VAL B 355 -7.07 25.97 8.82
C VAL B 355 -8.06 27.14 8.67
N ASP B 356 -9.31 26.91 9.03
CA ASP B 356 -10.38 27.90 8.77
C ASP B 356 -10.76 28.74 9.99
N LEU B 357 -10.10 28.50 11.12
CA LEU B 357 -10.47 29.07 12.42
C LEU B 357 -10.78 30.58 12.43
N LEU B 358 -10.01 31.36 11.68
CA LEU B 358 -10.18 32.80 11.71
C LEU B 358 -11.10 33.34 10.63
N VAL B 359 -11.52 32.47 9.69
CA VAL B 359 -12.35 32.90 8.55
C VAL B 359 -13.74 32.24 8.48
N ALA B 360 -13.90 31.11 9.18
CA ALA B 360 -15.13 30.32 9.13
C ALA B 360 -16.32 31.08 9.73
N HIS B 361 -16.15 31.62 10.93
CA HIS B 361 -17.25 32.30 11.60
C HIS B 361 -17.97 33.37 10.77
N THR B 362 -17.26 34.02 9.84
CA THR B 362 -17.88 34.99 8.93
C THR B 362 -18.77 34.29 7.89
N GLU B 373 -13.04 31.38 17.09
CA GLU B 373 -13.41 30.02 16.66
C GLU B 373 -12.43 28.93 17.12
N LYS B 374 -12.91 27.95 17.90
CA LYS B 374 -12.04 26.98 18.59
C LYS B 374 -11.57 25.74 17.81
N LEU B 375 -10.29 25.42 17.99
CA LEU B 375 -9.71 24.16 17.48
C LEU B 375 -10.27 22.95 18.22
N THR B 376 -10.71 21.94 17.46
CA THR B 376 -11.30 20.74 18.05
C THR B 376 -10.39 19.50 17.93
N ALA B 377 -10.48 18.64 18.94
CA ALA B 377 -9.74 17.39 18.96
C ALA B 377 -10.08 16.48 17.79
N ASN B 378 -11.36 16.37 17.43
CA ASN B 378 -11.79 15.51 16.33
C ASN B 378 -11.08 15.89 15.02
N GLU B 379 -11.01 17.20 14.76
CA GLU B 379 -10.34 17.69 13.57
C GLU B 379 -8.84 17.36 13.59
N ILE B 380 -8.23 17.44 14.75
CA ILE B 380 -6.83 17.04 14.91
C ILE B 380 -6.62 15.55 14.66
N VAL B 381 -7.50 14.75 15.26
CA VAL B 381 -7.42 13.28 15.20
C VAL B 381 -7.47 12.72 13.77
N THR B 382 -8.47 13.10 12.98
CA THR B 382 -8.59 12.63 11.59
C THR B 382 -7.51 13.19 10.67
N ALA B 383 -6.80 14.23 11.11
CA ALA B 383 -5.72 14.83 10.32
C ALA B 383 -4.32 14.30 10.66
N LEU B 384 -4.15 13.75 11.86
CA LEU B 384 -2.86 13.24 12.29
C LEU B 384 -2.29 12.16 11.37
N SER B 385 -0.97 12.18 11.23
CA SER B 385 -0.24 11.04 10.64
C SER B 385 -0.53 9.84 11.52
N VAL B 386 -0.36 8.65 10.96
CA VAL B 386 -0.57 7.43 11.72
C VAL B 386 0.68 6.58 11.56
N PRO B 387 0.92 5.67 12.52
CA PRO B 387 2.09 4.79 12.42
C PRO B 387 1.93 3.83 11.27
N LEU B 388 2.95 3.72 10.45
CA LEU B 388 2.99 2.77 9.35
C LEU B 388 2.97 1.35 9.90
N VAL B 389 2.31 0.46 9.18
CA VAL B 389 2.10 -0.92 9.58
C VAL B 389 3.36 -1.79 9.35
N ASP B 390 3.83 -2.44 10.42
CA ASP B 390 4.87 -3.46 10.36
C ASP B 390 4.45 -4.55 9.36
N PRO B 391 5.20 -4.69 8.25
CA PRO B 391 4.84 -5.66 7.21
C PRO B 391 5.10 -7.12 7.60
N THR B 392 5.72 -7.38 8.74
CA THR B 392 5.87 -8.76 9.19
C THR B 392 4.62 -9.27 9.91
N ASP B 393 3.65 -8.38 10.13
CA ASP B 393 2.47 -8.73 10.89
C ASP B 393 1.67 -9.75 10.11
N VAL B 394 1.06 -10.67 10.87
CA VAL B 394 0.15 -11.66 10.33
C VAL B 394 -0.88 -11.02 9.41
N ALA B 395 -1.40 -9.86 9.83
CA ALA B 395 -2.51 -9.21 9.12
C ALA B 395 -2.07 -8.14 8.12
N ALA B 396 -0.77 -8.00 7.88
CA ALA B 396 -0.26 -6.90 7.06
C ALA B 396 -0.94 -6.82 5.69
N SER B 397 -1.20 -7.98 5.11
CA SER B 397 -1.76 -8.03 3.77
C SER B 397 -3.25 -7.69 3.73
N VAL B 398 -4.03 -8.08 4.75
CA VAL B 398 -5.44 -7.67 4.77
C VAL B 398 -5.60 -6.18 5.13
N LEU B 399 -4.63 -5.64 5.85
CA LEU B 399 -4.62 -4.23 6.23
C LEU B 399 -4.24 -3.31 5.08
N GLN B 400 -3.44 -3.82 4.16
CA GLN B 400 -3.07 -3.09 2.94
C GLN B 400 -4.28 -3.03 1.98
N ALA B 401 -5.13 -4.05 2.02
CA ALA B 401 -6.37 -4.09 1.25
C ALA B 401 -7.39 -3.04 1.68
N THR B 402 -7.44 -2.73 2.99
CA THR B 402 -8.37 -1.78 3.60
C THR B 402 -7.88 -0.34 3.56
N VAL B 403 -6.75 -0.10 2.90
CA VAL B 403 -6.05 1.17 3.02
C VAL B 403 -6.88 2.40 2.54
N LEU B 404 -7.78 2.19 1.57
CA LEU B 404 -8.63 3.29 1.09
C LEU B 404 -10.01 3.28 1.73
N SER B 405 -10.29 2.29 2.58
CA SER B 405 -11.61 2.13 3.21
C SER B 405 -11.84 3.17 4.29
N GLN B 406 -13.00 3.81 4.31
CA GLN B 406 -13.37 4.73 5.40
C GLN B 406 -13.44 3.99 6.75
N PRO B 407 -13.55 4.74 7.87
CA PRO B 407 -13.56 4.15 9.22
C PRO B 407 -14.56 3.01 9.52
N VAL B 408 -15.84 3.15 9.17
CA VAL B 408 -16.81 2.10 9.50
C VAL B 408 -16.57 0.86 8.61
N GLN B 409 -16.14 1.09 7.38
CA GLN B 409 -15.90 0.02 6.43
C GLN B 409 -14.67 -0.79 6.85
N THR B 410 -13.59 -0.10 7.20
CA THR B 410 -12.42 -0.70 7.81
C THR B 410 -12.81 -1.62 8.97
N LEU B 411 -13.57 -1.09 9.93
CA LEU B 411 -14.04 -1.92 11.07
C LEU B 411 -14.86 -3.15 10.65
N ASP B 412 -15.82 -2.92 9.75
CA ASP B 412 -16.62 -4.01 9.18
C ASP B 412 -15.75 -5.07 8.53
N SER B 413 -14.76 -4.62 7.74
CA SER B 413 -13.88 -5.52 7.00
C SER B 413 -13.06 -6.39 7.93
N LEU B 414 -12.51 -5.74 8.96
CA LEU B 414 -11.59 -6.36 9.91
C LEU B 414 -12.31 -7.25 10.90
N ARG B 415 -13.51 -6.86 11.30
CA ARG B 415 -14.34 -7.71 12.12
C ARG B 415 -14.74 -8.95 11.32
N ALA B 416 -15.04 -8.77 10.04
CA ALA B 416 -15.35 -9.92 9.19
C ALA B 416 -14.15 -10.87 9.13
N ALA B 417 -12.97 -10.32 8.87
CA ALA B 417 -11.71 -11.07 8.77
C ALA B 417 -11.42 -11.90 10.01
N ARG B 418 -11.58 -11.29 11.18
CA ARG B 418 -11.51 -12.01 12.46
C ARG B 418 -12.64 -13.05 12.56
N HIS B 419 -13.89 -12.56 12.57
CA HIS B 419 -15.14 -13.34 12.44
C HIS B 419 -16.22 -13.06 13.54
N GLY B 420 -15.85 -12.31 14.59
CA GLY B 420 -16.79 -11.97 15.69
C GLY B 420 -16.27 -10.90 16.65
N ALA B 421 -16.82 -10.86 17.87
CA ALA B 421 -16.38 -9.96 18.95
C ALA B 421 -15.88 -8.59 18.48
N ASP B 428 -5.21 -17.92 12.63
CA ASP B 428 -4.12 -17.11 12.06
C ASP B 428 -4.03 -15.66 12.56
N PHE B 429 -5.13 -14.88 12.48
CA PHE B 429 -5.09 -13.43 12.84
C PHE B 429 -5.09 -13.15 14.33
N SER B 430 -5.42 -14.16 15.13
CA SER B 430 -5.53 -14.04 16.58
C SER B 430 -4.30 -13.40 17.23
N GLU B 431 -3.14 -13.58 16.62
CA GLU B 431 -1.87 -13.08 17.15
C GLU B 431 -1.54 -11.65 16.71
N SER B 432 -2.27 -11.14 15.71
CA SER B 432 -2.02 -9.83 15.12
C SER B 432 -2.01 -8.72 16.14
N VAL B 433 -1.08 -7.80 15.97
CA VAL B 433 -1.03 -6.59 16.76
C VAL B 433 -1.55 -5.45 15.89
N GLU B 434 -1.15 -5.41 14.61
CA GLU B 434 -1.48 -4.31 13.70
C GLU B 434 -2.97 -4.23 13.37
N LEU B 435 -3.62 -5.38 13.27
CA LEU B 435 -5.07 -5.44 13.09
C LEU B 435 -5.87 -4.70 14.21
N PRO B 436 -5.73 -5.11 15.49
CA PRO B 436 -6.34 -4.39 16.60
C PRO B 436 -5.99 -2.90 16.62
N LEU B 437 -4.73 -2.58 16.28
CA LEU B 437 -4.29 -1.20 16.18
C LEU B 437 -5.05 -0.41 15.09
N MET B 438 -5.33 -1.07 13.96
CA MET B 438 -6.11 -0.44 12.90
C MET B 438 -7.53 -0.20 13.39
N GLU B 439 -8.06 -1.18 14.11
CA GLU B 439 -9.41 -1.05 14.65
C GLU B 439 -9.49 0.15 15.55
N VAL B 440 -8.46 0.30 16.38
CA VAL B 440 -8.35 1.40 17.35
C VAL B 440 -8.31 2.75 16.63
N ARG B 441 -7.50 2.79 15.56
CA ARG B 441 -7.35 3.96 14.71
C ARG B 441 -8.69 4.41 14.16
N ALA B 442 -9.47 3.44 13.72
CA ALA B 442 -10.74 3.69 13.05
C ALA B 442 -11.77 4.17 14.07
N LEU B 443 -11.70 3.62 15.27
CA LEU B 443 -12.63 3.99 16.34
C LEU B 443 -12.42 5.40 16.84
N LEU B 444 -11.15 5.83 16.91
CA LEU B 444 -10.83 7.19 17.31
C LEU B 444 -11.24 8.21 16.24
N ASP B 445 -11.04 7.87 14.97
CA ASP B 445 -11.54 8.70 13.86
C ASP B 445 -13.06 8.95 13.94
N LEU B 446 -13.79 7.96 14.46
CA LEU B 446 -15.24 8.06 14.64
C LEU B 446 -15.64 8.69 15.97
N GLY B 447 -14.65 9.03 16.80
CA GLY B 447 -14.93 9.56 18.13
C GLY B 447 -15.36 8.55 19.19
N ASP B 448 -15.36 7.26 18.83
CA ASP B 448 -15.69 6.17 19.77
C ASP B 448 -14.51 5.87 20.70
N VAL B 449 -14.16 6.86 21.51
CA VAL B 449 -12.99 6.78 22.38
C VAL B 449 -13.08 5.70 23.47
N ALA B 450 -14.28 5.46 24.00
CA ALA B 450 -14.48 4.42 25.03
C ALA B 450 -14.17 3.03 24.47
N LYS B 451 -14.75 2.70 23.31
CA LYS B 451 -14.45 1.42 22.66
C LYS B 451 -12.98 1.26 22.35
N ALA B 452 -12.33 2.36 21.97
CA ALA B 452 -10.95 2.33 21.49
C ALA B 452 -9.97 2.08 22.63
N THR B 453 -10.27 2.64 23.80
CA THR B 453 -9.39 2.49 24.95
C THR B 453 -9.52 1.11 25.64
N ARG B 454 -10.69 0.48 25.52
CA ARG B 454 -10.84 -0.89 25.98
C ARG B 454 -10.06 -1.83 25.07
N LYS B 455 -10.06 -1.52 23.78
CA LYS B 455 -9.30 -2.28 22.80
C LYS B 455 -7.78 -2.12 23.00
N LEU B 456 -7.35 -0.90 23.31
CA LEU B 456 -5.95 -0.66 23.66
C LEU B 456 -5.54 -1.36 24.95
N ASP B 457 -6.32 -1.20 26.00
CA ASP B 457 -6.02 -1.82 27.28
C ASP B 457 -5.91 -3.34 27.14
N ASP B 458 -6.85 -3.95 26.42
CA ASP B 458 -6.78 -5.40 26.20
C ASP B 458 -5.55 -5.81 25.42
N LEU B 459 -5.17 -5.02 24.41
CA LEU B 459 -3.97 -5.28 23.63
C LEU B 459 -2.72 -5.14 24.50
N ALA B 460 -2.65 -4.03 25.25
CA ALA B 460 -1.56 -3.78 26.21
C ALA B 460 -1.31 -4.95 27.14
N GLU B 461 -2.38 -5.60 27.60
CA GLU B 461 -2.31 -6.79 28.45
C GLU B 461 -1.48 -7.89 27.81
N ARG B 462 -1.76 -8.17 26.54
CA ARG B 462 -1.10 -9.24 25.82
C ARG B 462 0.37 -8.93 25.47
N VAL B 463 0.64 -7.69 25.06
CA VAL B 463 1.94 -7.36 24.43
C VAL B 463 2.71 -6.21 25.07
N GLY B 464 2.10 -5.55 26.04
CA GLY B 464 2.75 -4.42 26.69
C GLY B 464 2.47 -3.09 26.01
N TRP B 465 2.96 -2.01 26.61
CA TRP B 465 2.75 -0.68 26.06
C TRP B 465 3.84 -0.32 25.09
N ARG B 466 3.80 -0.97 23.93
CA ARG B 466 4.68 -0.65 22.82
C ARG B 466 4.33 0.71 22.25
N TRP B 467 5.31 1.28 21.57
CA TRP B 467 5.22 2.66 21.18
C TRP B 467 3.92 3.02 20.43
N ARG B 468 3.46 2.13 19.56
CA ARG B 468 2.24 2.38 18.76
C ARG B 468 1.01 2.42 19.64
N LEU B 469 1.00 1.60 20.67
CA LEU B 469 -0.08 1.63 21.64
C LEU B 469 -0.06 2.93 22.45
N VAL B 470 1.15 3.38 22.79
CA VAL B 470 1.34 4.66 23.49
C VAL B 470 0.86 5.85 22.62
N TRP B 471 1.13 5.76 21.31
CA TRP B 471 0.70 6.78 20.35
C TRP B 471 -0.84 6.90 20.37
N TYR B 472 -1.52 5.81 20.05
CA TYR B 472 -2.99 5.80 20.03
C TYR B 472 -3.61 6.17 21.38
N ARG B 473 -2.91 5.85 22.47
CA ARG B 473 -3.38 6.23 23.81
C ARG B 473 -3.36 7.75 23.96
N ALA B 474 -2.27 8.37 23.53
CA ALA B 474 -2.17 9.82 23.49
C ALA B 474 -3.30 10.42 22.65
N VAL B 475 -3.54 9.86 21.46
CA VAL B 475 -4.66 10.30 20.60
C VAL B 475 -5.98 10.24 21.38
N ALA B 476 -6.29 9.07 21.95
CA ALA B 476 -7.47 8.87 22.79
C ALA B 476 -7.61 9.91 23.90
N GLU B 477 -6.50 10.18 24.58
CA GLU B 477 -6.49 11.14 25.68
C GLU B 477 -6.74 12.58 25.21
N LEU B 478 -6.37 12.86 23.97
CA LEU B 478 -6.70 14.12 23.31
C LEU B 478 -8.21 14.30 23.24
N LEU B 479 -8.89 13.21 22.92
CA LEU B 479 -10.34 13.18 22.78
C LEU B 479 -11.06 13.34 24.12
N THR B 480 -10.57 12.66 25.16
CA THR B 480 -11.21 12.70 26.48
C THR B 480 -10.84 13.95 27.28
N GLY B 481 -9.89 14.74 26.76
CA GLY B 481 -9.54 16.03 27.36
C GLY B 481 -8.43 15.95 28.39
N ASP B 482 -7.75 14.81 28.46
CA ASP B 482 -6.67 14.62 29.41
C ASP B 482 -5.31 14.99 28.77
N TYR B 483 -5.08 16.30 28.62
CA TYR B 483 -3.94 16.75 27.81
C TYR B 483 -2.60 16.47 28.47
N ASP B 484 -2.57 16.46 29.81
CA ASP B 484 -1.38 16.10 30.56
C ASP B 484 -0.84 14.75 30.11
N SER B 485 -1.71 13.74 30.15
CA SER B 485 -1.38 12.38 29.70
C SER B 485 -1.03 12.33 28.20
N ALA B 486 -1.79 13.05 27.38
CA ALA B 486 -1.54 13.06 25.93
C ALA B 486 -0.14 13.59 25.65
N THR B 487 0.20 14.70 26.30
CA THR B 487 1.53 15.31 26.16
C THR B 487 2.62 14.38 26.69
N LYS B 488 2.33 13.67 27.77
CA LYS B 488 3.28 12.69 28.33
C LYS B 488 3.59 11.61 27.32
N HIS B 489 2.53 11.09 26.72
CA HIS B 489 2.62 9.97 25.82
C HIS B 489 3.12 10.32 24.43
N PHE B 490 2.63 11.41 23.83
CA PHE B 490 3.22 11.89 22.57
C PHE B 490 4.72 12.14 22.77
N THR B 491 5.11 12.58 23.96
CA THR B 491 6.53 12.86 24.25
C THR B 491 7.41 11.57 24.33
N GLU B 492 6.86 10.48 24.86
CA GLU B 492 7.54 9.19 24.85
C GLU B 492 7.81 8.72 23.43
N VAL B 493 6.88 9.01 22.54
CA VAL B 493 7.03 8.61 21.16
C VAL B 493 8.06 9.52 20.50
N LEU B 494 8.00 10.81 20.81
CA LEU B 494 8.96 11.75 20.26
C LEU B 494 10.34 11.39 20.72
N ASP B 495 10.49 11.06 22.00
CA ASP B 495 11.82 10.72 22.51
C ASP B 495 12.35 9.45 21.89
N THR B 496 11.44 8.55 21.49
CA THR B 496 11.79 7.34 20.76
C THR B 496 12.13 7.66 19.30
N PHE B 497 11.42 8.60 18.68
CA PHE B 497 11.67 8.94 17.28
C PHE B 497 11.85 10.46 17.08
N PRO B 498 12.97 11.03 17.57
CA PRO B 498 13.10 12.50 17.66
C PRO B 498 13.21 13.20 16.30
N GLY B 499 13.43 12.42 15.25
CA GLY B 499 13.56 12.98 13.90
C GLY B 499 12.27 12.91 13.09
N GLU B 500 11.16 12.75 13.79
CA GLU B 500 9.82 12.68 13.19
C GLU B 500 9.01 13.93 13.47
N LEU B 501 8.26 14.39 12.46
CA LEU B 501 7.47 15.59 12.58
C LEU B 501 6.10 15.30 13.18
N ALA B 502 5.55 14.12 12.89
CA ALA B 502 4.22 13.76 13.39
C ALA B 502 4.05 14.01 14.89
N PRO B 503 4.91 13.41 15.75
CA PRO B 503 4.69 13.64 17.19
C PRO B 503 4.85 15.11 17.62
N LYS B 504 5.64 15.88 16.87
CA LYS B 504 5.82 17.29 17.16
C LYS B 504 4.51 18.03 16.85
N LEU B 505 3.91 17.70 15.72
CA LEU B 505 2.68 18.35 15.31
C LEU B 505 1.58 18.07 16.34
N ALA B 506 1.48 16.81 16.73
CA ALA B 506 0.52 16.37 17.75
C ALA B 506 0.77 17.06 19.07
N LEU B 507 2.04 17.29 19.41
CA LEU B 507 2.37 17.97 20.67
C LEU B 507 2.03 19.43 20.61
N ALA B 508 2.23 20.06 19.46
CA ALA B 508 1.82 21.45 19.27
C ALA B 508 0.28 21.59 19.35
N ALA B 509 -0.46 20.62 18.81
CA ALA B 509 -1.93 20.65 18.87
C ALA B 509 -2.47 20.47 20.31
N THR B 510 -1.86 19.54 21.04
CA THR B 510 -2.21 19.25 22.44
C THR B 510 -2.02 20.49 23.32
N ALA B 511 -0.87 21.15 23.19
CA ALA B 511 -0.63 22.41 23.91
C ALA B 511 -1.66 23.49 23.58
N GLU B 512 -2.08 23.57 22.31
CA GLU B 512 -3.14 24.52 21.95
C GLU B 512 -4.43 24.18 22.66
N LEU B 513 -4.94 22.97 22.44
CA LEU B 513 -6.13 22.49 23.12
C LEU B 513 -6.08 22.73 24.62
N ALA B 514 -4.89 22.58 25.20
CA ALA B 514 -4.70 22.80 26.63
C ALA B 514 -4.71 24.30 26.99
N GLY B 515 -4.47 25.14 25.99
CA GLY B 515 -4.32 26.57 26.18
C GLY B 515 -3.01 26.86 26.86
N ASN B 516 -2.00 26.05 26.56
CA ASN B 516 -0.66 26.25 27.10
C ASN B 516 0.29 26.77 26.04
N THR B 517 1.21 27.63 26.44
CA THR B 517 2.27 28.09 25.56
C THR B 517 3.23 26.93 25.40
N ASP B 518 3.59 26.64 24.14
CA ASP B 518 4.55 25.60 23.85
C ASP B 518 5.96 26.16 23.91
N GLU B 519 6.66 25.81 25.00
CA GLU B 519 8.05 26.20 25.23
C GLU B 519 8.99 25.65 24.16
N HIS B 520 8.62 24.52 23.55
CA HIS B 520 9.47 23.86 22.56
C HIS B 520 9.28 24.37 21.12
N LYS B 521 8.27 25.21 20.92
CA LYS B 521 7.97 25.78 19.61
C LYS B 521 7.94 24.71 18.51
N PHE B 522 7.09 23.70 18.71
CA PHE B 522 6.97 22.57 17.78
C PHE B 522 6.33 22.98 16.46
N TYR B 523 5.35 23.89 16.50
CA TYR B 523 4.70 24.34 15.26
C TYR B 523 5.78 25.00 14.43
N GLN B 524 6.59 25.81 15.10
CA GLN B 524 7.69 26.50 14.43
C GLN B 524 8.62 25.49 13.80
N THR B 525 9.00 24.46 14.55
CA THR B 525 9.90 23.42 14.05
C THR B 525 9.30 22.66 12.88
N VAL B 526 8.05 22.25 13.00
CA VAL B 526 7.39 21.54 11.91
C VAL B 526 7.32 22.36 10.61
N TRP B 527 6.86 23.61 10.74
CA TRP B 527 6.64 24.51 9.60
C TRP B 527 7.95 24.99 8.93
N SER B 528 8.98 25.27 9.74
CA SER B 528 10.33 25.56 9.23
C SER B 528 10.84 24.42 8.39
N THR B 529 10.51 23.19 8.79
CA THR B 529 11.14 21.98 8.24
C THR B 529 10.45 21.51 6.96
N ASN B 530 9.12 21.59 6.97
CA ASN B 530 8.31 21.12 5.86
C ASN B 530 7.17 22.11 5.60
N ASP B 531 7.36 22.98 4.61
CA ASP B 531 6.33 23.97 4.29
C ASP B 531 5.09 23.36 3.61
N GLY B 532 4.95 22.05 3.65
CA GLY B 532 3.79 21.34 3.13
C GLY B 532 2.82 20.99 4.25
N VAL B 533 3.25 21.19 5.50
CA VAL B 533 2.47 20.82 6.68
C VAL B 533 1.69 22.04 7.16
N ILE B 534 0.61 22.31 6.45
CA ILE B 534 -0.13 23.57 6.56
C ILE B 534 -0.81 23.80 7.91
N SER B 535 -1.22 22.72 8.57
CA SER B 535 -1.76 22.84 9.92
C SER B 535 -0.78 23.58 10.84
N ALA B 536 0.52 23.44 10.55
CA ALA B 536 1.58 24.08 11.35
C ALA B 536 1.75 25.57 11.03
N ALA B 537 1.53 25.95 9.79
CA ALA B 537 1.55 27.37 9.41
C ALA B 537 0.49 28.17 10.18
N PHE B 538 -0.74 27.68 10.15
CA PHE B 538 -1.83 28.32 10.85
C PHE B 538 -1.63 28.26 12.35
N GLY B 539 -1.23 27.10 12.86
CA GLY B 539 -1.00 26.95 14.28
C GLY B 539 0.14 27.81 14.83
N LEU B 540 1.19 28.02 14.03
CA LEU B 540 2.31 28.89 14.40
C LEU B 540 1.89 30.36 14.40
N ALA B 541 1.14 30.76 13.38
CA ALA B 541 0.65 32.13 13.30
C ALA B 541 -0.26 32.45 14.47
N ARG B 542 -1.13 31.51 14.83
CA ARG B 542 -1.99 31.73 16.00
C ARG B 542 -1.14 31.98 17.23
N ALA B 543 -0.11 31.14 17.41
CA ALA B 543 0.84 31.28 18.53
C ALA B 543 1.55 32.63 18.52
N ARG B 544 1.99 33.06 17.35
CA ARG B 544 2.59 34.40 17.23
C ARG B 544 1.59 35.54 17.53
N SER B 545 0.39 35.43 16.96
CA SER B 545 -0.70 36.37 17.26
C SER B 545 -1.00 36.48 18.74
N ALA B 546 -1.11 35.33 19.39
CA ALA B 546 -1.41 35.22 20.82
C ALA B 546 -0.45 36.01 21.69
N GLU B 547 0.78 36.19 21.20
CA GLU B 547 1.84 36.82 21.96
C GLU B 547 2.23 38.23 21.46
N GLY B 548 1.48 38.75 20.49
CA GLY B 548 1.64 40.12 20.00
C GLY B 548 2.46 40.32 18.73
N ASP B 549 2.97 39.22 18.17
CA ASP B 549 3.82 39.25 16.98
C ASP B 549 2.95 39.04 15.73
N ARG B 550 2.10 40.03 15.45
CA ARG B 550 1.26 40.07 14.26
C ARG B 550 2.09 40.02 12.98
N VAL B 551 3.19 40.78 12.96
CA VAL B 551 4.09 40.87 11.81
C VAL B 551 4.66 39.50 11.48
N GLY B 552 5.05 38.77 12.54
CA GLY B 552 5.56 37.41 12.43
C GLY B 552 4.51 36.38 12.02
N ALA B 553 3.28 36.54 12.51
CA ALA B 553 2.16 35.68 12.14
C ALA B 553 1.82 35.83 10.66
N VAL B 554 1.79 37.08 10.19
CA VAL B 554 1.58 37.37 8.77
C VAL B 554 2.70 36.75 7.92
N ARG B 555 3.95 36.95 8.34
CA ARG B 555 5.11 36.44 7.60
C ARG B 555 5.01 34.93 7.39
N THR B 556 4.53 34.24 8.43
CA THR B 556 4.31 32.80 8.45
C THR B 556 3.22 32.36 7.47
N LEU B 557 2.11 33.11 7.48
CA LEU B 557 1.01 32.85 6.56
C LEU B 557 1.35 33.14 5.11
N ASP B 558 2.24 34.09 4.87
CA ASP B 558 2.69 34.38 3.51
C ASP B 558 3.56 33.25 2.94
N GLU B 559 4.10 32.41 3.85
CA GLU B 559 4.93 31.27 3.45
C GLU B 559 4.11 30.10 2.88
N VAL B 560 2.79 30.10 3.13
CA VAL B 560 1.88 29.07 2.56
C VAL B 560 1.90 29.14 1.01
N PRO B 561 2.25 28.02 0.36
CA PRO B 561 2.45 27.98 -1.10
C PRO B 561 1.14 28.15 -1.88
N PRO B 562 1.20 28.88 -3.02
CA PRO B 562 0.09 29.05 -3.97
C PRO B 562 -0.32 27.73 -4.62
N THR B 563 0.47 26.68 -4.42
CA THR B 563 0.10 25.35 -4.91
C THR B 563 -1.04 24.79 -4.08
N SER B 564 -1.10 25.22 -2.82
CA SER B 564 -2.06 24.71 -1.86
C SER B 564 -3.44 25.26 -2.08
N ARG B 565 -4.43 24.39 -1.90
CA ARG B 565 -5.82 24.78 -1.92
C ARG B 565 -6.15 25.71 -0.75
N HIS B 566 -5.23 25.83 0.20
CA HIS B 566 -5.42 26.66 1.37
C HIS B 566 -4.79 28.05 1.25
N PHE B 567 -4.19 28.38 0.11
CA PHE B 567 -3.48 29.67 -0.05
C PHE B 567 -4.41 30.89 0.15
N THR B 568 -5.66 30.79 -0.28
CA THR B 568 -6.62 31.91 -0.17
C THR B 568 -7.00 32.15 1.29
N THR B 569 -7.40 31.07 1.96
CA THR B 569 -7.68 31.07 3.40
C THR B 569 -6.51 31.66 4.20
N ALA B 570 -5.29 31.29 3.81
CA ALA B 570 -4.08 31.83 4.43
C ALA B 570 -3.95 33.32 4.22
N ARG B 571 -4.24 33.79 3.01
CA ARG B 571 -4.12 35.23 2.76
C ARG B 571 -5.25 36.01 3.46
N LEU B 572 -6.44 35.41 3.53
CA LEU B 572 -7.56 36.00 4.29
C LEU B 572 -7.30 36.03 5.78
N THR B 573 -6.70 34.97 6.31
CA THR B 573 -6.29 34.91 7.71
C THR B 573 -5.24 35.98 8.06
N SER B 574 -4.33 36.24 7.13
CA SER B 574 -3.37 37.32 7.25
C SER B 574 -4.12 38.62 7.54
N ALA B 575 -5.10 38.92 6.69
CA ALA B 575 -5.90 40.13 6.83
C ALA B 575 -6.62 40.17 8.16
N VAL B 576 -7.30 39.09 8.53
CA VAL B 576 -7.99 39.05 9.83
C VAL B 576 -7.01 39.23 10.97
N THR B 577 -5.87 38.55 10.88
CA THR B 577 -4.81 38.68 11.85
C THR B 577 -4.37 40.13 12.07
N LEU B 578 -4.34 40.91 10.98
CA LEU B 578 -3.89 42.29 11.07
C LEU B 578 -4.89 43.15 11.81
N LEU B 579 -6.10 42.63 11.95
CA LEU B 579 -7.17 43.34 12.64
C LEU B 579 -7.49 42.77 14.02
N SER B 580 -6.83 41.68 14.38
CA SER B 580 -7.01 41.06 15.71
C SER B 580 -6.03 41.62 16.72
N GLU B 586 -3.51 46.86 20.22
CA GLU B 586 -3.98 47.99 19.41
C GLU B 586 -3.25 48.08 18.05
N VAL B 587 -4.03 48.36 17.00
CA VAL B 587 -3.62 48.23 15.60
C VAL B 587 -3.36 49.60 14.94
N THR B 588 -2.40 49.66 14.01
CA THR B 588 -2.11 50.90 13.29
C THR B 588 -3.01 51.11 12.08
N GLU B 589 -3.11 52.37 11.64
CA GLU B 589 -3.79 52.69 10.39
C GLU B 589 -3.15 51.94 9.22
N GLU B 590 -1.83 51.85 9.21
CA GLU B 590 -1.12 51.25 8.07
C GLU B 590 -1.37 49.75 7.96
N GLN B 591 -1.70 49.13 9.09
CA GLN B 591 -1.98 47.71 9.15
C GLN B 591 -3.35 47.37 8.59
N ILE B 592 -4.30 48.28 8.78
CA ILE B 592 -5.63 48.13 8.22
C ILE B 592 -5.63 48.26 6.69
N ARG B 593 -4.81 49.18 6.16
CA ARG B 593 -4.65 49.33 4.71
C ARG B 593 -3.97 48.11 4.07
N ASP B 594 -3.03 47.48 4.78
CA ASP B 594 -2.37 46.25 4.34
C ASP B 594 -3.39 45.10 4.32
N ALA B 595 -4.16 44.99 5.40
CA ALA B 595 -5.30 44.06 5.45
C ALA B 595 -6.16 44.23 4.20
N ALA B 596 -6.62 45.46 3.95
CA ALA B 596 -7.47 45.79 2.80
C ALA B 596 -6.79 45.45 1.48
N ARG B 597 -5.56 45.91 1.31
CA ARG B 597 -4.72 45.62 0.15
C ARG B 597 -4.64 44.11 -0.14
N ARG B 598 -4.44 43.34 0.93
CA ARG B 598 -4.43 41.89 0.90
C ARG B 598 -5.71 41.28 0.35
N VAL B 599 -6.85 41.84 0.75
CA VAL B 599 -8.17 41.34 0.33
C VAL B 599 -8.51 41.71 -1.12
N GLU B 600 -8.30 42.98 -1.47
CA GLU B 600 -8.46 43.45 -2.87
C GLU B 600 -7.78 42.50 -3.84
N ALA B 601 -6.70 41.86 -3.40
CA ALA B 601 -5.82 41.11 -4.30
C ALA B 601 -6.29 39.68 -4.55
N LEU B 602 -7.36 39.25 -3.87
CA LEU B 602 -7.84 37.88 -3.96
C LEU B 602 -9.06 37.74 -4.89
N PRO B 603 -9.37 36.49 -5.33
CA PRO B 603 -10.47 36.19 -6.25
C PRO B 603 -11.78 36.88 -5.85
N PRO B 604 -12.25 37.82 -6.69
CA PRO B 604 -13.37 38.71 -6.37
C PRO B 604 -14.71 38.00 -6.16
N THR B 605 -14.89 36.84 -6.79
CA THR B 605 -16.18 36.13 -6.83
C THR B 605 -16.41 35.22 -5.62
N GLU B 606 -15.31 34.78 -5.00
CA GLU B 606 -15.36 33.87 -3.84
C GLU B 606 -16.06 34.48 -2.60
N PRO B 607 -17.15 33.82 -2.13
CA PRO B 607 -17.92 34.23 -0.95
C PRO B 607 -17.06 34.75 0.20
N ARG B 608 -16.08 33.94 0.62
CA ARG B 608 -15.24 34.29 1.77
C ARG B 608 -14.38 35.54 1.58
N VAL B 609 -13.91 35.75 0.37
CA VAL B 609 -13.21 36.98 0.00
C VAL B 609 -14.11 38.19 0.27
N LEU B 610 -15.35 38.15 -0.22
CA LEU B 610 -16.32 39.22 -0.06
C LEU B 610 -16.72 39.41 1.40
N GLN B 611 -16.83 38.30 2.12
CA GLN B 611 -17.13 38.34 3.55
C GLN B 611 -16.07 39.05 4.38
N ILE B 612 -14.80 38.84 4.02
CA ILE B 612 -13.70 39.41 4.76
C ILE B 612 -13.56 40.90 4.41
N ARG B 613 -13.90 41.26 3.17
CA ARG B 613 -14.03 42.66 2.76
C ARG B 613 -14.87 43.44 3.73
N ALA B 614 -16.02 42.90 4.10
CA ALA B 614 -16.93 43.56 5.02
C ALA B 614 -16.32 43.60 6.43
N LEU B 615 -15.65 42.52 6.81
CA LEU B 615 -15.01 42.45 8.12
C LEU B 615 -13.88 43.45 8.28
N VAL B 616 -13.14 43.73 7.20
CA VAL B 616 -12.08 44.75 7.23
C VAL B 616 -12.67 46.17 7.35
N LEU B 617 -13.70 46.45 6.57
CA LEU B 617 -14.40 47.73 6.68
C LEU B 617 -15.09 47.84 8.05
N GLY B 618 -15.80 46.78 8.47
CA GLY B 618 -16.44 46.74 9.79
C GLY B 618 -15.46 46.99 10.92
N GLY B 619 -14.26 46.41 10.76
CA GLY B 619 -13.19 46.53 11.74
C GLY B 619 -12.63 47.93 11.81
N ALA B 620 -12.36 48.50 10.64
CA ALA B 620 -11.87 49.87 10.54
C ALA B 620 -12.81 50.84 11.26
N LEU B 621 -14.10 50.75 10.94
CA LEU B 621 -15.12 51.61 11.55
C LEU B 621 -15.02 51.61 13.09
N ASP B 622 -15.00 50.42 13.68
CA ASP B 622 -14.87 50.26 15.14
C ASP B 622 -13.56 50.88 15.67
N TRP B 623 -12.45 50.55 15.00
CA TRP B 623 -11.13 51.13 15.26
C TRP B 623 -11.15 52.67 15.34
N LEU B 624 -11.95 53.30 14.50
CA LEU B 624 -12.05 54.77 14.42
C LEU B 624 -12.65 55.46 15.65
N LYS B 625 -13.24 54.70 16.57
CA LYS B 625 -13.76 55.25 17.83
C LYS B 625 -12.62 55.76 18.69
N ASP B 626 -11.47 55.08 18.58
CA ASP B 626 -10.32 55.36 19.44
C ASP B 626 -9.16 56.00 18.69
N ASN B 627 -9.15 55.85 17.37
CA ASN B 627 -8.03 56.32 16.56
C ASN B 627 -8.44 57.28 15.46
N LYS B 628 -7.43 57.86 14.81
CA LYS B 628 -7.63 58.83 13.75
C LYS B 628 -6.86 58.39 12.51
N ALA B 629 -7.47 58.58 11.34
CA ALA B 629 -6.88 58.08 10.09
C ALA B 629 -6.98 59.10 8.97
N SER B 630 -6.03 59.03 8.02
CA SER B 630 -6.11 59.79 6.79
C SER B 630 -7.26 59.24 5.97
N THR B 631 -7.82 60.07 5.10
CA THR B 631 -9.12 59.75 4.49
C THR B 631 -9.04 58.82 3.28
N ASN B 632 -7.84 58.60 2.74
CA ASN B 632 -7.67 57.77 1.54
C ASN B 632 -8.52 56.49 1.57
N HIS B 633 -8.96 56.03 0.41
CA HIS B 633 -9.95 54.95 0.33
C HIS B 633 -9.40 53.57 0.73
N ILE B 634 -10.19 52.83 1.52
CA ILE B 634 -9.93 51.40 1.62
C ILE B 634 -11.09 50.63 1.06
N LEU B 635 -10.74 49.62 0.26
CA LEU B 635 -11.68 48.75 -0.41
C LEU B 635 -12.79 49.57 -1.10
N GLY B 636 -12.41 50.71 -1.69
CA GLY B 636 -13.31 51.54 -2.49
C GLY B 636 -14.00 52.69 -1.79
N PHE B 637 -13.87 52.77 -0.47
CA PHE B 637 -14.59 53.74 0.37
C PHE B 637 -13.65 54.61 1.23
N PRO B 638 -14.04 55.89 1.47
CA PRO B 638 -13.27 56.76 2.34
C PRO B 638 -13.09 56.18 3.75
N PHE B 639 -11.85 56.23 4.24
CA PHE B 639 -11.52 55.82 5.60
C PHE B 639 -12.06 56.85 6.64
N THR B 640 -13.37 57.05 6.65
CA THR B 640 -14.06 57.89 7.64
C THR B 640 -15.21 57.11 8.29
N SER B 641 -15.76 57.67 9.38
CA SER B 641 -16.93 57.05 10.02
C SER B 641 -18.12 56.92 9.05
N HIS B 642 -18.33 57.94 8.23
CA HIS B 642 -19.42 57.91 7.25
C HIS B 642 -19.10 56.96 6.11
N GLY B 643 -17.91 57.10 5.52
CA GLY B 643 -17.50 56.28 4.38
C GLY B 643 -17.49 54.78 4.63
N LEU B 644 -16.98 54.40 5.80
CA LEU B 644 -16.89 52.98 6.18
C LEU B 644 -18.26 52.36 6.43
N ARG B 645 -19.17 53.15 7.00
CA ARG B 645 -20.58 52.78 7.16
C ARG B 645 -21.21 52.40 5.81
N LEU B 646 -20.99 53.26 4.82
CA LEU B 646 -21.43 53.02 3.44
C LEU B 646 -20.77 51.78 2.85
N GLY B 647 -19.50 51.57 3.22
CA GLY B 647 -18.72 50.44 2.72
C GLY B 647 -19.23 49.13 3.28
N VAL B 648 -19.54 49.12 4.58
CA VAL B 648 -20.15 47.95 5.22
C VAL B 648 -21.47 47.59 4.55
N GLU B 649 -22.35 48.58 4.42
CA GLU B 649 -23.67 48.32 3.88
C GLU B 649 -23.59 47.71 2.49
N ALA B 650 -22.73 48.28 1.66
CA ALA B 650 -22.57 47.89 0.26
C ALA B 650 -21.89 46.53 0.12
N SER B 651 -20.99 46.22 1.05
CA SER B 651 -20.29 44.95 1.01
C SER B 651 -21.19 43.80 1.44
N LEU B 652 -22.06 44.08 2.41
CA LEU B 652 -23.00 43.07 2.90
C LEU B 652 -24.09 42.81 1.87
N ARG B 653 -24.52 43.87 1.20
CA ARG B 653 -25.53 43.79 0.17
C ARG B 653 -25.05 42.85 -0.92
N SER B 654 -23.75 42.90 -1.21
CA SER B 654 -23.14 41.99 -2.18
C SER B 654 -23.33 40.54 -1.81
N LEU B 655 -23.54 40.28 -0.51
CA LEU B 655 -23.70 38.93 0.01
C LEU B 655 -25.15 38.58 0.35
N ALA B 656 -26.09 39.40 -0.16
CA ALA B 656 -27.53 39.30 0.14
C ALA B 656 -27.80 39.39 1.65
N ARG B 657 -27.10 40.32 2.29
CA ARG B 657 -27.12 40.47 3.75
C ARG B 657 -27.11 41.94 4.20
N VAL B 658 -27.59 42.15 5.42
CA VAL B 658 -27.51 43.40 6.17
C VAL B 658 -27.64 43.00 7.65
N ALA B 659 -26.58 42.41 8.20
CA ALA B 659 -26.66 41.76 9.52
C ALA B 659 -26.07 42.53 10.73
N PRO B 660 -25.86 43.86 10.61
CA PRO B 660 -25.16 44.54 11.72
C PRO B 660 -25.97 44.69 13.01
N THR B 661 -27.28 44.48 12.94
CA THR B 661 -28.21 44.73 14.07
C THR B 661 -27.98 43.82 15.29
N GLN B 662 -27.31 44.37 16.29
CA GLN B 662 -26.59 43.60 17.29
C GLN B 662 -27.31 43.45 18.64
N ARG B 663 -26.59 43.72 19.72
CA ARG B 663 -27.14 43.64 21.07
C ARG B 663 -26.70 44.85 21.92
N HIS B 664 -27.56 45.25 22.84
CA HIS B 664 -27.30 46.38 23.73
C HIS B 664 -26.66 45.92 25.04
N ARG B 665 -25.66 46.67 25.49
CA ARG B 665 -25.08 46.53 26.83
C ARG B 665 -26.13 46.70 27.94
N TYR B 666 -26.93 47.76 27.82
CA TYR B 666 -27.88 48.13 28.87
C TYR B 666 -29.31 47.86 28.45
N THR B 667 -30.16 47.62 29.44
CA THR B 667 -31.52 47.17 29.21
C THR B 667 -32.45 47.78 30.23
N LEU B 668 -33.70 47.99 29.85
CA LEU B 668 -34.65 48.58 30.78
C LEU B 668 -35.26 47.53 31.71
N VAL B 669 -35.33 46.29 31.22
CA VAL B 669 -35.89 45.18 31.96
C VAL B 669 -34.80 44.17 32.27
N ASP B 670 -34.41 44.14 33.54
CA ASP B 670 -33.37 43.22 33.99
C ASP B 670 -33.97 41.84 34.32
N MET B 671 -33.50 40.80 33.62
CA MET B 671 -34.00 39.43 33.76
C MET B 671 -33.11 38.61 34.69
N ALA B 672 -33.74 37.77 35.52
CA ALA B 672 -32.99 36.91 36.43
C ALA B 672 -32.31 35.77 35.67
N ASN B 673 -32.87 35.38 34.54
CA ASN B 673 -32.22 34.47 33.62
C ASN B 673 -31.34 35.27 32.68
N LYS B 674 -30.04 35.20 32.91
CA LYS B 674 -29.06 35.82 32.04
C LYS B 674 -28.10 34.77 31.49
N VAL B 675 -27.63 34.98 30.27
CA VAL B 675 -26.62 34.10 29.70
C VAL B 675 -25.45 34.95 29.19
N ARG B 676 -24.23 34.48 29.47
CA ARG B 676 -23.01 35.14 29.06
C ARG B 676 -22.53 34.67 27.67
CL CL C . 11.87 -48.31 -38.21
CD CD D . -11.37 -32.04 -47.84
O5 AXX E . -6.41 -41.82 -25.10
C4 AXX E . -5.50 -41.88 -24.27
C2 AXX E . -5.64 -42.69 -23.00
C3 AXX E . -6.15 -44.08 -23.40
C1 AXX E . -7.09 -43.10 -22.71
N6 AXX E . -4.33 -41.25 -24.41
C7 AXX E . -4.06 -40.35 -25.38
S11 AXX E . -5.13 -39.79 -26.60
C10 AXX E . -3.97 -38.73 -27.31
C18 AXX E . -4.38 -37.93 -28.51
C17 AXX E . -3.40 -36.76 -28.59
C16 AXX E . -1.94 -37.21 -28.45
C15 AXX E . -1.59 -37.91 -27.14
C9 AXX E . -2.73 -38.78 -26.67
C8 AXX E . -2.76 -39.67 -25.56
C12 AXX E . -1.64 -39.98 -24.65
O13 AXX E . -1.82 -40.87 -23.85
N14 AXX E . -0.51 -39.29 -24.74
C1 GOL F . -14.60 -3.74 0.73
O1 GOL F . -14.27 -2.91 1.83
C2 GOL F . -15.79 -4.70 0.91
O2 GOL F . -15.33 -6.01 1.16
C3 GOL F . -16.57 -4.75 -0.37
O3 GOL F . -15.68 -5.08 -1.41
C1 GOL G . -7.02 18.37 2.95
O1 GOL G . -6.58 19.51 3.69
C2 GOL G . -8.34 17.72 3.35
O2 GOL G . -7.89 16.80 4.26
C3 GOL G . -9.01 16.86 2.25
O3 GOL G . -10.44 16.72 2.20
C1 GOL H . -23.11 -10.96 -13.31
O1 GOL H . -23.34 -10.12 -14.42
C2 GOL H . -23.36 -12.44 -13.57
O2 GOL H . -22.10 -13.09 -13.64
C3 GOL H . -24.17 -13.07 -12.43
O3 GOL H . -24.20 -14.48 -12.48
C1 GOL I . -19.43 3.36 6.07
O1 GOL I . -19.48 1.96 5.77
C2 GOL I . -18.02 3.86 6.46
O2 GOL I . -17.23 3.59 5.36
C3 GOL I . -17.96 5.37 6.79
O3 GOL I . -17.30 5.78 8.00
CD CD J . 49.08 2.36 34.14
O5 AXX K . 46.68 10.07 8.69
C4 AXX K . 46.66 9.56 7.57
C2 AXX K . 47.12 10.29 6.33
C3 AXX K . 47.97 11.52 6.66
C1 AXX K . 46.51 11.69 6.27
N6 AXX K . 46.24 8.32 7.37
C7 AXX K . 45.89 7.50 8.40
S11 AXX K . 45.74 7.94 10.05
C10 AXX K . 45.27 6.33 10.51
C18 AXX K . 45.01 6.06 11.98
C17 AXX K . 44.16 4.78 12.04
C16 AXX K . 44.80 3.68 11.17
C15 AXX K . 44.82 4.00 9.65
C9 AXX K . 45.22 5.45 9.43
C8 AXX K . 45.56 6.08 8.22
C12 AXX K . 45.57 5.48 6.85
O13 AXX K . 45.98 6.20 5.92
N14 AXX K . 45.07 4.24 6.65
C1 GOL L . 11.37 12.67 7.29
O1 GOL L . 12.56 13.40 7.33
C2 GOL L . 10.78 12.66 8.68
O2 GOL L . 10.58 11.32 9.11
C3 GOL L . 9.45 13.40 8.65
O3 GOL L . 9.02 13.60 9.97
C1 GOL M . 2.40 16.12 5.72
O1 GOL M . 2.58 16.61 4.41
C2 GOL M . 3.67 15.45 6.26
O2 GOL M . 4.18 14.56 5.29
C3 GOL M . 3.41 14.75 7.59
O3 GOL M . 4.35 15.08 8.62
#